data_6XOZ
#
_entry.id   6XOZ
#
_cell.length_a   184.028
_cell.length_b   120.170
_cell.length_c   87.868
_cell.angle_alpha   90.000
_cell.angle_beta   108.920
_cell.angle_gamma   90.000
#
_symmetry.space_group_name_H-M   'C 1 2 1'
#
loop_
_entity.id
_entity.type
_entity.pdbx_description
1 polymer 'Pyrroline-5-carboxylate reductase 1, mitochondrial'
2 non-polymer 'TETRAHYDROFURAN-2-CARBOXYLIC ACID'
3 non-polymer 'CHLORIDE ION'
4 water water
#
_entity_poly.entity_id   1
_entity_poly.type   'polypeptide(L)'
_entity_poly.pdbx_seq_one_letter_code
;MHHHHHHSSGVDLGTENLYFQSMSVGFIGAGQLAFALAKGFTAAGVLAAHKIMASSPDMDLATVSALRKMGVKLTPHNKE
TVQHSDVLFLAVKPHIIPFILDEIGADIEDRHIVVSCAAGVTISSIEKKLSAFRPAPRVIRCMTNTPVVVREGATVYATG
THAQVEDGRLMEQLLSSVGFCTEVEEDLIDAVTGLSGSGPAYAFTALDALADGGVKMGLPRRLAVRLGAQALLGAAKMLL
HSEQHPGQLKDNVSSPGGATIHALHVLESGGFRSLLINAVEASCIRTRELQSMADQEQVSPAAIKKTILDKVKLDSPAGT
AL
;
_entity_poly.pdbx_strand_id   A,B,C,D,E
#
# COMPACT_ATOMS: atom_id res chain seq x y z
N GLY A 14 10.44 9.42 -38.87
CA GLY A 14 9.67 9.70 -40.08
C GLY A 14 9.29 11.17 -40.15
N THR A 15 8.27 11.52 -40.94
CA THR A 15 7.85 12.91 -41.05
C THR A 15 6.46 13.15 -40.45
N GLU A 16 6.17 14.43 -40.24
CA GLU A 16 4.85 14.91 -39.82
C GLU A 16 4.27 15.75 -40.94
N ASN A 17 2.98 15.55 -41.25
CA ASN A 17 2.44 16.24 -42.42
C ASN A 17 2.11 17.71 -42.13
N LEU A 18 3.06 18.41 -41.53
CA LEU A 18 2.99 19.84 -41.32
C LEU A 18 4.15 20.53 -42.01
N TYR A 19 3.96 21.82 -42.29
CA TYR A 19 5.04 22.64 -42.81
C TYR A 19 4.66 24.07 -42.49
N PHE A 20 5.44 24.70 -41.59
CA PHE A 20 5.23 26.07 -41.15
C PHE A 20 5.98 26.99 -42.11
N GLN A 21 5.34 27.29 -43.23
CA GLN A 21 6.01 27.93 -44.35
C GLN A 21 6.32 29.40 -44.14
N SER A 22 5.63 30.06 -43.21
CA SER A 22 5.88 31.47 -42.92
C SER A 22 6.59 31.66 -41.59
N MET A 23 7.17 30.60 -41.05
CA MET A 23 7.71 30.61 -39.69
C MET A 23 9.23 30.61 -39.72
N SER A 24 9.83 31.68 -39.22
CA SER A 24 11.26 31.68 -38.95
C SER A 24 11.45 31.47 -37.46
N VAL A 25 12.35 30.56 -37.09
CA VAL A 25 12.54 30.14 -35.72
C VAL A 25 13.92 30.58 -35.27
N GLY A 26 14.00 31.08 -34.05
CA GLY A 26 15.26 31.49 -33.47
C GLY A 26 15.51 30.76 -32.16
N PHE A 27 16.78 30.43 -31.91
CA PHE A 27 17.21 29.88 -30.64
C PHE A 27 18.24 30.83 -30.04
N ILE A 28 17.96 31.31 -28.84
CA ILE A 28 18.97 31.98 -28.02
C ILE A 28 19.48 30.94 -27.05
N GLY A 29 20.77 30.61 -27.18
CA GLY A 29 21.35 29.44 -26.58
C GLY A 29 21.47 28.40 -27.68
N ALA A 30 22.63 27.77 -27.83
CA ALA A 30 22.86 26.80 -28.91
C ALA A 30 23.47 25.52 -28.37
N GLY A 31 22.92 25.04 -27.26
CA GLY A 31 23.38 23.84 -26.56
C GLY A 31 22.51 22.64 -26.88
N GLN A 32 22.42 21.72 -25.90
CA GLN A 32 21.74 20.45 -26.12
C GLN A 32 20.31 20.66 -26.60
N LEU A 33 19.56 21.53 -25.92
CA LEU A 33 18.13 21.65 -26.22
C LEU A 33 17.91 22.25 -27.61
N ALA A 34 18.68 23.29 -27.95
CA ALA A 34 18.56 23.93 -29.26
C ALA A 34 18.80 22.94 -30.39
N PHE A 35 19.85 22.13 -30.27
CA PHE A 35 20.19 21.20 -31.34
C PHE A 35 19.20 20.05 -31.39
N ALA A 36 18.75 19.58 -30.24
CA ALA A 36 17.75 18.51 -30.22
C ALA A 36 16.48 18.96 -30.95
N LEU A 37 16.01 20.16 -30.63
CA LEU A 37 14.79 20.69 -31.25
C LEU A 37 15.01 20.96 -32.73
N ALA A 38 16.13 21.59 -33.08
CA ALA A 38 16.39 21.86 -34.49
C ALA A 38 16.48 20.57 -35.28
N LYS A 39 17.17 19.56 -34.75
CA LYS A 39 17.23 18.26 -35.42
C LYS A 39 15.85 17.64 -35.52
N GLY A 40 15.07 17.68 -34.44
CA GLY A 40 13.74 17.08 -34.48
C GLY A 40 12.82 17.72 -35.51
N PHE A 41 12.69 19.06 -35.45
CA PHE A 41 11.87 19.82 -36.39
C PHE A 41 12.19 19.48 -37.85
N THR A 42 13.48 19.55 -38.21
CA THR A 42 13.84 19.32 -39.61
C THR A 42 13.66 17.85 -39.97
N ALA A 43 13.98 16.94 -39.05
CA ALA A 43 13.70 15.52 -39.29
C ALA A 43 12.21 15.30 -39.51
N ALA A 44 11.37 15.97 -38.72
CA ALA A 44 9.93 15.88 -38.91
C ALA A 44 9.48 16.49 -40.23
N GLY A 45 10.34 17.28 -40.88
CA GLY A 45 9.99 17.97 -42.10
C GLY A 45 9.14 19.20 -41.91
N VAL A 46 8.85 19.60 -40.68
CA VAL A 46 7.97 20.74 -40.48
C VAL A 46 8.68 22.07 -40.72
N LEU A 47 10.02 22.08 -40.72
CA LEU A 47 10.82 23.27 -40.95
C LEU A 47 12.07 22.90 -41.73
N ALA A 48 12.54 23.85 -42.54
CA ALA A 48 13.82 23.73 -43.21
C ALA A 48 14.90 24.35 -42.34
N ALA A 49 16.09 23.75 -42.35
CA ALA A 49 17.14 24.15 -41.40
C ALA A 49 17.54 25.61 -41.55
N HIS A 50 17.49 26.15 -42.77
CA HIS A 50 17.87 27.54 -43.04
C HIS A 50 16.84 28.55 -42.58
N LYS A 51 15.65 28.12 -42.18
CA LYS A 51 14.71 29.01 -41.53
C LYS A 51 14.92 29.06 -40.04
N ILE A 52 15.89 28.31 -39.53
CA ILE A 52 16.26 28.30 -38.13
C ILE A 52 17.58 29.06 -37.96
N MET A 53 17.63 29.93 -36.97
CA MET A 53 18.86 30.61 -36.60
C MET A 53 19.12 30.42 -35.12
N ALA A 54 20.37 30.13 -34.76
CA ALA A 54 20.76 30.00 -33.37
C ALA A 54 21.93 30.91 -33.04
N SER A 55 21.98 31.36 -31.78
CA SER A 55 23.06 32.19 -31.27
C SER A 55 23.52 31.68 -29.91
N SER A 56 24.81 31.83 -29.64
CA SER A 56 25.39 31.37 -28.39
C SER A 56 26.57 32.27 -28.02
N PRO A 57 26.93 32.35 -26.72
CA PRO A 57 28.13 33.11 -26.34
C PRO A 57 29.42 32.36 -26.66
N ASP A 58 29.35 31.03 -26.72
CA ASP A 58 30.49 30.19 -27.08
C ASP A 58 30.18 29.52 -28.41
N MET A 59 30.85 29.95 -29.47
CA MET A 59 30.60 29.43 -30.80
C MET A 59 31.53 28.28 -31.17
N ASP A 60 32.24 27.72 -30.19
CA ASP A 60 33.07 26.53 -30.38
C ASP A 60 32.41 25.28 -29.85
N LEU A 61 31.26 25.40 -29.19
CA LEU A 61 30.55 24.24 -28.66
C LEU A 61 30.35 23.17 -29.74
N ALA A 62 30.45 21.90 -29.34
CA ALA A 62 30.15 20.83 -30.28
C ALA A 62 28.72 20.94 -30.81
N THR A 63 27.79 21.38 -29.95
CA THR A 63 26.41 21.60 -30.39
C THR A 63 26.35 22.65 -31.50
N VAL A 64 27.17 23.68 -31.41
CA VAL A 64 27.15 24.72 -32.46
C VAL A 64 27.70 24.17 -33.76
N SER A 65 28.72 23.31 -33.69
CA SER A 65 29.24 22.71 -34.93
C SER A 65 28.22 21.78 -35.55
N ALA A 66 27.51 20.99 -34.72
CA ALA A 66 26.47 20.11 -35.22
C ALA A 66 25.35 20.90 -35.91
N LEU A 67 24.99 22.06 -35.35
CA LEU A 67 23.99 22.91 -35.97
C LEU A 67 24.47 23.46 -37.31
N ARG A 68 25.76 23.70 -37.45
CA ARG A 68 26.29 24.17 -38.73
C ARG A 68 26.27 23.05 -39.77
N LYS A 69 26.50 21.81 -39.34
CA LYS A 69 26.39 20.69 -40.27
C LYS A 69 24.96 20.56 -40.81
N MET A 70 23.96 20.57 -39.92
CA MET A 70 22.55 20.58 -40.30
C MET A 70 22.17 21.70 -41.27
N GLY A 71 22.95 22.76 -41.35
CA GLY A 71 22.55 23.89 -42.16
C GLY A 71 21.76 24.95 -41.44
N VAL A 72 21.71 24.91 -40.11
CA VAL A 72 21.08 25.98 -39.34
C VAL A 72 21.92 27.24 -39.48
N LYS A 73 21.27 28.40 -39.40
CA LYS A 73 22.00 29.67 -39.39
C LYS A 73 22.53 29.94 -38.00
N LEU A 74 23.79 30.39 -37.94
CA LEU A 74 24.49 30.65 -36.69
C LEU A 74 24.94 32.11 -36.65
N THR A 75 24.91 32.70 -35.47
CA THR A 75 25.35 34.07 -35.29
C THR A 75 25.84 34.22 -33.86
N PRO A 76 26.87 35.03 -33.62
CA PRO A 76 27.26 35.33 -32.25
C PRO A 76 26.35 36.34 -31.56
N HIS A 77 25.51 37.07 -32.31
CA HIS A 77 24.74 38.17 -31.76
C HIS A 77 23.28 37.78 -31.57
N ASN A 78 22.83 37.82 -30.30
CA ASN A 78 21.45 37.52 -29.95
C ASN A 78 20.45 38.44 -30.67
N LYS A 79 20.86 39.68 -30.97
CA LYS A 79 19.97 40.60 -31.69
C LYS A 79 19.67 40.10 -33.11
N GLU A 80 20.67 39.48 -33.74
CA GLU A 80 20.48 38.95 -35.08
C GLU A 80 19.48 37.81 -35.08
N THR A 81 19.47 37.00 -34.01
CA THR A 81 18.48 35.94 -33.88
C THR A 81 17.08 36.49 -33.68
N VAL A 82 16.93 37.50 -32.82
CA VAL A 82 15.63 38.10 -32.59
C VAL A 82 15.05 38.66 -33.88
N GLN A 83 15.87 39.42 -34.63
CA GLN A 83 15.39 40.04 -35.85
C GLN A 83 15.04 39.01 -36.91
N HIS A 84 15.76 37.88 -36.92
CA HIS A 84 15.49 36.82 -37.88
C HIS A 84 14.18 36.11 -37.60
N SER A 85 13.77 36.03 -36.34
CA SER A 85 12.84 34.98 -35.95
C SER A 85 11.44 35.53 -35.72
N ASP A 86 10.48 34.62 -35.80
CA ASP A 86 9.09 34.85 -35.38
C ASP A 86 8.82 34.16 -34.06
N VAL A 87 9.08 32.87 -34.02
CA VAL A 87 9.07 32.11 -32.77
C VAL A 87 10.50 32.11 -32.24
N LEU A 88 10.65 32.52 -30.98
CA LEU A 88 11.96 32.74 -30.38
C LEU A 88 12.07 31.85 -29.15
N PHE A 89 12.90 30.81 -29.25
CA PHE A 89 13.13 29.90 -28.12
C PHE A 89 14.24 30.46 -27.25
N LEU A 90 13.94 30.65 -25.97
CA LEU A 90 14.98 30.96 -24.99
C LEU A 90 15.42 29.63 -24.42
N ALA A 91 16.50 29.09 -25.00
CA ALA A 91 17.03 27.80 -24.60
C ALA A 91 18.31 28.02 -23.82
N VAL A 92 18.21 28.79 -22.74
CA VAL A 92 19.33 29.14 -21.88
C VAL A 92 18.99 28.79 -20.45
N LYS A 93 20.01 28.77 -19.60
CA LYS A 93 19.84 28.33 -18.22
C LYS A 93 19.08 29.38 -17.43
N PRO A 94 18.39 28.96 -16.36
CA PRO A 94 17.53 29.90 -15.63
C PRO A 94 18.21 31.20 -15.24
N HIS A 95 19.40 31.14 -14.62
CA HIS A 95 20.06 32.35 -14.14
C HIS A 95 20.49 33.26 -15.29
N ILE A 96 20.46 32.80 -16.53
CA ILE A 96 20.84 33.67 -17.65
C ILE A 96 19.63 34.35 -18.30
N ILE A 97 18.41 33.85 -18.05
CA ILE A 97 17.22 34.48 -18.62
C ILE A 97 17.17 35.98 -18.38
N PRO A 98 17.38 36.50 -17.15
CA PRO A 98 17.27 37.96 -16.95
C PRO A 98 18.24 38.75 -17.80
N PHE A 99 19.45 38.26 -18.02
CA PHE A 99 20.41 38.98 -18.85
C PHE A 99 20.00 38.95 -20.31
N ILE A 100 19.43 37.84 -20.75
CA ILE A 100 18.92 37.75 -22.12
C ILE A 100 17.80 38.76 -22.33
N LEU A 101 16.80 38.73 -21.44
CA LEU A 101 15.63 39.57 -21.63
C LEU A 101 16.02 41.04 -21.64
N ASP A 102 16.97 41.42 -20.79
CA ASP A 102 17.43 42.80 -20.82
C ASP A 102 18.22 43.11 -22.09
N GLU A 103 18.95 42.13 -22.62
CA GLU A 103 19.76 42.38 -23.81
C GLU A 103 18.88 42.60 -25.04
N ILE A 104 17.79 41.85 -25.18
CA ILE A 104 17.02 41.88 -26.41
C ILE A 104 15.60 42.43 -26.23
N GLY A 105 15.20 42.77 -24.99
CA GLY A 105 13.86 43.28 -24.76
C GLY A 105 13.47 44.44 -25.66
N ALA A 106 14.42 45.30 -26.02
CA ALA A 106 14.10 46.43 -26.89
C ALA A 106 13.85 46.01 -28.33
N ASP A 107 14.33 44.83 -28.72
CA ASP A 107 14.20 44.36 -30.09
C ASP A 107 12.96 43.50 -30.31
N ILE A 108 12.24 43.14 -29.25
CA ILE A 108 10.99 42.41 -29.40
C ILE A 108 9.99 43.27 -30.18
N GLU A 109 9.29 42.65 -31.12
CA GLU A 109 8.28 43.33 -31.92
C GLU A 109 6.94 42.59 -31.77
N ASP A 110 5.93 43.10 -32.50
CA ASP A 110 4.57 42.56 -32.40
C ASP A 110 4.51 41.09 -32.78
N ARG A 111 5.32 40.68 -33.74
CA ARG A 111 5.19 39.35 -34.30
C ARG A 111 5.79 38.27 -33.40
N HIS A 112 6.55 38.65 -32.37
CA HIS A 112 7.39 37.67 -31.66
C HIS A 112 6.56 36.86 -30.67
N ILE A 113 6.77 35.55 -30.69
CA ILE A 113 6.31 34.66 -29.63
C ILE A 113 7.55 34.17 -28.93
N VAL A 114 7.71 34.54 -27.66
CA VAL A 114 8.90 34.22 -26.88
C VAL A 114 8.59 32.94 -26.11
N VAL A 115 9.31 31.86 -26.43
CA VAL A 115 9.05 30.54 -25.84
C VAL A 115 10.22 30.25 -24.89
N SER A 116 9.97 30.38 -23.60
CA SER A 116 11.03 30.16 -22.61
C SER A 116 11.13 28.70 -22.23
N CYS A 117 12.34 28.14 -22.34
CA CYS A 117 12.58 26.72 -22.05
C CYS A 117 13.26 26.50 -20.70
N ALA A 118 13.61 27.56 -20.00
CA ALA A 118 14.37 27.45 -18.77
C ALA A 118 13.52 26.80 -17.68
N ALA A 119 14.15 25.94 -16.89
CA ALA A 119 13.48 25.36 -15.75
C ALA A 119 13.16 26.43 -14.72
N GLY A 120 11.93 26.42 -14.20
CA GLY A 120 11.55 27.22 -13.06
C GLY A 120 11.27 28.69 -13.31
N VAL A 121 11.77 29.27 -14.39
CA VAL A 121 11.51 30.69 -14.66
C VAL A 121 10.04 30.88 -15.02
N THR A 122 9.33 31.69 -14.22
CA THR A 122 7.89 31.84 -14.38
C THR A 122 7.53 32.82 -15.50
N ILE A 123 6.30 32.65 -16.01
CA ILE A 123 5.77 33.56 -17.01
C ILE A 123 5.75 34.98 -16.46
N SER A 124 5.22 35.15 -15.25
CA SER A 124 5.12 36.46 -14.62
C SER A 124 6.42 37.23 -14.73
N SER A 125 7.54 36.60 -14.35
CA SER A 125 8.81 37.33 -14.31
C SER A 125 9.36 37.62 -15.72
N ILE A 126 9.08 36.75 -16.69
CA ILE A 126 9.45 37.05 -18.08
C ILE A 126 8.64 38.22 -18.60
N GLU A 127 7.32 38.17 -18.42
CA GLU A 127 6.47 39.28 -18.84
C GLU A 127 6.86 40.59 -18.14
N LYS A 128 7.18 40.52 -16.85
CA LYS A 128 7.54 41.75 -16.14
C LYS A 128 8.81 42.36 -16.72
N LYS A 129 9.84 41.51 -16.98
CA LYS A 129 11.11 42.01 -17.49
C LYS A 129 10.94 42.60 -18.89
N LEU A 130 10.17 41.93 -19.76
CA LEU A 130 9.96 42.42 -21.12
C LEU A 130 9.01 43.62 -21.18
N SER A 131 8.09 43.74 -20.23
CA SER A 131 7.13 44.84 -20.33
C SER A 131 7.76 46.19 -20.05
N ALA A 132 8.95 46.23 -19.45
CA ALA A 132 9.65 47.51 -19.33
C ALA A 132 10.02 48.09 -20.68
N PHE A 133 10.24 47.23 -21.68
CA PHE A 133 10.56 47.70 -23.02
C PHE A 133 9.33 47.87 -23.89
N ARG A 134 8.28 47.11 -23.61
CA ARG A 134 7.14 47.04 -24.50
C ARG A 134 6.01 46.30 -23.79
N PRO A 135 4.79 46.84 -23.79
CA PRO A 135 3.68 46.14 -23.15
C PRO A 135 3.21 44.96 -24.02
N ALA A 136 2.49 44.06 -23.35
CA ALA A 136 1.85 42.91 -23.99
C ALA A 136 2.82 41.99 -24.77
N PRO A 137 3.94 41.57 -24.17
CA PRO A 137 4.76 40.53 -24.82
C PRO A 137 4.00 39.21 -24.92
N ARG A 138 4.24 38.46 -26.00
CA ARG A 138 3.62 37.14 -26.20
C ARG A 138 4.60 36.06 -25.75
N VAL A 139 4.30 35.46 -24.60
CA VAL A 139 5.23 34.60 -23.89
C VAL A 139 4.58 33.24 -23.71
N ILE A 140 5.35 32.19 -23.98
CA ILE A 140 4.96 30.82 -23.68
C ILE A 140 6.07 30.16 -22.86
N ARG A 141 5.69 29.47 -21.80
CA ARG A 141 6.65 28.70 -21.03
C ARG A 141 6.48 27.24 -21.36
N CYS A 142 7.59 26.53 -21.57
CA CYS A 142 7.44 25.10 -21.79
C CYS A 142 8.53 24.35 -21.05
N MET A 143 8.32 23.04 -20.95
CA MET A 143 9.32 22.10 -20.44
C MET A 143 9.32 20.91 -21.40
N THR A 144 10.44 20.70 -22.07
CA THR A 144 10.54 19.59 -23.01
C THR A 144 11.78 18.77 -22.62
N ASN A 145 12.27 17.88 -23.49
CA ASN A 145 13.47 17.13 -23.14
C ASN A 145 14.20 16.76 -24.43
N THR A 146 15.45 16.27 -24.28
CA THR A 146 16.24 16.02 -25.50
C THR A 146 15.73 14.89 -26.41
N PRO A 147 14.93 13.92 -25.96
CA PRO A 147 14.40 12.92 -26.93
C PRO A 147 13.59 13.50 -28.10
N VAL A 148 13.31 14.83 -28.12
CA VAL A 148 12.76 15.48 -29.31
C VAL A 148 13.70 15.21 -30.47
N VAL A 149 14.98 14.97 -30.17
CA VAL A 149 15.95 14.66 -31.21
C VAL A 149 15.61 13.40 -31.99
N VAL A 150 14.82 12.49 -31.40
CA VAL A 150 14.33 11.32 -32.12
C VAL A 150 12.81 11.35 -32.25
N ARG A 151 12.21 12.53 -32.10
CA ARG A 151 10.77 12.72 -32.26
C ARG A 151 10.00 11.93 -31.20
N GLU A 152 10.59 11.73 -30.04
CA GLU A 152 9.87 11.15 -28.92
C GLU A 152 10.06 11.99 -27.67
N GLY A 153 10.03 13.32 -27.81
CA GLY A 153 10.05 14.18 -26.66
C GLY A 153 8.77 14.11 -25.84
N ALA A 154 8.82 14.67 -24.64
CA ALA A 154 7.64 14.93 -23.83
C ALA A 154 7.62 16.41 -23.48
N THR A 155 6.55 17.09 -23.88
CA THR A 155 6.50 18.55 -23.76
C THR A 155 5.18 19.00 -23.17
N VAL A 156 5.24 19.96 -22.23
CA VAL A 156 4.06 20.69 -21.78
C VAL A 156 4.33 22.19 -21.92
N TYR A 157 3.26 22.95 -22.08
CA TYR A 157 3.41 24.39 -22.16
C TYR A 157 2.24 25.03 -21.44
N ALA A 158 2.41 26.33 -21.19
CA ALA A 158 1.40 27.20 -20.60
C ALA A 158 1.51 28.54 -21.30
N THR A 159 0.38 29.15 -21.61
CA THR A 159 0.40 30.40 -22.35
C THR A 159 0.38 31.58 -21.40
N GLY A 160 1.12 32.63 -21.75
CA GLY A 160 1.21 33.81 -20.94
C GLY A 160 -0.02 34.68 -21.06
N THR A 161 0.06 35.84 -20.40
CA THR A 161 -1.07 36.75 -20.28
C THR A 161 -1.53 37.27 -21.65
N HIS A 162 -0.59 37.54 -22.54
CA HIS A 162 -0.94 38.16 -23.81
C HIS A 162 -0.75 37.21 -24.98
N ALA A 163 -0.32 35.97 -24.75
CA ALA A 163 -0.37 34.96 -25.79
C ALA A 163 -1.77 34.89 -26.37
N GLN A 164 -1.85 34.94 -27.71
CA GLN A 164 -3.13 34.79 -28.38
C GLN A 164 -3.52 33.31 -28.45
N VAL A 165 -4.82 33.07 -28.66
CA VAL A 165 -5.31 31.70 -28.81
C VAL A 165 -4.50 30.98 -29.88
N GLU A 166 -4.19 31.68 -30.96
CA GLU A 166 -3.43 31.07 -32.05
C GLU A 166 -2.01 30.74 -31.62
N ASP A 167 -1.48 31.48 -30.65
CA ASP A 167 -0.09 31.24 -30.23
C ASP A 167 0.07 29.85 -29.63
N GLY A 168 -0.85 29.45 -28.74
CA GLY A 168 -0.72 28.15 -28.11
C GLY A 168 -1.03 27.02 -29.07
N ARG A 169 -2.01 27.22 -29.95
CA ARG A 169 -2.34 26.21 -30.95
C ARG A 169 -1.15 26.02 -31.89
N LEU A 170 -0.44 27.10 -32.23
CA LEU A 170 0.71 26.98 -33.11
C LEU A 170 1.87 26.30 -32.40
N MET A 171 2.08 26.63 -31.13
CA MET A 171 3.17 25.98 -30.39
C MET A 171 2.89 24.50 -30.21
N GLU A 172 1.62 24.11 -29.98
CA GLU A 172 1.31 22.70 -29.86
C GLU A 172 1.50 21.97 -31.19
N GLN A 173 1.15 22.60 -32.30
CA GLN A 173 1.44 21.99 -33.60
C GLN A 173 2.94 21.75 -33.74
N LEU A 174 3.76 22.77 -33.46
CA LEU A 174 5.19 22.63 -33.69
C LEU A 174 5.81 21.61 -32.76
N LEU A 175 5.45 21.65 -31.47
CA LEU A 175 6.03 20.73 -30.50
C LEU A 175 5.46 19.31 -30.61
N SER A 176 4.19 19.15 -31.05
CA SER A 176 3.64 17.80 -31.23
C SER A 176 4.32 17.05 -32.36
N SER A 177 5.06 17.75 -33.23
CA SER A 177 5.67 17.07 -34.35
C SER A 177 6.93 16.30 -33.94
N VAL A 178 7.45 16.56 -32.74
CA VAL A 178 8.67 15.91 -32.27
C VAL A 178 8.44 15.14 -30.97
N GLY A 179 7.19 14.86 -30.61
CA GLY A 179 6.94 14.07 -29.43
C GLY A 179 5.53 14.32 -28.92
N PHE A 180 5.30 13.92 -27.68
CA PHE A 180 4.02 14.23 -27.05
C PHE A 180 4.03 15.67 -26.57
N CYS A 181 2.88 16.34 -26.66
CA CYS A 181 2.80 17.72 -26.22
C CYS A 181 1.37 18.03 -25.81
N THR A 182 1.22 18.73 -24.69
CA THR A 182 -0.08 19.14 -24.22
C THR A 182 0.06 20.46 -23.46
N GLU A 183 -1.03 21.20 -23.39
CA GLU A 183 -1.11 22.39 -22.57
C GLU A 183 -1.37 22.02 -21.11
N VAL A 184 -0.73 22.76 -20.19
CA VAL A 184 -1.02 22.63 -18.77
C VAL A 184 -1.14 24.02 -18.14
N GLU A 185 -1.76 24.06 -16.96
CA GLU A 185 -1.59 25.20 -16.07
C GLU A 185 -0.13 25.36 -15.72
N GLU A 186 0.32 26.62 -15.61
CA GLU A 186 1.72 26.86 -15.28
C GLU A 186 2.08 26.28 -13.93
N ASP A 187 1.14 26.26 -12.98
CA ASP A 187 1.53 25.74 -11.66
C ASP A 187 1.86 24.25 -11.67
N LEU A 188 1.69 23.54 -12.79
CA LEU A 188 2.14 22.14 -12.88
C LEU A 188 3.55 21.97 -13.45
N ILE A 189 4.17 23.02 -14.00
CA ILE A 189 5.39 22.81 -14.79
C ILE A 189 6.59 22.41 -13.90
N ASP A 190 6.70 22.95 -12.68
CA ASP A 190 7.79 22.51 -11.81
C ASP A 190 7.75 20.99 -11.60
N ALA A 191 6.55 20.45 -11.37
CA ALA A 191 6.38 19.01 -11.17
C ALA A 191 6.61 18.22 -12.44
N VAL A 192 6.17 18.74 -13.58
CA VAL A 192 6.47 18.09 -14.86
C VAL A 192 7.99 18.05 -15.09
N THR A 193 8.67 19.14 -14.80
CA THR A 193 10.14 19.17 -14.82
C THR A 193 10.71 18.03 -14.01
N GLY A 194 10.15 17.81 -12.82
CA GLY A 194 10.63 16.73 -11.99
C GLY A 194 10.46 15.36 -12.61
N LEU A 195 9.44 15.21 -13.48
CA LEU A 195 9.02 13.92 -14.02
C LEU A 195 9.54 13.70 -15.43
N SER A 196 8.97 14.36 -16.44
CA SER A 196 9.49 14.16 -17.79
C SER A 196 10.68 15.06 -18.15
N GLY A 197 10.89 16.17 -17.43
CA GLY A 197 12.04 17.02 -17.74
C GLY A 197 13.37 16.41 -17.30
N SER A 198 13.43 15.89 -16.08
CA SER A 198 14.54 15.05 -15.62
C SER A 198 14.36 13.55 -15.94
N GLY A 199 13.17 13.11 -16.36
CA GLY A 199 12.91 11.71 -16.67
C GLY A 199 13.98 10.94 -17.42
N PRO A 200 14.41 11.42 -18.59
CA PRO A 200 15.42 10.67 -19.36
C PRO A 200 16.74 10.45 -18.61
N ALA A 201 17.15 11.37 -17.75
CA ALA A 201 18.38 11.15 -17.00
C ALA A 201 18.22 9.97 -16.05
N TYR A 202 17.04 9.85 -15.41
CA TYR A 202 16.73 8.65 -14.65
C TYR A 202 16.83 7.41 -15.52
N ALA A 203 16.31 7.49 -16.74
CA ALA A 203 16.33 6.35 -17.64
C ALA A 203 17.73 5.99 -18.06
N PHE A 204 18.55 7.00 -18.40
CA PHE A 204 19.93 6.69 -18.77
C PHE A 204 20.67 6.02 -17.63
N THR A 205 20.48 6.51 -16.40
CA THR A 205 21.06 5.86 -15.22
C THR A 205 20.60 4.40 -15.13
N ALA A 206 19.29 4.17 -15.27
CA ALA A 206 18.74 2.83 -15.15
C ALA A 206 19.25 1.91 -16.25
N LEU A 207 19.41 2.44 -17.47
CA LEU A 207 19.87 1.61 -18.57
C LEU A 207 21.33 1.23 -18.38
N ASP A 208 22.13 2.14 -17.82
CA ASP A 208 23.53 1.80 -17.57
C ASP A 208 23.64 0.73 -16.49
N ALA A 209 22.79 0.82 -15.46
CA ALA A 209 22.87 -0.14 -14.37
C ALA A 209 22.35 -1.52 -14.80
N LEU A 210 21.25 -1.55 -15.57
CA LEU A 210 20.74 -2.81 -16.11
C LEU A 210 21.81 -3.48 -16.98
N ALA A 211 22.48 -2.71 -17.82
CA ALA A 211 23.57 -3.27 -18.62
C ALA A 211 24.69 -3.79 -17.73
N ASP A 212 25.07 -3.03 -16.69
CA ASP A 212 26.00 -3.54 -15.68
C ASP A 212 25.53 -4.89 -15.14
N GLY A 213 24.22 -5.03 -14.89
CA GLY A 213 23.71 -6.30 -14.38
C GLY A 213 23.80 -7.42 -15.41
N GLY A 214 23.47 -7.12 -16.66
CA GLY A 214 23.72 -8.07 -17.72
C GLY A 214 25.19 -8.46 -17.81
N VAL A 215 26.10 -7.48 -17.73
CA VAL A 215 27.53 -7.81 -17.81
C VAL A 215 27.95 -8.66 -16.62
N LYS A 216 27.38 -8.38 -15.44
CA LYS A 216 27.72 -9.21 -14.28
C LYS A 216 27.37 -10.65 -14.53
N MET A 217 26.26 -10.89 -15.22
CA MET A 217 25.76 -12.23 -15.48
C MET A 217 26.34 -12.84 -16.75
N GLY A 218 27.29 -12.17 -17.42
CA GLY A 218 28.05 -12.77 -18.49
C GLY A 218 27.69 -12.31 -19.89
N LEU A 219 26.80 -11.34 -20.04
CA LEU A 219 26.49 -10.74 -21.32
C LEU A 219 27.58 -9.73 -21.72
N PRO A 220 27.93 -9.70 -22.99
CA PRO A 220 28.79 -8.60 -23.47
C PRO A 220 28.08 -7.25 -23.37
N ARG A 221 28.88 -6.20 -23.14
CA ARG A 221 28.34 -4.88 -22.85
CA ARG A 221 28.32 -4.88 -22.84
C ARG A 221 27.41 -4.39 -23.97
N ARG A 222 27.86 -4.52 -25.23
CA ARG A 222 27.03 -4.06 -26.34
C ARG A 222 25.65 -4.72 -26.32
N LEU A 223 25.63 -6.05 -26.24
CA LEU A 223 24.37 -6.78 -26.21
C LEU A 223 23.52 -6.39 -25.00
N ALA A 224 24.14 -6.27 -23.82
CA ALA A 224 23.37 -5.90 -22.64
C ALA A 224 22.76 -4.50 -22.78
N VAL A 225 23.47 -3.58 -23.42
CA VAL A 225 22.91 -2.24 -23.57
C VAL A 225 21.75 -2.24 -24.56
N ARG A 226 21.93 -2.98 -25.66
CA ARG A 226 20.88 -3.12 -26.66
C ARG A 226 19.61 -3.73 -26.06
N LEU A 227 19.74 -4.82 -25.29
CA LEU A 227 18.56 -5.49 -24.73
C LEU A 227 17.89 -4.65 -23.66
N GLY A 228 18.68 -4.00 -22.81
CA GLY A 228 18.09 -3.16 -21.78
C GLY A 228 17.27 -2.03 -22.39
N ALA A 229 17.85 -1.35 -23.39
CA ALA A 229 17.12 -0.26 -24.02
C ALA A 229 15.87 -0.77 -24.71
N GLN A 230 15.98 -1.90 -25.43
CA GLN A 230 14.82 -2.45 -26.11
C GLN A 230 13.73 -2.81 -25.12
N ALA A 231 14.11 -3.27 -23.92
CA ALA A 231 13.12 -3.67 -22.91
C ALA A 231 12.34 -2.47 -22.38
N LEU A 232 13.02 -1.35 -22.11
CA LEU A 232 12.35 -0.17 -21.61
C LEU A 232 11.52 0.47 -22.71
N LEU A 233 12.10 0.60 -23.91
CA LEU A 233 11.35 1.11 -25.05
C LEU A 233 10.04 0.37 -25.19
N GLY A 234 10.11 -0.97 -25.28
CA GLY A 234 8.93 -1.77 -25.53
C GLY A 234 7.94 -1.73 -24.37
N ALA A 235 8.45 -1.77 -23.14
CA ALA A 235 7.58 -1.63 -21.98
C ALA A 235 6.82 -0.31 -22.01
N ALA A 236 7.55 0.78 -22.25
CA ALA A 236 6.94 2.11 -22.23
C ALA A 236 5.89 2.22 -23.34
N LYS A 237 6.24 1.76 -24.53
CA LYS A 237 5.28 1.78 -25.64
C LYS A 237 4.07 0.92 -25.31
N MET A 238 4.30 -0.21 -24.64
CA MET A 238 3.21 -1.10 -24.29
C MET A 238 2.23 -0.40 -23.36
N LEU A 239 2.74 0.31 -22.35
CA LEU A 239 1.85 0.98 -21.43
C LEU A 239 1.10 2.12 -22.12
N LEU A 240 1.81 2.89 -22.95
CA LEU A 240 1.18 3.96 -23.71
C LEU A 240 0.00 3.47 -24.53
N HIS A 241 0.08 2.27 -25.07
CA HIS A 241 -0.98 1.73 -25.90
C HIS A 241 -1.93 0.82 -25.16
N SER A 242 -1.69 0.59 -23.87
CA SER A 242 -2.54 -0.30 -23.11
C SER A 242 -3.68 0.46 -22.46
N GLU A 243 -4.78 -0.25 -22.21
CA GLU A 243 -5.85 0.21 -21.34
C GLU A 243 -5.68 -0.29 -19.90
N GLN A 244 -4.57 -0.93 -19.57
CA GLN A 244 -4.36 -1.56 -18.28
C GLN A 244 -3.42 -0.74 -17.40
N HIS A 245 -3.63 -0.84 -16.10
CA HIS A 245 -2.69 -0.30 -15.13
C HIS A 245 -1.30 -0.92 -15.31
N PRO A 246 -0.23 -0.17 -15.09
CA PRO A 246 1.10 -0.79 -15.12
C PRO A 246 1.23 -1.99 -14.19
N GLY A 247 0.50 -2.00 -13.08
CA GLY A 247 0.55 -3.15 -12.19
C GLY A 247 0.01 -4.41 -12.82
N GLN A 248 -1.02 -4.28 -13.66
CA GLN A 248 -1.59 -5.43 -14.34
C GLN A 248 -0.64 -5.96 -15.41
N LEU A 249 0.04 -5.05 -16.13
CA LEU A 249 1.08 -5.47 -17.07
C LEU A 249 2.27 -6.12 -16.37
N LYS A 250 2.71 -5.54 -15.24
CA LYS A 250 3.69 -6.22 -14.39
C LYS A 250 3.23 -7.64 -14.01
N ASP A 251 2.00 -7.77 -13.49
CA ASP A 251 1.43 -9.09 -13.17
C ASP A 251 1.48 -10.07 -14.35
N ASN A 252 1.16 -9.60 -15.56
CA ASN A 252 1.18 -10.50 -16.70
C ASN A 252 2.57 -11.10 -16.94
N VAL A 253 3.62 -10.32 -16.71
CA VAL A 253 4.99 -10.83 -16.90
C VAL A 253 5.43 -11.78 -15.79
N SER A 254 4.85 -11.69 -14.59
CA SER A 254 5.42 -12.41 -13.45
C SER A 254 4.81 -13.80 -13.35
N SER A 255 5.45 -14.76 -14.03
CA SER A 255 5.05 -16.16 -13.90
C SER A 255 5.14 -16.59 -12.43
N PRO A 256 4.11 -17.25 -11.91
CA PRO A 256 4.18 -17.70 -10.50
C PRO A 256 5.45 -18.50 -10.24
N GLY A 257 6.13 -18.15 -9.14
CA GLY A 257 7.36 -18.80 -8.74
C GLY A 257 8.55 -18.53 -9.63
N GLY A 258 8.40 -17.64 -10.62
CA GLY A 258 9.34 -17.54 -11.71
C GLY A 258 10.47 -16.54 -11.47
N ALA A 259 11.19 -16.26 -12.55
CA ALA A 259 12.40 -15.47 -12.45
C ALA A 259 12.06 -14.00 -12.24
N THR A 260 11.06 -13.49 -12.95
CA THR A 260 10.70 -12.08 -12.83
C THR A 260 10.23 -11.72 -11.40
N ILE A 261 9.44 -12.58 -10.77
CA ILE A 261 8.89 -12.20 -9.47
C ILE A 261 10.00 -12.24 -8.42
N HIS A 262 10.98 -13.12 -8.58
CA HIS A 262 12.12 -13.09 -7.68
C HIS A 262 12.86 -11.77 -7.80
N ALA A 263 13.09 -11.31 -9.04
CA ALA A 263 13.77 -10.04 -9.23
C ALA A 263 12.95 -8.90 -8.65
N LEU A 264 11.62 -8.91 -8.87
CA LEU A 264 10.78 -7.83 -8.37
C LEU A 264 10.88 -7.73 -6.85
N HIS A 265 10.92 -8.87 -6.16
CA HIS A 265 11.06 -8.82 -4.72
C HIS A 265 12.35 -8.11 -4.29
N VAL A 266 13.48 -8.36 -4.98
CA VAL A 266 14.69 -7.66 -4.53
C VAL A 266 14.60 -6.17 -4.84
N LEU A 267 13.93 -5.79 -5.94
CA LEU A 267 13.64 -4.37 -6.16
C LEU A 267 12.84 -3.80 -4.99
N GLU A 268 11.74 -4.48 -4.59
CA GLU A 268 10.92 -3.97 -3.50
C GLU A 268 11.71 -3.91 -2.19
N SER A 269 12.60 -4.88 -1.95
CA SER A 269 13.34 -4.86 -0.70
C SER A 269 14.26 -3.65 -0.61
N GLY A 270 14.68 -3.09 -1.75
CA GLY A 270 15.49 -1.90 -1.77
C GLY A 270 14.71 -0.62 -1.78
N GLY A 271 13.38 -0.67 -1.70
CA GLY A 271 12.60 0.55 -1.80
C GLY A 271 12.75 1.23 -3.14
N PHE A 272 12.92 0.43 -4.19
CA PHE A 272 13.04 0.91 -5.57
C PHE A 272 12.01 1.97 -5.94
N ARG A 273 10.72 1.67 -5.65
CA ARG A 273 9.66 2.63 -5.94
C ARG A 273 9.90 3.95 -5.23
N SER A 274 10.29 3.87 -3.95
CA SER A 274 10.51 5.05 -3.14
C SER A 274 11.62 5.94 -3.71
N LEU A 275 12.67 5.34 -4.27
CA LEU A 275 13.75 6.15 -4.83
C LEU A 275 13.26 6.95 -6.01
N LEU A 276 12.39 6.36 -6.84
CA LEU A 276 11.87 7.08 -7.99
C LEU A 276 10.92 8.19 -7.56
N ILE A 277 10.15 7.98 -6.48
CA ILE A 277 9.34 9.07 -5.95
C ILE A 277 10.23 10.19 -5.41
N ASN A 278 11.23 9.83 -4.57
CA ASN A 278 12.20 10.80 -4.07
C ASN A 278 12.78 11.62 -5.20
N ALA A 279 13.10 10.96 -6.32
CA ALA A 279 13.77 11.65 -7.42
C ALA A 279 12.87 12.73 -8.01
N VAL A 280 11.61 12.39 -8.34
CA VAL A 280 10.68 13.37 -8.91
C VAL A 280 10.48 14.52 -7.92
N GLU A 281 10.44 14.20 -6.63
CA GLU A 281 10.25 15.21 -5.60
C GLU A 281 11.47 16.13 -5.49
N ALA A 282 12.68 15.57 -5.56
CA ALA A 282 13.87 16.40 -5.43
C ALA A 282 14.01 17.33 -6.63
N SER A 283 13.82 16.80 -7.85
CA SER A 283 13.92 17.65 -9.02
C SER A 283 12.89 18.78 -8.99
N CYS A 284 11.65 18.46 -8.61
CA CYS A 284 10.61 19.49 -8.56
C CYS A 284 10.93 20.56 -7.52
N ILE A 285 11.30 20.13 -6.31
CA ILE A 285 11.60 21.07 -5.22
C ILE A 285 12.77 21.98 -5.61
N ARG A 286 13.82 21.40 -6.17
CA ARG A 286 14.94 22.21 -6.65
C ARG A 286 14.50 23.18 -7.73
N THR A 287 13.65 22.73 -8.68
CA THR A 287 13.17 23.61 -9.73
C THR A 287 12.52 24.86 -9.14
N ARG A 288 11.78 24.68 -8.04
CA ARG A 288 11.18 25.83 -7.35
C ARG A 288 12.22 26.74 -6.74
N GLU A 289 13.34 26.20 -6.27
CA GLU A 289 14.41 27.04 -5.74
C GLU A 289 15.10 27.84 -6.84
N LEU A 290 15.23 27.28 -8.04
CA LEU A 290 15.89 27.94 -9.16
C LEU A 290 15.15 29.16 -9.69
N GLN A 291 14.04 29.56 -9.07
CA GLN A 291 13.48 30.87 -9.36
C GLN A 291 13.49 31.79 -8.15
N SER A 292 13.25 31.26 -6.96
CA SER A 292 13.27 32.03 -5.73
C SER A 292 14.70 32.17 -5.20
N GLN B 21 4.81 -18.96 -45.76
CA GLN B 21 3.82 -18.86 -46.83
C GLN B 21 2.52 -19.58 -46.45
N SER B 22 2.54 -20.91 -46.51
CA SER B 22 1.49 -21.76 -45.96
C SER B 22 1.73 -22.11 -44.49
N MET B 23 2.50 -21.29 -43.77
CA MET B 23 3.01 -21.67 -42.46
C MET B 23 1.90 -21.69 -41.41
N SER B 24 1.87 -22.76 -40.62
CA SER B 24 0.94 -22.90 -39.51
C SER B 24 1.73 -22.87 -38.19
N VAL B 25 1.23 -22.11 -37.22
CA VAL B 25 1.91 -21.94 -35.93
C VAL B 25 1.04 -22.55 -34.84
N GLY B 26 1.69 -23.24 -33.90
CA GLY B 26 1.00 -23.77 -32.75
C GLY B 26 1.67 -23.32 -31.47
N PHE B 27 0.85 -23.12 -30.45
CA PHE B 27 1.31 -22.81 -29.11
C PHE B 27 0.86 -23.92 -28.16
N ILE B 28 1.83 -24.60 -27.56
CA ILE B 28 1.55 -25.48 -26.44
C ILE B 28 1.71 -24.64 -25.18
N GLY B 29 0.60 -24.44 -24.47
CA GLY B 29 0.48 -23.35 -23.53
C GLY B 29 -0.33 -22.24 -24.17
N ALA B 30 -1.35 -21.75 -23.48
CA ALA B 30 -2.12 -20.60 -23.96
C ALA B 30 -2.16 -19.53 -22.88
N GLY B 31 -1.00 -19.20 -22.32
CA GLY B 31 -0.88 -18.18 -21.29
C GLY B 31 -0.58 -16.80 -21.84
N GLN B 32 0.13 -16.01 -21.02
CA GLN B 32 0.45 -14.63 -21.36
C GLN B 32 1.41 -14.53 -22.55
N LEU B 33 2.41 -15.42 -22.61
CA LEU B 33 3.39 -15.32 -23.69
C LEU B 33 2.75 -15.64 -25.03
N ALA B 34 2.04 -16.76 -25.11
CA ALA B 34 1.40 -17.15 -26.36
C ALA B 34 0.43 -16.09 -26.84
N PHE B 35 -0.21 -15.37 -25.93
CA PHE B 35 -1.17 -14.36 -26.36
C PHE B 35 -0.47 -13.13 -26.94
N ALA B 36 0.56 -12.64 -26.25
CA ALA B 36 1.33 -11.51 -26.77
C ALA B 36 1.97 -11.87 -28.10
N LEU B 37 2.52 -13.08 -28.22
CA LEU B 37 3.09 -13.50 -29.49
C LEU B 37 2.01 -13.57 -30.58
N ALA B 38 0.88 -14.24 -30.29
CA ALA B 38 -0.18 -14.34 -31.28
C ALA B 38 -0.73 -12.97 -31.65
N LYS B 39 -0.91 -12.09 -30.64
CA LYS B 39 -1.34 -10.71 -30.91
C LYS B 39 -0.30 -9.98 -31.74
N GLY B 40 0.98 -10.12 -31.37
CA GLY B 40 2.04 -9.51 -32.16
C GLY B 40 2.07 -10.01 -33.60
N PHE B 41 2.14 -11.33 -33.80
CA PHE B 41 2.20 -11.88 -35.15
C PHE B 41 1.04 -11.39 -36.02
N THR B 42 -0.18 -11.37 -35.50
CA THR B 42 -1.30 -10.95 -36.35
C THR B 42 -1.26 -9.44 -36.60
N ALA B 43 -0.87 -8.67 -35.59
CA ALA B 43 -0.64 -7.24 -35.79
C ALA B 43 0.32 -7.01 -36.96
N ALA B 44 1.45 -7.72 -36.97
CA ALA B 44 2.37 -7.65 -38.10
C ALA B 44 1.74 -8.16 -39.39
N GLY B 45 0.64 -8.88 -39.30
CA GLY B 45 0.12 -9.57 -40.47
C GLY B 45 1.11 -10.54 -41.07
N VAL B 46 1.87 -11.25 -40.25
CA VAL B 46 2.71 -12.31 -40.80
C VAL B 46 1.86 -13.52 -41.15
N LEU B 47 0.83 -13.80 -40.34
CA LEU B 47 -0.06 -14.91 -40.66
C LEU B 47 -1.42 -14.68 -40.03
N ALA B 48 -2.44 -15.34 -40.57
CA ALA B 48 -3.80 -15.18 -40.11
C ALA B 48 -3.96 -15.71 -38.68
N ALA B 49 -4.80 -15.02 -37.90
CA ALA B 49 -5.14 -15.51 -36.56
C ALA B 49 -5.60 -16.95 -36.59
N HIS B 50 -6.35 -17.33 -37.63
CA HIS B 50 -6.85 -18.70 -37.68
C HIS B 50 -5.79 -19.71 -38.11
N LYS B 51 -4.61 -19.27 -38.58
CA LYS B 51 -3.51 -20.20 -38.80
C LYS B 51 -2.70 -20.46 -37.52
N ILE B 52 -3.14 -19.94 -36.39
CA ILE B 52 -2.54 -20.20 -35.08
C ILE B 52 -3.46 -21.14 -34.32
N MET B 53 -2.88 -22.09 -33.60
CA MET B 53 -3.65 -22.96 -32.72
C MET B 53 -2.96 -23.04 -31.37
N ALA B 54 -3.74 -22.96 -30.30
CA ALA B 54 -3.20 -23.04 -28.95
C ALA B 54 -3.94 -24.11 -28.16
N SER B 55 -3.18 -24.86 -27.38
CA SER B 55 -3.72 -25.84 -26.45
C SER B 55 -3.32 -25.48 -25.03
N SER B 56 -4.27 -25.66 -24.11
CA SER B 56 -4.11 -25.41 -22.69
C SER B 56 -4.82 -26.50 -21.90
N PRO B 57 -4.25 -26.92 -20.78
CA PRO B 57 -4.98 -27.82 -19.87
C PRO B 57 -6.12 -27.13 -19.13
N ASP B 58 -6.17 -25.79 -19.13
CA ASP B 58 -7.24 -25.01 -18.54
C ASP B 58 -7.82 -24.11 -19.64
N MET B 59 -9.05 -24.43 -20.08
CA MET B 59 -9.78 -23.65 -21.08
C MET B 59 -10.62 -22.53 -20.46
N ASP B 60 -10.52 -22.32 -19.14
CA ASP B 60 -11.26 -21.29 -18.45
C ASP B 60 -10.41 -20.04 -18.20
N LEU B 61 -9.20 -20.00 -18.73
CA LEU B 61 -8.31 -18.87 -18.54
C LEU B 61 -8.72 -17.68 -19.40
N ALA B 62 -8.49 -16.49 -18.87
CA ALA B 62 -8.77 -15.26 -19.60
C ALA B 62 -7.86 -15.11 -20.82
N THR B 63 -6.67 -15.69 -20.75
CA THR B 63 -5.81 -15.74 -21.93
C THR B 63 -6.42 -16.63 -23.02
N VAL B 64 -7.01 -17.77 -22.63
CA VAL B 64 -7.70 -18.61 -23.61
C VAL B 64 -8.89 -17.87 -24.20
N SER B 65 -9.63 -17.13 -23.38
CA SER B 65 -10.74 -16.31 -23.88
C SER B 65 -10.25 -15.23 -24.83
N ALA B 66 -9.12 -14.60 -24.51
CA ALA B 66 -8.59 -13.52 -25.35
C ALA B 66 -8.12 -14.05 -26.70
N LEU B 67 -7.31 -15.11 -26.69
CA LEU B 67 -6.93 -15.79 -27.93
C LEU B 67 -8.15 -16.15 -28.75
N ARG B 68 -9.19 -16.64 -28.07
CA ARG B 68 -10.42 -17.05 -28.76
C ARG B 68 -11.05 -15.85 -29.46
N LYS B 69 -11.03 -14.69 -28.81
CA LYS B 69 -11.67 -13.50 -29.37
C LYS B 69 -10.94 -12.99 -30.60
N MET B 70 -9.61 -13.07 -30.64
CA MET B 70 -8.90 -12.61 -31.84
C MET B 70 -8.94 -13.62 -33.00
N GLY B 71 -9.52 -14.81 -32.81
CA GLY B 71 -9.67 -15.77 -33.89
C GLY B 71 -8.66 -16.91 -33.94
N VAL B 72 -7.90 -17.11 -32.89
CA VAL B 72 -6.97 -18.23 -32.85
C VAL B 72 -7.75 -19.49 -32.50
N LYS B 73 -7.43 -20.60 -33.17
CA LYS B 73 -8.11 -21.87 -32.87
C LYS B 73 -7.58 -22.43 -31.56
N LEU B 74 -8.49 -22.86 -30.69
CA LEU B 74 -8.14 -23.39 -29.38
C LEU B 74 -8.49 -24.87 -29.32
N THR B 75 -7.68 -25.64 -28.59
CA THR B 75 -8.02 -27.04 -28.34
C THR B 75 -7.48 -27.46 -26.96
N PRO B 76 -8.19 -28.33 -26.26
CA PRO B 76 -7.65 -28.93 -25.03
C PRO B 76 -6.59 -30.00 -25.27
N HIS B 77 -6.30 -30.39 -26.51
CA HIS B 77 -5.42 -31.53 -26.79
C HIS B 77 -4.13 -31.08 -27.47
N ASN B 78 -3.00 -31.38 -26.82
CA ASN B 78 -1.71 -30.97 -27.36
C ASN B 78 -1.42 -31.65 -28.68
N LYS B 79 -1.93 -32.87 -28.89
CA LYS B 79 -1.67 -33.58 -30.14
C LYS B 79 -2.26 -32.83 -31.33
N GLU B 80 -3.48 -32.31 -31.17
CA GLU B 80 -4.08 -31.45 -32.19
C GLU B 80 -3.14 -30.31 -32.55
N THR B 81 -2.72 -29.53 -31.54
CA THR B 81 -1.81 -28.42 -31.80
C THR B 81 -0.60 -28.86 -32.59
N VAL B 82 0.00 -30.00 -32.22
CA VAL B 82 1.21 -30.48 -32.90
C VAL B 82 0.90 -30.80 -34.35
N GLN B 83 -0.18 -31.55 -34.60
CA GLN B 83 -0.52 -31.92 -35.96
C GLN B 83 -0.98 -30.73 -36.78
N HIS B 84 -1.42 -29.66 -36.13
CA HIS B 84 -1.76 -28.44 -36.85
C HIS B 84 -0.53 -27.73 -37.39
N SER B 85 0.55 -27.73 -36.61
CA SER B 85 1.52 -26.67 -36.71
C SER B 85 2.72 -27.09 -37.56
N ASP B 86 3.42 -26.10 -38.07
CA ASP B 86 4.72 -26.26 -38.70
C ASP B 86 5.84 -25.72 -37.82
N VAL B 87 5.63 -24.54 -37.23
CA VAL B 87 6.45 -24.01 -36.16
C VAL B 87 5.68 -24.18 -34.85
N LEU B 88 6.31 -24.81 -33.87
CA LEU B 88 5.62 -25.18 -32.63
C LEU B 88 6.30 -24.46 -31.47
N PHE B 89 5.62 -23.47 -30.91
CA PHE B 89 6.14 -22.76 -29.75
C PHE B 89 5.74 -23.53 -28.50
N LEU B 90 6.73 -23.83 -27.66
CA LEU B 90 6.50 -24.40 -26.33
C LEU B 90 6.46 -23.24 -25.34
N ALA B 91 5.25 -22.86 -24.92
CA ALA B 91 5.13 -21.73 -24.01
C ALA B 91 4.46 -22.15 -22.72
N VAL B 92 5.07 -23.08 -21.99
CA VAL B 92 4.58 -23.55 -20.70
C VAL B 92 5.71 -23.39 -19.69
N LYS B 93 5.36 -23.51 -18.42
CA LYS B 93 6.33 -23.35 -17.34
C LYS B 93 7.50 -24.31 -17.56
N PRO B 94 8.70 -23.96 -17.11
CA PRO B 94 9.85 -24.83 -17.34
C PRO B 94 9.64 -26.24 -16.83
N HIS B 95 8.90 -26.42 -15.73
CA HIS B 95 8.74 -27.75 -15.17
C HIS B 95 7.68 -28.58 -15.88
N ILE B 96 6.82 -27.95 -16.68
CA ILE B 96 5.87 -28.69 -17.50
C ILE B 96 6.53 -29.30 -18.74
N ILE B 97 7.68 -28.74 -19.15
CA ILE B 97 8.26 -29.09 -20.45
C ILE B 97 8.56 -30.58 -20.60
N PRO B 98 9.23 -31.25 -19.66
CA PRO B 98 9.48 -32.69 -19.87
C PRO B 98 8.20 -33.51 -19.98
N PHE B 99 7.12 -33.09 -19.31
CA PHE B 99 5.84 -33.76 -19.46
C PHE B 99 5.30 -33.60 -20.88
N ILE B 100 5.27 -32.36 -21.38
CA ILE B 100 4.87 -32.10 -22.77
C ILE B 100 5.68 -32.98 -23.73
N LEU B 101 7.00 -32.93 -23.60
CA LEU B 101 7.83 -33.67 -24.55
C LEU B 101 7.49 -35.15 -24.56
N ASP B 102 7.09 -35.71 -23.41
CA ASP B 102 6.69 -37.12 -23.40
C ASP B 102 5.33 -37.32 -24.04
N GLU B 103 4.47 -36.31 -23.94
CA GLU B 103 3.11 -36.46 -24.43
C GLU B 103 3.05 -36.39 -25.95
N ILE B 104 3.71 -35.39 -26.54
CA ILE B 104 3.64 -35.11 -27.97
C ILE B 104 4.85 -35.62 -28.73
N GLY B 105 5.83 -36.22 -28.02
CA GLY B 105 7.09 -36.57 -28.65
C GLY B 105 6.92 -37.50 -29.84
N ALA B 106 6.01 -38.47 -29.74
CA ALA B 106 5.76 -39.38 -30.85
C ALA B 106 5.05 -38.71 -32.02
N ASP B 107 4.44 -37.54 -31.79
CA ASP B 107 3.71 -36.82 -32.82
C ASP B 107 4.55 -35.80 -33.56
N ILE B 108 5.74 -35.46 -33.05
CA ILE B 108 6.68 -34.64 -33.82
C ILE B 108 6.98 -35.33 -35.14
N GLU B 109 6.91 -34.57 -36.22
CA GLU B 109 7.16 -35.04 -37.57
C GLU B 109 8.40 -34.33 -38.11
N ASP B 110 8.78 -34.70 -39.33
CA ASP B 110 9.99 -34.15 -39.93
C ASP B 110 9.89 -32.66 -40.20
N ARG B 111 8.68 -32.16 -40.47
CA ARG B 111 8.46 -30.76 -40.83
C ARG B 111 8.61 -29.80 -39.65
N HIS B 112 8.55 -30.29 -38.42
CA HIS B 112 8.39 -29.42 -37.27
C HIS B 112 9.68 -28.69 -36.94
N ILE B 113 9.52 -27.44 -36.53
CA ILE B 113 10.52 -26.68 -35.82
C ILE B 113 9.96 -26.41 -34.43
N VAL B 114 10.63 -26.94 -33.40
CA VAL B 114 10.16 -26.83 -32.02
C VAL B 114 10.89 -25.67 -31.37
N VAL B 115 10.15 -24.65 -30.96
CA VAL B 115 10.75 -23.45 -30.38
C VAL B 115 10.36 -23.42 -28.91
N SER B 116 11.29 -23.80 -28.04
CA SER B 116 11.06 -23.68 -26.61
C SER B 116 11.19 -22.22 -26.18
N CYS B 117 10.17 -21.72 -25.50
CA CYS B 117 10.15 -20.40 -24.91
C CYS B 117 10.38 -20.43 -23.41
N ALA B 118 10.52 -21.61 -22.82
CA ALA B 118 10.57 -21.73 -21.37
C ALA B 118 11.88 -21.18 -20.83
N ALA B 119 11.79 -20.48 -19.70
CA ALA B 119 12.99 -20.01 -19.03
C ALA B 119 13.83 -21.18 -18.54
N GLY B 120 15.13 -21.13 -18.82
CA GLY B 120 16.11 -22.02 -18.23
C GLY B 120 16.30 -23.35 -18.92
N VAL B 121 15.26 -23.90 -19.54
CA VAL B 121 15.30 -25.26 -20.08
C VAL B 121 16.22 -25.29 -21.31
N THR B 122 17.25 -26.15 -21.24
CA THR B 122 18.31 -26.16 -22.24
C THR B 122 17.94 -26.92 -23.50
N ILE B 123 18.50 -26.48 -24.62
CA ILE B 123 18.37 -27.22 -25.89
C ILE B 123 18.73 -28.68 -25.67
N SER B 124 19.76 -28.93 -24.87
CA SER B 124 20.24 -30.30 -24.72
C SER B 124 19.18 -31.20 -24.10
N SER B 125 18.38 -30.69 -23.17
CA SER B 125 17.41 -31.58 -22.54
C SER B 125 16.21 -31.84 -23.45
N ILE B 126 15.79 -30.83 -24.23
CA ILE B 126 14.69 -31.01 -25.16
C ILE B 126 15.09 -31.98 -26.27
N GLU B 127 16.30 -31.83 -26.80
CA GLU B 127 16.74 -32.75 -27.84
C GLU B 127 16.85 -34.17 -27.29
N LYS B 128 17.19 -34.31 -26.00
CA LYS B 128 17.33 -35.64 -25.43
C LYS B 128 15.98 -36.35 -25.30
N LYS B 129 14.99 -35.66 -24.71
CA LYS B 129 13.64 -36.25 -24.60
C LYS B 129 13.08 -36.62 -25.97
N LEU B 130 13.08 -35.67 -26.90
CA LEU B 130 12.50 -35.92 -28.22
C LEU B 130 13.30 -36.97 -29.00
N SER B 131 14.60 -37.11 -28.73
CA SER B 131 15.39 -38.07 -29.51
C SER B 131 14.90 -39.49 -29.32
N ALA B 132 14.26 -39.78 -28.19
CA ALA B 132 13.77 -41.12 -27.95
C ALA B 132 12.71 -41.52 -28.95
N PHE B 133 12.13 -40.57 -29.67
CA PHE B 133 11.03 -40.82 -30.58
C PHE B 133 11.42 -40.71 -32.05
N ARG B 134 12.25 -39.75 -32.43
CA ARG B 134 12.61 -39.59 -33.83
C ARG B 134 13.99 -38.95 -33.86
N PRO B 135 14.83 -39.32 -34.83
CA PRO B 135 16.16 -38.70 -34.89
C PRO B 135 16.08 -37.28 -35.41
N ALA B 136 17.05 -36.49 -35.00
CA ALA B 136 17.25 -35.14 -35.52
C ALA B 136 16.02 -34.25 -35.34
N PRO B 137 15.50 -34.08 -34.13
CA PRO B 137 14.49 -33.04 -33.91
C PRO B 137 15.10 -31.67 -34.17
N ARG B 138 14.32 -30.80 -34.81
CA ARG B 138 14.74 -29.41 -35.02
C ARG B 138 14.28 -28.60 -33.83
N VAL B 139 15.22 -28.24 -32.95
CA VAL B 139 14.93 -27.49 -31.73
C VAL B 139 15.58 -26.11 -31.82
N ILE B 140 14.84 -25.10 -31.37
CA ILE B 140 15.34 -23.74 -31.21
C ILE B 140 14.92 -23.26 -29.83
N ARG B 141 15.84 -22.62 -29.10
CA ARG B 141 15.53 -22.04 -27.81
C ARG B 141 15.50 -20.53 -27.94
N CYS B 142 14.50 -19.92 -27.33
CA CYS B 142 14.42 -18.47 -27.41
C CYS B 142 14.00 -17.88 -26.07
N MET B 143 14.31 -16.59 -25.90
CA MET B 143 13.74 -15.79 -24.82
C MET B 143 13.21 -14.51 -25.44
N THR B 144 11.94 -14.21 -25.18
CA THR B 144 11.30 -13.02 -25.74
C THR B 144 10.63 -12.29 -24.57
N ASN B 145 9.71 -11.36 -24.86
CA ASN B 145 9.02 -10.63 -23.80
C ASN B 145 7.71 -10.09 -24.36
N THR B 146 6.86 -9.59 -23.45
CA THR B 146 5.50 -9.25 -23.85
C THR B 146 5.41 -8.03 -24.78
N PRO B 147 6.39 -7.09 -24.80
CA PRO B 147 6.28 -5.99 -25.78
C PRO B 147 6.23 -6.44 -27.24
N VAL B 148 6.31 -7.75 -27.50
CA VAL B 148 6.00 -8.23 -28.85
C VAL B 148 4.57 -7.84 -29.23
N VAL B 149 3.70 -7.63 -28.25
CA VAL B 149 2.31 -7.28 -28.53
C VAL B 149 2.20 -5.92 -29.22
N VAL B 150 3.18 -5.04 -29.06
CA VAL B 150 3.24 -3.77 -29.77
C VAL B 150 4.41 -3.76 -30.75
N ARG B 151 4.87 -4.96 -31.13
CA ARG B 151 5.90 -5.13 -32.14
C ARG B 151 7.21 -4.46 -31.73
N GLU B 152 7.46 -4.34 -30.44
CA GLU B 152 8.71 -3.80 -29.91
C GLU B 152 9.34 -4.78 -28.92
N GLY B 153 9.35 -6.07 -29.27
CA GLY B 153 9.96 -7.06 -28.40
C GLY B 153 11.49 -7.06 -28.46
N ALA B 154 12.06 -7.77 -27.51
CA ALA B 154 13.49 -8.07 -27.49
C ALA B 154 13.61 -9.59 -27.42
N THR B 155 14.26 -10.18 -28.42
CA THR B 155 14.25 -11.63 -28.60
C THR B 155 15.63 -12.11 -28.96
N VAL B 156 16.12 -13.09 -28.22
CA VAL B 156 17.32 -13.81 -28.59
C VAL B 156 16.95 -15.27 -28.78
N TYR B 157 17.74 -15.97 -29.57
CA TYR B 157 17.52 -17.38 -29.81
C TYR B 157 18.84 -18.05 -30.11
N ALA B 158 18.93 -19.32 -29.76
CA ALA B 158 20.01 -20.19 -30.19
C ALA B 158 19.40 -21.40 -30.88
N THR B 159 20.07 -21.87 -31.91
CA THR B 159 19.64 -23.03 -32.69
C THR B 159 20.28 -24.31 -32.16
N GLY B 160 19.51 -25.40 -32.16
CA GLY B 160 19.98 -26.68 -31.70
C GLY B 160 20.80 -27.41 -32.75
N THR B 161 21.14 -28.65 -32.39
CA THR B 161 22.10 -29.44 -33.18
C THR B 161 21.63 -29.65 -34.62
N HIS B 162 20.33 -29.86 -34.81
CA HIS B 162 19.79 -30.25 -36.11
C HIS B 162 19.04 -29.17 -36.83
N ALA B 163 18.80 -28.01 -36.21
CA ALA B 163 18.27 -26.89 -36.97
C ALA B 163 19.20 -26.55 -38.13
N GLN B 164 18.65 -26.51 -39.34
CA GLN B 164 19.39 -26.03 -40.50
C GLN B 164 19.48 -24.51 -40.47
N VAL B 165 20.37 -23.95 -41.30
CA VAL B 165 20.51 -22.50 -41.39
C VAL B 165 19.16 -21.86 -41.72
N GLU B 166 18.36 -22.53 -42.56
CA GLU B 166 17.04 -22.01 -42.90
C GLU B 166 16.14 -21.89 -41.67
N ASP B 167 16.25 -22.82 -40.72
CA ASP B 167 15.43 -22.75 -39.51
C ASP B 167 15.77 -21.50 -38.70
N GLY B 168 17.06 -21.21 -38.54
CA GLY B 168 17.44 -20.00 -37.84
C GLY B 168 17.03 -18.75 -38.61
N ARG B 169 17.17 -18.79 -39.93
CA ARG B 169 16.76 -17.64 -40.74
C ARG B 169 15.25 -17.41 -40.63
N LEU B 170 14.45 -18.48 -40.76
CA LEU B 170 13.00 -18.34 -40.58
C LEU B 170 12.67 -17.82 -39.19
N MET B 171 13.33 -18.37 -38.16
CA MET B 171 13.14 -17.87 -36.80
C MET B 171 13.44 -16.38 -36.71
N GLU B 172 14.62 -15.97 -37.17
CA GLU B 172 15.03 -14.57 -37.06
C GLU B 172 13.99 -13.63 -37.66
N GLN B 173 13.46 -13.95 -38.83
CA GLN B 173 12.59 -12.99 -39.50
C GLN B 173 11.13 -13.07 -39.03
N LEU B 174 10.71 -14.20 -38.47
CA LEU B 174 9.42 -14.24 -37.79
C LEU B 174 9.43 -13.38 -36.53
N LEU B 175 10.49 -13.46 -35.74
CA LEU B 175 10.53 -12.69 -34.51
C LEU B 175 11.00 -11.26 -34.73
N SER B 176 11.75 -10.98 -35.81
CA SER B 176 12.07 -9.61 -36.14
C SER B 176 10.85 -8.78 -36.52
N SER B 177 9.75 -9.44 -36.90
CA SER B 177 8.52 -8.75 -37.27
C SER B 177 7.78 -8.20 -36.06
N VAL B 178 8.23 -8.54 -34.86
CA VAL B 178 7.55 -8.09 -33.64
C VAL B 178 8.57 -7.50 -32.68
N GLY B 179 9.75 -7.12 -33.19
CA GLY B 179 10.72 -6.36 -32.38
C GLY B 179 12.15 -6.68 -32.77
N PHE B 180 13.06 -6.34 -31.86
CA PHE B 180 14.46 -6.72 -32.02
C PHE B 180 14.63 -8.24 -31.89
N CYS B 181 15.49 -8.81 -32.72
CA CYS B 181 15.78 -10.24 -32.64
C CYS B 181 17.21 -10.50 -33.12
N THR B 182 17.99 -11.23 -32.32
CA THR B 182 19.32 -11.67 -32.74
C THR B 182 19.64 -13.07 -32.23
N GLU B 183 20.49 -13.78 -32.98
CA GLU B 183 21.04 -15.06 -32.53
C GLU B 183 22.17 -14.86 -31.52
N VAL B 184 22.15 -15.65 -30.45
CA VAL B 184 23.20 -15.63 -29.43
C VAL B 184 23.61 -17.06 -29.11
N GLU B 185 24.77 -17.19 -28.48
CA GLU B 185 25.16 -18.46 -27.89
C GLU B 185 24.20 -18.83 -26.77
N GLU B 186 23.85 -20.12 -26.69
CA GLU B 186 22.85 -20.56 -25.73
C GLU B 186 23.25 -20.23 -24.30
N ASP B 187 24.55 -20.27 -23.98
CA ASP B 187 24.92 -20.01 -22.60
C ASP B 187 24.76 -18.54 -22.19
N LEU B 188 24.32 -17.63 -23.08
CA LEU B 188 23.94 -16.28 -22.66
C LEU B 188 22.47 -16.15 -22.26
N ILE B 189 21.66 -17.19 -22.45
CA ILE B 189 20.20 -17.00 -22.46
C ILE B 189 19.64 -16.83 -21.06
N ASP B 190 20.22 -17.49 -20.06
CA ASP B 190 19.79 -17.24 -18.68
C ASP B 190 19.98 -15.76 -18.32
N ALA B 191 21.13 -15.20 -18.70
CA ALA B 191 21.42 -13.80 -18.37
C ALA B 191 20.46 -12.86 -19.10
N VAL B 192 20.27 -13.07 -20.41
CA VAL B 192 19.26 -12.32 -21.16
C VAL B 192 17.90 -12.37 -20.45
N THR B 193 17.54 -13.55 -19.92
CA THR B 193 16.25 -13.66 -19.24
C THR B 193 16.15 -12.66 -18.10
N GLY B 194 17.24 -12.47 -17.37
CA GLY B 194 17.20 -11.53 -16.26
C GLY B 194 17.12 -10.09 -16.71
N LEU B 195 17.54 -9.80 -17.92
CA LEU B 195 17.65 -8.44 -18.41
C LEU B 195 16.42 -8.11 -19.26
N SER B 196 16.37 -8.58 -20.50
CA SER B 196 15.23 -8.26 -21.35
C SER B 196 14.03 -9.18 -21.12
N GLY B 197 14.22 -10.38 -20.56
CA GLY B 197 13.11 -11.24 -20.24
C GLY B 197 12.22 -10.67 -19.15
N SER B 198 12.78 -10.45 -17.96
CA SER B 198 12.08 -9.78 -16.86
C SER B 198 12.03 -8.25 -17.00
N GLY B 199 12.87 -7.66 -17.85
CA GLY B 199 12.98 -6.22 -18.00
C GLY B 199 11.71 -5.39 -18.03
N PRO B 200 10.75 -5.70 -18.90
CA PRO B 200 9.51 -4.89 -18.89
C PRO B 200 8.85 -4.84 -17.53
N ALA B 201 8.95 -5.88 -16.70
CA ALA B 201 8.34 -5.79 -15.37
C ALA B 201 9.05 -4.73 -14.51
N TYR B 202 10.37 -4.62 -14.64
CA TYR B 202 11.12 -3.58 -13.95
C TYR B 202 10.62 -2.21 -14.40
N ALA B 203 10.52 -2.03 -15.72
CA ALA B 203 10.02 -0.79 -16.29
C ALA B 203 8.62 -0.47 -15.78
N PHE B 204 7.72 -1.46 -15.78
CA PHE B 204 6.35 -1.18 -15.33
C PHE B 204 6.32 -0.72 -13.88
N THR B 205 7.14 -1.33 -13.02
CA THR B 205 7.27 -0.87 -11.64
C THR B 205 7.81 0.55 -11.62
N ALA B 206 8.87 0.80 -12.39
CA ALA B 206 9.44 2.14 -12.48
C ALA B 206 8.37 3.17 -12.86
N LEU B 207 7.51 2.82 -13.83
CA LEU B 207 6.53 3.78 -14.36
C LEU B 207 5.40 4.02 -13.38
N ASP B 208 4.97 3.00 -12.66
CA ASP B 208 3.99 3.23 -11.62
C ASP B 208 4.53 4.18 -10.54
N ALA B 209 5.81 4.04 -10.18
CA ALA B 209 6.42 4.81 -9.10
C ALA B 209 6.73 6.22 -9.53
N LEU B 210 7.23 6.38 -10.75
CA LEU B 210 7.39 7.70 -11.33
C LEU B 210 6.06 8.44 -11.33
N ALA B 211 4.98 7.76 -11.74
CA ALA B 211 3.67 8.41 -11.72
C ALA B 211 3.28 8.84 -10.31
N ASP B 212 3.51 7.98 -9.33
CA ASP B 212 3.28 8.33 -7.93
C ASP B 212 4.04 9.59 -7.53
N GLY B 213 5.31 9.69 -7.94
CA GLY B 213 6.06 10.90 -7.65
C GLY B 213 5.45 12.11 -8.29
N GLY B 214 5.16 12.02 -9.60
CA GLY B 214 4.40 13.05 -10.26
C GLY B 214 3.12 13.40 -9.55
N VAL B 215 2.34 12.38 -9.13
CA VAL B 215 1.09 12.69 -8.42
C VAL B 215 1.39 13.32 -7.07
N LYS B 216 2.45 12.87 -6.39
CA LYS B 216 2.79 13.48 -5.10
C LYS B 216 3.10 14.96 -5.25
N MET B 217 3.68 15.36 -6.37
CA MET B 217 4.05 16.74 -6.60
C MET B 217 2.96 17.53 -7.29
N GLY B 218 1.74 16.97 -7.42
CA GLY B 218 0.57 17.74 -7.82
C GLY B 218 0.06 17.46 -9.21
N LEU B 219 0.63 16.51 -9.93
CA LEU B 219 0.19 16.19 -11.28
C LEU B 219 -1.01 15.24 -11.24
N PRO B 220 -1.98 15.42 -12.14
CA PRO B 220 -3.02 14.41 -12.30
C PRO B 220 -2.42 13.06 -12.69
N ARG B 221 -3.03 11.99 -12.19
CA ARG B 221 -2.53 10.64 -12.40
C ARG B 221 -2.35 10.34 -13.89
N ARG B 222 -3.39 10.57 -14.68
CA ARG B 222 -3.34 10.23 -16.09
C ARG B 222 -2.20 10.95 -16.79
N LEU B 223 -2.01 12.25 -16.52
CA LEU B 223 -0.92 12.98 -17.15
C LEU B 223 0.43 12.47 -16.67
N ALA B 224 0.53 12.15 -15.37
CA ALA B 224 1.80 11.69 -14.85
C ALA B 224 2.22 10.35 -15.46
N VAL B 225 1.27 9.40 -15.57
CA VAL B 225 1.56 8.13 -16.26
C VAL B 225 2.06 8.39 -17.67
N ARG B 226 1.38 9.30 -18.39
CA ARG B 226 1.69 9.57 -19.79
C ARG B 226 3.08 10.20 -19.96
N LEU B 227 3.41 11.21 -19.13
CA LEU B 227 4.71 11.87 -19.22
C LEU B 227 5.84 10.93 -18.83
N GLY B 228 5.64 10.13 -17.79
CA GLY B 228 6.69 9.21 -17.38
C GLY B 228 6.93 8.13 -18.41
N ALA B 229 5.85 7.64 -19.02
CA ALA B 229 6.00 6.64 -20.06
C ALA B 229 6.68 7.23 -21.28
N GLN B 230 6.31 8.46 -21.64
CA GLN B 230 6.93 9.13 -22.79
C GLN B 230 8.41 9.39 -22.55
N ALA B 231 8.80 9.67 -21.31
CA ALA B 231 10.20 9.92 -20.99
C ALA B 231 11.04 8.66 -21.09
N LEU B 232 10.55 7.54 -20.58
CA LEU B 232 11.29 6.29 -20.77
C LEU B 232 11.40 5.94 -22.24
N LEU B 233 10.31 6.08 -22.99
CA LEU B 233 10.34 5.70 -24.40
C LEU B 233 11.34 6.56 -25.16
N GLY B 234 11.31 7.88 -24.92
CA GLY B 234 12.22 8.78 -25.61
C GLY B 234 13.67 8.52 -25.25
N ALA B 235 13.94 8.25 -23.96
CA ALA B 235 15.32 8.02 -23.54
C ALA B 235 15.86 6.71 -24.10
N ALA B 236 15.09 5.63 -23.98
CA ALA B 236 15.50 4.37 -24.60
C ALA B 236 15.80 4.58 -26.07
N LYS B 237 14.89 5.25 -26.78
CA LYS B 237 15.07 5.43 -28.21
C LYS B 237 16.32 6.25 -28.50
N MET B 238 16.50 7.35 -27.76
CA MET B 238 17.67 8.19 -27.97
C MET B 238 18.95 7.40 -27.76
N LEU B 239 18.98 6.54 -26.72
CA LEU B 239 20.16 5.72 -26.52
C LEU B 239 20.41 4.79 -27.71
N LEU B 240 19.36 4.14 -28.20
CA LEU B 240 19.52 3.20 -29.32
C LEU B 240 20.10 3.89 -30.55
N HIS B 241 19.73 5.14 -30.78
CA HIS B 241 20.17 5.91 -31.93
C HIS B 241 21.45 6.71 -31.67
N SER B 242 22.00 6.64 -30.46
CA SER B 242 23.18 7.39 -30.09
C SER B 242 24.45 6.54 -30.18
N GLU B 243 25.56 7.20 -30.50
CA GLU B 243 26.88 6.59 -30.38
C GLU B 243 27.52 6.87 -29.01
N GLN B 244 26.79 7.50 -28.10
CA GLN B 244 27.34 7.93 -26.84
C GLN B 244 27.05 6.92 -25.75
N HIS B 245 27.98 6.84 -24.80
CA HIS B 245 27.75 6.10 -23.57
C HIS B 245 26.56 6.72 -22.82
N PRO B 246 25.68 5.92 -22.23
CA PRO B 246 24.52 6.51 -21.53
C PRO B 246 24.91 7.41 -20.38
N GLY B 247 26.11 7.23 -19.81
CA GLY B 247 26.58 8.17 -18.82
C GLY B 247 26.92 9.52 -19.42
N GLN B 248 27.38 9.53 -20.66
CA GLN B 248 27.61 10.80 -21.34
C GLN B 248 26.29 11.51 -21.62
N LEU B 249 25.27 10.77 -22.05
CA LEU B 249 23.95 11.38 -22.26
C LEU B 249 23.38 11.91 -20.94
N LYS B 250 23.56 11.16 -19.84
CA LYS B 250 23.22 11.67 -18.53
C LYS B 250 23.85 13.02 -18.29
N ASP B 251 25.15 13.12 -18.55
CA ASP B 251 25.88 14.35 -18.23
C ASP B 251 25.53 15.48 -19.17
N ASN B 252 25.18 15.16 -20.42
CA ASN B 252 24.75 16.19 -21.36
C ASN B 252 23.56 16.99 -20.84
N VAL B 253 22.66 16.34 -20.10
CA VAL B 253 21.44 17.02 -19.69
C VAL B 253 21.39 17.24 -18.18
N SER B 254 22.52 17.16 -17.49
CA SER B 254 22.59 17.43 -16.05
C SER B 254 23.25 18.80 -15.82
N SER B 255 22.41 19.83 -15.71
CA SER B 255 22.93 21.19 -15.59
C SER B 255 23.59 21.39 -14.23
N PRO B 256 24.75 22.06 -14.18
CA PRO B 256 25.40 22.33 -12.89
C PRO B 256 24.42 23.00 -11.95
N GLY B 257 24.39 22.50 -10.71
CA GLY B 257 23.50 22.98 -9.68
C GLY B 257 22.04 22.66 -9.85
N GLY B 258 21.61 22.14 -11.00
CA GLY B 258 20.22 22.09 -11.38
C GLY B 258 19.38 20.97 -10.75
N ALA B 259 18.16 20.87 -11.28
CA ALA B 259 17.16 19.96 -10.69
C ALA B 259 17.52 18.50 -10.93
N THR B 260 18.03 18.16 -12.11
CA THR B 260 18.33 16.76 -12.42
C THR B 260 19.47 16.21 -11.55
N ILE B 261 20.60 16.91 -11.49
CA ILE B 261 21.70 16.40 -10.67
C ILE B 261 21.27 16.26 -9.22
N HIS B 262 20.33 17.09 -8.76
CA HIS B 262 19.83 16.92 -7.41
C HIS B 262 19.07 15.61 -7.31
N ALA B 263 18.26 15.33 -8.32
CA ALA B 263 17.43 14.14 -8.31
C ALA B 263 18.29 12.90 -8.49
N LEU B 264 19.29 12.99 -9.39
CA LEU B 264 20.23 11.88 -9.54
C LEU B 264 20.91 11.56 -8.21
N HIS B 265 21.20 12.58 -7.42
CA HIS B 265 21.90 12.31 -6.18
C HIS B 265 21.04 11.48 -5.24
N VAL B 266 19.72 11.75 -5.19
CA VAL B 266 18.92 10.95 -4.27
C VAL B 266 18.74 9.52 -4.81
N LEU B 267 18.73 9.30 -6.13
CA LEU B 267 18.82 7.94 -6.66
C LEU B 267 20.07 7.25 -6.13
N GLU B 268 21.26 7.83 -6.40
CA GLU B 268 22.53 7.26 -5.93
C GLU B 268 22.53 6.95 -4.44
N SER B 269 21.91 7.81 -3.63
CA SER B 269 21.96 7.56 -2.18
C SER B 269 21.17 6.34 -1.79
N GLY B 270 20.22 5.92 -2.61
CA GLY B 270 19.51 4.70 -2.32
C GLY B 270 20.10 3.47 -2.96
N GLY B 271 21.24 3.59 -3.63
CA GLY B 271 21.77 2.44 -4.35
C GLY B 271 20.90 2.02 -5.52
N PHE B 272 20.25 2.99 -6.16
CA PHE B 272 19.41 2.73 -7.32
C PHE B 272 20.06 1.79 -8.32
N ARG B 273 21.28 2.14 -8.76
CA ARG B 273 22.03 1.32 -9.70
C ARG B 273 22.12 -0.11 -9.20
N SER B 274 22.44 -0.29 -7.92
CA SER B 274 22.69 -1.62 -7.42
C SER B 274 21.42 -2.46 -7.34
N LEU B 275 20.27 -1.83 -7.11
CA LEU B 275 19.03 -2.59 -7.10
C LEU B 275 18.76 -3.21 -8.47
N LEU B 276 18.90 -2.42 -9.52
CA LEU B 276 18.69 -2.95 -10.86
C LEU B 276 19.70 -4.06 -11.18
N ILE B 277 20.92 -3.93 -10.66
CA ILE B 277 21.91 -5.00 -10.84
C ILE B 277 21.46 -6.25 -10.08
N ASN B 278 21.05 -6.09 -8.82
CA ASN B 278 20.50 -7.21 -8.05
C ASN B 278 19.35 -7.89 -8.78
N ALA B 279 18.54 -7.10 -9.49
CA ALA B 279 17.35 -7.63 -10.16
C ALA B 279 17.72 -8.52 -11.33
N VAL B 280 18.61 -8.06 -12.21
CA VAL B 280 19.08 -8.90 -13.29
C VAL B 280 19.69 -10.19 -12.72
N GLU B 281 20.53 -10.06 -11.70
CA GLU B 281 21.17 -11.23 -11.09
C GLU B 281 20.15 -12.18 -10.48
N ALA B 282 19.19 -11.63 -9.71
CA ALA B 282 18.17 -12.46 -9.08
C ALA B 282 17.38 -13.24 -10.12
N SER B 283 16.90 -12.55 -11.15
CA SER B 283 16.14 -13.24 -12.18
C SER B 283 16.98 -14.30 -12.88
N CYS B 284 18.23 -13.97 -13.26
CA CYS B 284 19.12 -14.93 -13.91
C CYS B 284 19.34 -16.15 -13.04
N ILE B 285 19.66 -15.94 -11.76
CA ILE B 285 19.91 -17.05 -10.86
C ILE B 285 18.65 -17.90 -10.70
N ARG B 286 17.48 -17.26 -10.62
CA ARG B 286 16.25 -18.02 -10.52
C ARG B 286 16.02 -18.84 -11.77
N THR B 287 16.31 -18.26 -12.94
CA THR B 287 16.17 -18.98 -14.20
C THR B 287 16.98 -20.27 -14.20
N ARG B 288 18.18 -20.23 -13.61
CA ARG B 288 19.00 -21.45 -13.54
C ARG B 288 18.43 -22.44 -12.55
N GLU B 289 17.84 -21.92 -11.46
CA GLU B 289 17.17 -22.81 -10.52
C GLU B 289 16.02 -23.55 -11.19
N LEU B 290 15.29 -22.87 -12.08
CA LEU B 290 14.08 -23.44 -12.67
C LEU B 290 14.41 -24.69 -13.49
N GLN B 291 15.51 -24.64 -14.24
CA GLN B 291 15.92 -25.80 -15.02
C GLN B 291 16.45 -26.91 -14.10
N SER B 292 17.16 -26.55 -13.03
CA SER B 292 17.72 -27.55 -12.11
C SER B 292 16.63 -28.42 -11.49
N MET B 293 15.56 -27.80 -11.01
CA MET B 293 14.46 -28.52 -10.38
C MET B 293 13.72 -29.48 -11.35
N GLU C 16 -33.86 -0.60 7.57
CA GLU C 16 -34.70 -1.64 6.98
C GLU C 16 -35.92 -1.02 6.30
N ASN C 17 -35.89 -0.97 4.96
CA ASN C 17 -36.83 -0.24 4.11
C ASN C 17 -36.81 1.27 4.35
N LEU C 18 -35.81 1.78 5.04
CA LEU C 18 -35.60 3.22 5.18
C LEU C 18 -35.66 3.89 3.81
N TYR C 19 -36.28 5.07 3.76
CA TYR C 19 -36.33 5.84 2.52
C TYR C 19 -36.65 7.29 2.86
N PHE C 20 -35.87 8.22 2.29
CA PHE C 20 -36.00 9.66 2.55
C PHE C 20 -36.97 10.27 1.54
N GLN C 21 -38.24 10.38 1.95
CA GLN C 21 -39.33 10.62 1.01
C GLN C 21 -39.11 11.88 0.17
N SER C 22 -38.81 13.01 0.82
CA SER C 22 -38.72 14.28 0.11
C SER C 22 -37.31 14.83 0.00
N MET C 23 -36.30 14.13 0.52
CA MET C 23 -34.93 14.64 0.45
C MET C 23 -34.44 14.66 -1.00
N SER C 24 -33.91 15.81 -1.43
CA SER C 24 -33.22 15.93 -2.71
C SER C 24 -31.75 16.20 -2.43
N VAL C 25 -30.88 15.40 -3.04
CA VAL C 25 -29.45 15.44 -2.74
C VAL C 25 -28.69 15.94 -3.96
N GLY C 26 -27.73 16.81 -3.72
CA GLY C 26 -26.89 17.36 -4.77
C GLY C 26 -25.43 17.15 -4.47
N PHE C 27 -24.67 16.82 -5.50
CA PHE C 27 -23.22 16.72 -5.41
C PHE C 27 -22.61 17.86 -6.22
N ILE C 28 -21.80 18.67 -5.57
CA ILE C 28 -20.91 19.58 -6.27
C ILE C 28 -19.55 18.91 -6.27
N GLY C 29 -19.05 18.60 -7.47
CA GLY C 29 -18.03 17.60 -7.66
C GLY C 29 -18.73 16.32 -8.10
N ALA C 30 -18.25 15.70 -9.16
CA ALA C 30 -18.85 14.47 -9.69
C ALA C 30 -17.79 13.41 -9.92
N GLY C 31 -16.88 13.25 -8.97
CA GLY C 31 -15.75 12.36 -9.10
C GLY C 31 -15.97 11.04 -8.41
N GLN C 32 -14.86 10.47 -7.89
CA GLN C 32 -14.93 9.19 -7.20
C GLN C 32 -15.94 9.23 -6.05
N LEU C 33 -15.89 10.29 -5.24
CA LEU C 33 -16.67 10.33 -4.01
C LEU C 33 -18.16 10.48 -4.30
N ALA C 34 -18.52 11.41 -5.19
CA ALA C 34 -19.91 11.57 -5.57
C ALA C 34 -20.47 10.27 -6.15
N PHE C 35 -19.73 9.65 -7.08
CA PHE C 35 -20.20 8.40 -7.65
C PHE C 35 -20.37 7.34 -6.57
N ALA C 36 -19.39 7.23 -5.68
CA ALA C 36 -19.42 6.16 -4.67
C ALA C 36 -20.60 6.34 -3.74
N LEU C 37 -20.87 7.58 -3.30
CA LEU C 37 -22.00 7.80 -2.40
C LEU C 37 -23.33 7.57 -3.10
N ALA C 38 -23.47 8.10 -4.32
CA ALA C 38 -24.71 7.88 -5.06
C ALA C 38 -24.95 6.39 -5.29
N LYS C 39 -23.89 5.66 -5.65
CA LYS C 39 -24.01 4.21 -5.81
C LYS C 39 -24.46 3.57 -4.50
N GLY C 40 -23.79 3.91 -3.40
CA GLY C 40 -24.16 3.36 -2.10
C GLY C 40 -25.56 3.73 -1.67
N PHE C 41 -25.93 5.02 -1.82
CA PHE C 41 -27.25 5.47 -1.39
C PHE C 41 -28.36 4.72 -2.14
N THR C 42 -28.21 4.59 -3.46
CA THR C 42 -29.20 3.89 -4.25
C THR C 42 -29.13 2.39 -4.05
N ALA C 43 -27.93 1.84 -3.82
CA ALA C 43 -27.84 0.43 -3.45
C ALA C 43 -28.63 0.16 -2.18
N ALA C 44 -28.46 1.00 -1.17
CA ALA C 44 -29.16 0.81 0.10
C ALA C 44 -30.66 0.97 -0.03
N GLY C 45 -31.13 1.58 -1.12
CA GLY C 45 -32.51 1.91 -1.31
C GLY C 45 -33.02 3.13 -0.54
N VAL C 46 -32.14 3.97 0.01
CA VAL C 46 -32.63 5.09 0.80
C VAL C 46 -33.00 6.28 -0.09
N LEU C 47 -32.52 6.28 -1.32
CA LEU C 47 -32.78 7.35 -2.26
C LEU C 47 -32.94 6.72 -3.63
N ALA C 48 -33.81 7.32 -4.43
CA ALA C 48 -33.87 6.97 -5.86
C ALA C 48 -32.88 7.83 -6.61
N ALA C 49 -32.28 7.25 -7.65
CA ALA C 49 -31.22 7.92 -8.39
C ALA C 49 -31.68 9.25 -8.97
N HIS C 50 -32.90 9.29 -9.50
CA HIS C 50 -33.37 10.51 -10.17
C HIS C 50 -33.54 11.69 -9.23
N LYS C 51 -33.64 11.47 -7.93
CA LYS C 51 -33.70 12.57 -6.99
C LYS C 51 -32.33 13.04 -6.55
N ILE C 52 -31.27 12.58 -7.23
CA ILE C 52 -29.90 13.02 -6.99
C ILE C 52 -29.44 13.80 -8.22
N MET C 53 -28.66 14.85 -7.99
CA MET C 53 -28.09 15.63 -9.08
C MET C 53 -26.63 15.93 -8.77
N ALA C 54 -25.77 15.86 -9.78
CA ALA C 54 -24.37 16.20 -9.63
C ALA C 54 -23.92 17.15 -10.73
N SER C 55 -22.99 18.04 -10.38
CA SER C 55 -22.39 18.97 -11.32
C SER C 55 -20.87 18.83 -11.29
N SER C 56 -20.24 18.92 -12.47
CA SER C 56 -18.79 18.81 -12.58
C SER C 56 -18.25 19.73 -13.65
N PRO C 57 -17.08 20.34 -13.44
CA PRO C 57 -16.49 21.18 -14.50
C PRO C 57 -16.11 20.39 -15.73
N ASP C 58 -15.83 19.10 -15.59
CA ASP C 58 -15.56 18.22 -16.72
C ASP C 58 -16.68 17.19 -16.76
N MET C 59 -17.55 17.32 -17.75
CA MET C 59 -18.64 16.38 -17.96
C MET C 59 -18.23 15.19 -18.81
N ASP C 60 -16.92 14.99 -19.00
CA ASP C 60 -16.39 13.84 -19.73
C ASP C 60 -15.69 12.84 -18.83
N LEU C 61 -15.77 13.01 -17.51
CA LEU C 61 -15.21 12.02 -16.60
C LEU C 61 -15.98 10.71 -16.71
N ALA C 62 -15.25 9.60 -16.67
CA ALA C 62 -15.91 8.30 -16.62
C ALA C 62 -16.87 8.21 -15.44
N THR C 63 -16.50 8.82 -14.31
CA THR C 63 -17.40 8.88 -13.16
C THR C 63 -18.71 9.57 -13.52
N VAL C 64 -18.66 10.58 -14.40
CA VAL C 64 -19.88 11.30 -14.76
C VAL C 64 -20.80 10.41 -15.59
N SER C 65 -20.24 9.70 -16.58
CA SER C 65 -21.10 8.84 -17.40
C SER C 65 -21.60 7.62 -16.61
N ALA C 66 -20.83 7.18 -15.61
CA ALA C 66 -21.33 6.14 -14.70
C ALA C 66 -22.53 6.66 -13.91
N LEU C 67 -22.44 7.88 -13.40
CA LEU C 67 -23.59 8.50 -12.73
C LEU C 67 -24.78 8.56 -13.68
N ARG C 68 -24.54 8.86 -14.95
CA ARG C 68 -25.65 9.00 -15.87
C ARG C 68 -26.37 7.66 -16.08
N LYS C 69 -25.60 6.58 -16.20
CA LYS C 69 -26.21 5.26 -16.36
C LYS C 69 -27.04 4.88 -15.14
N MET C 70 -26.61 5.31 -13.94
CA MET C 70 -27.39 5.10 -12.73
C MET C 70 -28.75 5.76 -12.81
N GLY C 71 -28.86 6.88 -13.52
CA GLY C 71 -30.06 7.70 -13.47
C GLY C 71 -29.93 8.96 -12.65
N VAL C 72 -28.72 9.33 -12.24
CA VAL C 72 -28.50 10.60 -11.56
C VAL C 72 -28.66 11.74 -12.55
N LYS C 73 -29.17 12.86 -12.08
CA LYS C 73 -29.27 14.06 -12.90
C LYS C 73 -27.92 14.76 -12.96
N LEU C 74 -27.54 15.20 -14.16
CA LEU C 74 -26.25 15.81 -14.42
C LEU C 74 -26.44 17.21 -14.98
N THR C 75 -25.57 18.12 -14.59
CA THR C 75 -25.59 19.49 -15.07
C THR C 75 -24.18 20.03 -14.98
N PRO C 76 -23.79 20.96 -15.86
CA PRO C 76 -22.52 21.64 -15.70
C PRO C 76 -22.56 22.89 -14.83
N HIS C 77 -23.71 23.24 -14.28
CA HIS C 77 -23.85 24.47 -13.50
C HIS C 77 -24.11 24.14 -12.03
N ASN C 78 -23.20 24.59 -11.16
CA ASN C 78 -23.37 24.35 -9.73
C ASN C 78 -24.62 25.03 -9.20
N LYS C 79 -25.03 26.15 -9.82
CA LYS C 79 -26.27 26.80 -9.42
C LYS C 79 -27.46 25.85 -9.51
N GLU C 80 -27.56 25.11 -10.61
CA GLU C 80 -28.64 24.14 -10.80
C GLU C 80 -28.68 23.13 -9.65
N THR C 81 -27.56 22.46 -9.40
CA THR C 81 -27.43 21.55 -8.27
C THR C 81 -27.94 22.15 -6.97
N VAL C 82 -27.48 23.37 -6.65
CA VAL C 82 -27.92 24.01 -5.40
C VAL C 82 -29.43 24.18 -5.39
N GLN C 83 -30.02 24.55 -6.54
CA GLN C 83 -31.46 24.77 -6.59
C GLN C 83 -32.22 23.46 -6.46
N HIS C 84 -31.68 22.37 -7.00
CA HIS C 84 -32.34 21.08 -6.88
C HIS C 84 -32.27 20.53 -5.46
N SER C 85 -31.20 20.83 -4.74
CA SER C 85 -30.83 20.05 -3.58
C SER C 85 -31.44 20.58 -2.29
N ASP C 86 -31.71 19.66 -1.38
CA ASP C 86 -31.93 19.97 0.03
C ASP C 86 -30.62 19.74 0.80
N VAL C 87 -30.09 18.53 0.71
CA VAL C 87 -28.77 18.20 1.24
C VAL C 87 -27.76 18.40 0.11
N LEU C 88 -26.70 19.15 0.39
CA LEU C 88 -25.75 19.56 -0.63
C LEU C 88 -24.35 19.09 -0.23
N PHE C 89 -23.80 18.15 -1.00
CA PHE C 89 -22.46 17.62 -0.75
C PHE C 89 -21.44 18.40 -1.57
N LEU C 90 -20.43 18.96 -0.90
CA LEU C 90 -19.26 19.55 -1.55
C LEU C 90 -18.23 18.43 -1.67
N ALA C 91 -18.21 17.77 -2.82
CA ALA C 91 -17.31 16.64 -3.02
C ALA C 91 -16.21 17.06 -3.99
N VAL C 92 -15.47 18.10 -3.63
CA VAL C 92 -14.40 18.62 -4.46
C VAL C 92 -13.13 18.65 -3.64
N LYS C 93 -12.02 19.03 -4.28
CA LYS C 93 -10.73 19.05 -3.62
C LYS C 93 -10.67 20.26 -2.67
N PRO C 94 -9.81 20.19 -1.66
CA PRO C 94 -9.77 21.27 -0.66
C PRO C 94 -9.60 22.66 -1.24
N HIS C 95 -8.74 22.83 -2.25
CA HIS C 95 -8.52 24.16 -2.80
C HIS C 95 -9.65 24.64 -3.69
N ILE C 96 -10.53 23.74 -4.12
CA ILE C 96 -11.69 24.15 -4.90
C ILE C 96 -12.77 24.75 -4.00
N ILE C 97 -12.81 24.34 -2.72
CA ILE C 97 -13.90 24.74 -1.82
C ILE C 97 -14.15 26.25 -1.81
N PRO C 98 -13.14 27.13 -1.65
CA PRO C 98 -13.46 28.57 -1.64
C PRO C 98 -13.96 29.05 -2.97
N PHE C 99 -13.49 28.46 -4.07
CA PHE C 99 -14.03 28.85 -5.36
C PHE C 99 -15.50 28.46 -5.48
N ILE C 100 -15.89 27.34 -4.85
CA ILE C 100 -17.29 26.90 -4.91
C ILE C 100 -18.15 27.73 -3.95
N LEU C 101 -17.71 27.84 -2.69
CA LEU C 101 -18.46 28.62 -1.72
C LEU C 101 -18.71 30.04 -2.22
N ASP C 102 -17.73 30.63 -2.90
CA ASP C 102 -17.98 31.97 -3.44
C ASP C 102 -18.89 31.93 -4.66
N GLU C 103 -18.88 30.83 -5.42
CA GLU C 103 -19.70 30.76 -6.64
C GLU C 103 -21.20 30.64 -6.32
N ILE C 104 -21.55 29.92 -5.26
CA ILE C 104 -22.94 29.59 -4.98
C ILE C 104 -23.42 30.13 -3.64
N GLY C 105 -22.57 30.86 -2.91
CA GLY C 105 -22.97 31.39 -1.62
C GLY C 105 -24.23 32.24 -1.67
N ALA C 106 -24.44 32.96 -2.78
CA ALA C 106 -25.67 33.73 -2.92
C ALA C 106 -26.89 32.82 -3.09
N ASP C 107 -26.71 31.63 -3.65
CA ASP C 107 -27.84 30.73 -3.94
C ASP C 107 -28.24 29.89 -2.74
N ILE C 108 -27.42 29.87 -1.68
CA ILE C 108 -27.74 29.12 -0.48
C ILE C 108 -29.01 29.67 0.14
N GLU C 109 -29.95 28.79 0.45
CA GLU C 109 -31.23 29.18 1.03
C GLU C 109 -31.39 28.54 2.41
N ASP C 110 -32.54 28.83 3.04
CA ASP C 110 -32.85 28.33 4.37
C ASP C 110 -32.70 26.83 4.47
N ARG C 111 -33.36 26.10 3.54
CA ARG C 111 -33.47 24.65 3.64
C ARG C 111 -32.12 23.94 3.53
N HIS C 112 -31.10 24.58 2.95
CA HIS C 112 -29.92 23.84 2.53
C HIS C 112 -29.09 23.38 3.72
N ILE C 113 -28.69 22.11 3.70
CA ILE C 113 -27.62 21.61 4.54
C ILE C 113 -26.42 21.40 3.63
N VAL C 114 -25.33 22.08 3.93
CA VAL C 114 -24.09 22.00 3.17
C VAL C 114 -23.19 21.00 3.87
N VAL C 115 -22.85 19.93 3.18
CA VAL C 115 -22.02 18.87 3.73
C VAL C 115 -20.70 18.89 2.98
N SER C 116 -19.65 19.40 3.63
CA SER C 116 -18.33 19.39 3.03
C SER C 116 -17.63 18.06 3.28
N CYS C 117 -17.14 17.46 2.21
CA CYS C 117 -16.33 16.24 2.31
C CYS C 117 -14.86 16.51 2.07
N ALA C 118 -14.47 17.76 1.84
CA ALA C 118 -13.09 18.03 1.49
C ALA C 118 -12.16 17.81 2.68
N ALA C 119 -11.00 17.22 2.42
CA ALA C 119 -10.05 16.96 3.49
C ALA C 119 -9.50 18.26 4.06
N GLY C 120 -9.30 18.27 5.38
CA GLY C 120 -8.68 19.37 6.08
C GLY C 120 -9.44 20.69 6.15
N VAL C 121 -10.49 20.90 5.33
CA VAL C 121 -11.15 22.20 5.32
C VAL C 121 -12.12 22.31 6.49
N THR C 122 -11.99 23.39 7.25
CA THR C 122 -12.67 23.53 8.52
C THR C 122 -14.08 24.11 8.39
N ILE C 123 -14.93 23.77 9.36
CA ILE C 123 -16.27 24.34 9.43
C ILE C 123 -16.19 25.85 9.55
N SER C 124 -15.28 26.36 10.38
CA SER C 124 -15.13 27.81 10.56
C SER C 124 -14.90 28.51 9.22
N SER C 125 -14.00 27.97 8.40
CA SER C 125 -13.72 28.59 7.11
C SER C 125 -14.94 28.53 6.18
N ILE C 126 -15.67 27.41 6.17
CA ILE C 126 -16.87 27.30 5.35
C ILE C 126 -17.92 28.28 5.83
N GLU C 127 -18.14 28.33 7.15
CA GLU C 127 -19.12 29.23 7.71
C GLU C 127 -18.79 30.69 7.45
N LYS C 128 -17.51 31.07 7.51
CA LYS C 128 -17.18 32.47 7.24
C LYS C 128 -17.44 32.83 5.78
N LYS C 129 -17.01 31.97 4.83
CA LYS C 129 -17.19 32.27 3.42
C LYS C 129 -18.67 32.41 3.07
N LEU C 130 -19.51 31.53 3.63
CA LEU C 130 -20.94 31.55 3.33
C LEU C 130 -21.68 32.62 4.12
N SER C 131 -21.22 32.93 5.34
CA SER C 131 -21.88 33.94 6.15
C SER C 131 -21.77 35.33 5.54
N ALA C 132 -20.80 35.56 4.66
CA ALA C 132 -20.75 36.85 3.98
C ALA C 132 -21.97 37.05 3.08
N PHE C 133 -22.47 35.97 2.48
CA PHE C 133 -23.68 36.06 1.66
C PHE C 133 -24.94 36.02 2.50
N ARG C 134 -24.93 35.25 3.59
CA ARG C 134 -26.17 34.92 4.28
C ARG C 134 -25.84 34.42 5.67
N PRO C 135 -26.55 34.85 6.70
CA PRO C 135 -26.23 34.40 8.06
C PRO C 135 -26.78 33.02 8.38
N ALA C 136 -26.04 32.33 9.28
CA ALA C 136 -26.35 31.04 9.87
C ALA C 136 -26.46 29.93 8.84
N PRO C 137 -25.46 29.72 8.00
CA PRO C 137 -25.53 28.57 7.09
C PRO C 137 -25.41 27.30 7.91
N ARG C 138 -26.21 26.31 7.52
CA ARG C 138 -26.21 25.00 8.17
C ARG C 138 -25.13 24.16 7.51
N VAL C 139 -24.06 23.88 8.25
CA VAL C 139 -22.85 23.28 7.71
C VAL C 139 -22.53 22.03 8.49
N ILE C 140 -22.19 20.96 7.77
CA ILE C 140 -21.66 19.74 8.37
C ILE C 140 -20.36 19.40 7.64
N ARG C 141 -19.34 19.02 8.42
CA ARG C 141 -18.10 18.51 7.85
C ARG C 141 -18.04 17.01 8.08
N CYS C 142 -17.65 16.26 7.06
CA CYS C 142 -17.51 14.82 7.22
C CYS C 142 -16.24 14.34 6.54
N MET C 143 -15.73 13.20 7.00
CA MET C 143 -14.70 12.42 6.29
C MET C 143 -15.25 11.03 6.03
N THR C 144 -15.29 10.63 4.76
CA THR C 144 -15.80 9.30 4.42
C THR C 144 -14.78 8.62 3.52
N ASN C 145 -15.11 7.48 2.93
CA ASN C 145 -14.18 6.88 1.97
C ASN C 145 -14.97 6.19 0.85
N THR C 146 -14.24 5.78 -0.19
CA THR C 146 -14.92 5.21 -1.36
C THR C 146 -15.59 3.85 -1.08
N PRO C 147 -15.11 3.00 -0.11
CA PRO C 147 -15.87 1.76 0.20
C PRO C 147 -17.35 1.94 0.54
N VAL C 148 -17.87 3.19 0.58
CA VAL C 148 -19.31 3.38 0.65
C VAL C 148 -19.98 2.83 -0.60
N VAL C 149 -19.22 2.65 -1.68
CA VAL C 149 -19.77 2.13 -2.91
C VAL C 149 -20.17 0.65 -2.77
N VAL C 150 -19.61 -0.08 -1.81
CA VAL C 150 -20.10 -1.40 -1.47
C VAL C 150 -20.81 -1.39 -0.13
N ARG C 151 -21.18 -0.19 0.33
CA ARG C 151 -21.93 0.01 1.57
C ARG C 151 -21.13 -0.36 2.81
N GLU C 152 -19.81 -0.25 2.76
CA GLU C 152 -18.97 -0.55 3.91
C GLU C 152 -18.02 0.61 4.19
N GLY C 153 -18.50 1.84 4.01
CA GLY C 153 -17.67 2.99 4.26
C GLY C 153 -17.37 3.17 5.74
N ALA C 154 -16.49 4.12 6.02
CA ALA C 154 -16.22 4.59 7.38
C ALA C 154 -16.38 6.09 7.36
N THR C 155 -17.36 6.60 8.10
CA THR C 155 -17.69 8.01 8.04
C THR C 155 -17.75 8.61 9.44
N VAL C 156 -17.06 9.73 9.63
CA VAL C 156 -17.30 10.57 10.78
C VAL C 156 -17.84 11.90 10.28
N TYR C 157 -18.53 12.61 11.16
CA TYR C 157 -18.98 13.95 10.84
C TYR C 157 -18.94 14.82 12.10
N ALA C 158 -18.97 16.11 11.88
CA ALA C 158 -19.06 17.09 12.96
C ALA C 158 -20.04 18.15 12.51
N THR C 159 -20.87 18.61 13.43
CA THR C 159 -21.92 19.54 13.09
C THR C 159 -21.44 20.97 13.31
N GLY C 160 -21.83 21.86 12.39
CA GLY C 160 -21.46 23.24 12.50
C GLY C 160 -22.21 23.98 13.60
N THR C 161 -21.85 25.27 13.72
CA THR C 161 -22.43 26.12 14.75
C THR C 161 -23.94 26.24 14.59
N HIS C 162 -24.41 26.33 13.35
CA HIS C 162 -25.82 26.61 13.08
C HIS C 162 -26.57 25.38 12.61
N ALA C 163 -25.91 24.24 12.48
CA ALA C 163 -26.63 23.00 12.20
C ALA C 163 -27.62 22.71 13.31
N GLN C 164 -28.87 22.44 12.91
CA GLN C 164 -29.88 22.04 13.87
C GLN C 164 -29.62 20.62 14.35
N VAL C 165 -30.24 20.26 15.48
CA VAL C 165 -30.08 18.91 16.03
C VAL C 165 -30.54 17.87 15.01
N GLU C 166 -31.61 18.16 14.28
CA GLU C 166 -32.09 17.22 13.28
C GLU C 166 -31.11 17.06 12.14
N ASP C 167 -30.38 18.11 11.78
CA ASP C 167 -29.43 18.01 10.67
C ASP C 167 -28.40 16.91 10.92
N GLY C 168 -27.85 16.84 12.14
CA GLY C 168 -26.86 15.82 12.42
C GLY C 168 -27.44 14.41 12.46
N ARG C 169 -28.63 14.26 13.06
CA ARG C 169 -29.28 12.95 13.11
C ARG C 169 -29.68 12.51 11.72
N LEU C 170 -30.13 13.47 10.89
CA LEU C 170 -30.47 13.15 9.51
C LEU C 170 -29.25 12.61 8.79
N MET C 171 -28.16 13.38 8.79
CA MET C 171 -26.97 12.99 8.06
C MET C 171 -26.36 11.71 8.59
N GLU C 172 -26.50 11.42 9.88
CA GLU C 172 -26.01 10.14 10.36
C GLU C 172 -26.85 9.00 9.82
N GLN C 173 -28.18 9.14 9.84
CA GLN C 173 -29.08 8.14 9.28
C GLN C 173 -28.79 7.92 7.79
N LEU C 174 -28.53 8.99 7.04
CA LEU C 174 -28.23 8.81 5.62
C LEU C 174 -26.91 8.05 5.43
N LEU C 175 -25.89 8.44 6.19
CA LEU C 175 -24.55 7.88 5.97
C LEU C 175 -24.35 6.53 6.65
N SER C 176 -25.15 6.24 7.68
CA SER C 176 -25.17 4.88 8.23
C SER C 176 -25.65 3.85 7.21
N SER C 177 -26.37 4.27 6.18
CA SER C 177 -26.89 3.33 5.19
C SER C 177 -25.81 2.80 4.27
N VAL C 178 -24.60 3.36 4.31
CA VAL C 178 -23.54 2.99 3.38
C VAL C 178 -22.26 2.63 4.12
N GLY C 179 -22.36 2.45 5.43
CA GLY C 179 -21.24 1.96 6.20
C GLY C 179 -21.33 2.42 7.64
N PHE C 180 -20.22 2.31 8.35
CA PHE C 180 -20.17 2.83 9.71
C PHE C 180 -20.20 4.35 9.69
N CYS C 181 -20.93 4.94 10.64
CA CYS C 181 -21.01 6.40 10.72
C CYS C 181 -21.23 6.83 12.16
N THR C 182 -20.47 7.83 12.61
CA THR C 182 -20.63 8.37 13.96
C THR C 182 -20.24 9.83 13.96
N GLU C 183 -20.70 10.53 14.99
CA GLU C 183 -20.34 11.93 15.21
C GLU C 183 -19.06 12.03 16.04
N VAL C 184 -18.17 12.94 15.64
CA VAL C 184 -16.94 13.22 16.39
C VAL C 184 -16.81 14.73 16.53
N GLU C 185 -16.08 15.16 17.57
CA GLU C 185 -15.61 16.54 17.62
C GLU C 185 -14.78 16.83 16.37
N GLU C 186 -14.88 18.07 15.87
CA GLU C 186 -14.22 18.41 14.61
C GLU C 186 -12.72 18.22 14.69
N ASP C 187 -12.11 18.44 15.86
CA ASP C 187 -10.66 18.42 15.90
C ASP C 187 -10.08 17.01 15.85
N LEU C 188 -10.92 15.98 15.70
CA LEU C 188 -10.48 14.62 15.42
C LEU C 188 -10.48 14.26 13.93
N ILE C 189 -11.03 15.13 13.07
CA ILE C 189 -11.27 14.71 11.70
C ILE C 189 -9.95 14.57 10.93
N ASP C 190 -9.01 15.46 11.17
CA ASP C 190 -7.70 15.35 10.51
C ASP C 190 -7.07 13.99 10.78
N ALA C 191 -7.12 13.54 12.04
CA ALA C 191 -6.58 12.24 12.39
C ALA C 191 -7.41 11.13 11.75
N VAL C 192 -8.74 11.28 11.73
CA VAL C 192 -9.59 10.28 11.08
C VAL C 192 -9.26 10.16 9.61
N THR C 193 -8.97 11.31 8.97
CA THR C 193 -8.55 11.32 7.58
C THR C 193 -7.31 10.46 7.39
N GLY C 194 -6.38 10.49 8.35
CA GLY C 194 -5.17 9.69 8.24
C GLY C 194 -5.37 8.20 8.46
N LEU C 195 -6.41 7.83 9.22
CA LEU C 195 -6.69 6.42 9.52
C LEU C 195 -7.70 5.87 8.52
N SER C 196 -8.97 6.25 8.66
CA SER C 196 -10.02 5.70 7.80
C SER C 196 -10.09 6.40 6.45
N GLY C 197 -9.72 7.67 6.38
CA GLY C 197 -9.83 8.38 5.11
C GLY C 197 -8.83 7.92 4.08
N SER C 198 -7.55 7.80 4.47
CA SER C 198 -6.53 7.21 3.61
C SER C 198 -6.43 5.69 3.76
N GLY C 199 -7.14 5.10 4.72
CA GLY C 199 -7.04 3.70 5.04
C GLY C 199 -7.14 2.72 3.88
N PRO C 200 -8.21 2.81 3.07
CA PRO C 200 -8.32 1.89 1.92
C PRO C 200 -7.09 1.88 1.03
N ALA C 201 -6.43 3.03 0.86
CA ALA C 201 -5.25 3.04 -0.02
C ALA C 201 -4.11 2.21 0.56
N TYR C 202 -3.91 2.28 1.88
CA TYR C 202 -2.95 1.39 2.53
C TYR C 202 -3.30 -0.07 2.24
N ALA C 203 -4.60 -0.42 2.40
CA ALA C 203 -5.03 -1.80 2.20
C ALA C 203 -4.83 -2.26 0.76
N PHE C 204 -5.12 -1.39 -0.21
CA PHE C 204 -4.90 -1.75 -1.61
C PHE C 204 -3.42 -1.95 -1.90
N THR C 205 -2.56 -1.17 -1.23
CA THR C 205 -1.12 -1.40 -1.35
C THR C 205 -0.73 -2.72 -0.68
N ALA C 206 -1.26 -2.95 0.52
CA ALA C 206 -1.00 -4.20 1.23
C ALA C 206 -1.46 -5.41 0.42
N LEU C 207 -2.62 -5.30 -0.24
CA LEU C 207 -3.21 -6.43 -0.96
C LEU C 207 -2.46 -6.71 -2.26
N ASP C 208 -1.98 -5.67 -2.93
CA ASP C 208 -1.14 -5.87 -4.11
C ASP C 208 0.13 -6.63 -3.73
N ALA C 209 0.66 -6.36 -2.53
CA ALA C 209 1.94 -6.94 -2.10
C ALA C 209 1.76 -8.36 -1.62
N LEU C 210 0.73 -8.61 -0.79
CA LEU C 210 0.40 -9.97 -0.40
C LEU C 210 0.26 -10.87 -1.64
N ALA C 211 -0.44 -10.39 -2.67
CA ALA C 211 -0.58 -11.17 -3.89
C ALA C 211 0.76 -11.40 -4.56
N ASP C 212 1.62 -10.38 -4.58
CA ASP C 212 2.97 -10.58 -5.08
C ASP C 212 3.68 -11.67 -4.30
N GLY C 213 3.45 -11.72 -2.99
CA GLY C 213 4.03 -12.78 -2.18
C GLY C 213 3.50 -14.14 -2.57
N GLY C 214 2.18 -14.27 -2.64
CA GLY C 214 1.59 -15.50 -3.13
C GLY C 214 2.11 -15.91 -4.49
N VAL C 215 2.22 -14.94 -5.41
CA VAL C 215 2.73 -15.24 -6.76
C VAL C 215 4.18 -15.69 -6.68
N LYS C 216 4.97 -15.06 -5.81
CA LYS C 216 6.35 -15.50 -5.65
C LYS C 216 6.44 -16.95 -5.20
N MET C 217 5.51 -17.37 -4.35
CA MET C 217 5.54 -18.71 -3.81
C MET C 217 4.80 -19.71 -4.70
N GLY C 218 4.33 -19.27 -5.87
CA GLY C 218 3.79 -20.15 -6.89
C GLY C 218 2.29 -20.08 -7.09
N LEU C 219 1.57 -19.17 -6.39
CA LEU C 219 0.12 -19.05 -6.64
C LEU C 219 -0.13 -18.27 -7.93
N PRO C 220 -1.14 -18.67 -8.70
CA PRO C 220 -1.59 -17.82 -9.80
C PRO C 220 -2.11 -16.49 -9.27
N ARG C 221 -1.93 -15.44 -10.08
CA ARG C 221 -2.20 -14.07 -9.62
C ARG C 221 -3.67 -13.89 -9.22
N ARG C 222 -4.60 -14.40 -10.03
CA ARG C 222 -6.02 -14.30 -9.69
C ARG C 222 -6.31 -14.93 -8.33
N LEU C 223 -5.85 -16.16 -8.12
CA LEU C 223 -6.04 -16.80 -6.83
C LEU C 223 -5.39 -15.99 -5.71
N ALA C 224 -4.15 -15.58 -5.91
CA ALA C 224 -3.44 -14.84 -4.85
C ALA C 224 -4.19 -13.56 -4.48
N VAL C 225 -4.70 -12.80 -5.46
CA VAL C 225 -5.44 -11.58 -5.12
C VAL C 225 -6.72 -11.91 -4.37
N ARG C 226 -7.46 -12.91 -4.85
CA ARG C 226 -8.70 -13.32 -4.20
C ARG C 226 -8.45 -13.75 -2.76
N LEU C 227 -7.40 -14.55 -2.55
CA LEU C 227 -7.14 -15.09 -1.21
C LEU C 227 -6.75 -13.99 -0.26
N GLY C 228 -5.88 -13.08 -0.71
CA GLY C 228 -5.41 -12.03 0.17
C GLY C 228 -6.52 -11.09 0.57
N ALA C 229 -7.39 -10.75 -0.38
CA ALA C 229 -8.52 -9.87 -0.07
C ALA C 229 -9.51 -10.54 0.87
N GLN C 230 -9.77 -11.83 0.66
CA GLN C 230 -10.69 -12.53 1.56
C GLN C 230 -10.11 -12.59 2.97
N ALA C 231 -8.80 -12.73 3.07
CA ALA C 231 -8.18 -12.92 4.38
C ALA C 231 -8.26 -11.64 5.18
N LEU C 232 -7.94 -10.52 4.52
CA LEU C 232 -8.07 -9.22 5.13
C LEU C 232 -9.52 -8.93 5.49
N LEU C 233 -10.44 -9.22 4.58
CA LEU C 233 -11.86 -9.00 4.86
C LEU C 233 -12.31 -9.79 6.09
N GLY C 234 -11.94 -11.07 6.16
CA GLY C 234 -12.35 -11.88 7.28
C GLY C 234 -11.74 -11.43 8.60
N ALA C 235 -10.47 -11.03 8.59
CA ALA C 235 -9.84 -10.61 9.82
C ALA C 235 -10.51 -9.35 10.38
N ALA C 236 -10.82 -8.39 9.50
CA ALA C 236 -11.41 -7.16 9.98
C ALA C 236 -12.82 -7.40 10.48
N LYS C 237 -13.58 -8.27 9.80
CA LYS C 237 -14.88 -8.66 10.31
C LYS C 237 -14.75 -9.40 11.63
N MET C 238 -13.75 -10.26 11.75
CA MET C 238 -13.53 -10.94 13.01
C MET C 238 -13.31 -9.96 14.15
N LEU C 239 -12.35 -9.03 13.99
CA LEU C 239 -12.09 -8.04 15.03
C LEU C 239 -13.36 -7.23 15.37
N LEU C 240 -14.06 -6.72 14.34
CA LEU C 240 -15.28 -5.97 14.58
C LEU C 240 -16.29 -6.75 15.43
N HIS C 241 -16.38 -8.06 15.23
CA HIS C 241 -17.36 -8.87 15.96
C HIS C 241 -16.81 -9.46 17.25
N SER C 242 -15.58 -9.12 17.63
CA SER C 242 -14.89 -9.74 18.75
C SER C 242 -14.80 -8.77 19.93
N GLU C 243 -14.91 -9.31 21.14
CA GLU C 243 -14.63 -8.55 22.35
C GLU C 243 -13.14 -8.55 22.69
N GLN C 244 -12.32 -9.26 21.94
CA GLN C 244 -10.93 -9.49 22.32
C GLN C 244 -10.00 -8.52 21.61
N HIS C 245 -8.81 -8.38 22.18
CA HIS C 245 -7.82 -7.45 21.65
C HIS C 245 -7.27 -8.00 20.34
N PRO C 246 -6.96 -7.15 19.36
CA PRO C 246 -6.33 -7.64 18.13
C PRO C 246 -5.09 -8.48 18.39
N GLY C 247 -4.36 -8.18 19.47
CA GLY C 247 -3.20 -9.01 19.81
C GLY C 247 -3.61 -10.36 20.36
N GLN C 248 -4.75 -10.41 21.05
CA GLN C 248 -5.27 -11.67 21.56
C GLN C 248 -5.71 -12.58 20.42
N LEU C 249 -6.31 -12.01 19.38
CA LEU C 249 -6.70 -12.79 18.21
C LEU C 249 -5.46 -13.33 17.49
N LYS C 250 -4.45 -12.47 17.33
CA LYS C 250 -3.19 -12.89 16.76
C LYS C 250 -2.61 -14.06 17.55
N ASP C 251 -2.55 -13.93 18.87
CA ASP C 251 -2.06 -15.01 19.74
C ASP C 251 -2.83 -16.31 19.51
N ASN C 252 -4.14 -16.21 19.24
CA ASN C 252 -5.00 -17.39 19.12
C ASN C 252 -4.58 -18.26 17.94
N VAL C 253 -4.18 -17.65 16.82
CA VAL C 253 -3.93 -18.36 15.59
C VAL C 253 -2.44 -18.54 15.32
N SER C 254 -1.58 -18.23 16.30
CA SER C 254 -0.13 -18.35 16.16
C SER C 254 0.31 -19.63 16.86
N SER C 255 0.36 -20.73 16.11
CA SER C 255 0.78 -22.00 16.68
C SER C 255 2.24 -21.95 17.11
N PRO C 256 2.56 -22.43 18.30
CA PRO C 256 3.97 -22.49 18.73
C PRO C 256 4.86 -23.11 17.66
N GLY C 257 5.97 -22.44 17.36
CA GLY C 257 6.91 -22.91 16.38
C GLY C 257 6.42 -22.80 14.96
N GLY C 258 5.23 -22.26 14.74
CA GLY C 258 4.49 -22.49 13.51
C GLY C 258 4.88 -21.57 12.38
N ALA C 259 4.12 -21.71 11.29
CA ALA C 259 4.35 -20.91 10.10
C ALA C 259 3.98 -19.44 10.33
N THR C 260 2.86 -19.20 11.00
CA THR C 260 2.42 -17.82 11.19
C THR C 260 3.40 -17.05 12.08
N ILE C 261 3.87 -17.64 13.17
CA ILE C 261 4.74 -16.88 14.06
C ILE C 261 6.08 -16.61 13.38
N HIS C 262 6.56 -17.50 12.52
CA HIS C 262 7.75 -17.20 11.75
C HIS C 262 7.53 -16.00 10.86
N ALA C 263 6.34 -15.88 10.25
CA ALA C 263 6.09 -14.79 9.34
C ALA C 263 5.94 -13.48 10.10
N LEU C 264 5.24 -13.52 11.25
CA LEU C 264 5.13 -12.35 12.10
C LEU C 264 6.50 -11.82 12.51
N HIS C 265 7.46 -12.73 12.72
CA HIS C 265 8.78 -12.26 13.13
C HIS C 265 9.44 -11.43 12.04
N VAL C 266 9.31 -11.83 10.77
CA VAL C 266 9.94 -11.01 9.74
C VAL C 266 9.16 -9.71 9.47
N LEU C 267 7.87 -9.66 9.78
CA LEU C 267 7.17 -8.38 9.78
C LEU C 267 7.76 -7.47 10.86
N GLU C 268 7.96 -8.00 12.06
CA GLU C 268 8.51 -7.20 13.15
C GLU C 268 9.93 -6.73 12.84
N SER C 269 10.76 -7.61 12.25
CA SER C 269 12.14 -7.22 11.97
C SER C 269 12.24 -6.03 11.02
N GLY C 270 11.29 -5.88 10.10
CA GLY C 270 11.24 -4.70 9.26
C GLY C 270 10.47 -3.52 9.82
N GLY C 271 10.01 -3.57 11.06
CA GLY C 271 9.23 -2.45 11.58
C GLY C 271 7.89 -2.27 10.92
N PHE C 272 7.24 -3.37 10.53
CA PHE C 272 5.92 -3.34 9.91
C PHE C 272 4.96 -2.42 10.68
N ARG C 273 4.90 -2.56 12.00
CA ARG C 273 3.98 -1.76 12.80
C ARG C 273 4.28 -0.27 12.66
N SER C 274 5.56 0.11 12.79
CA SER C 274 5.86 1.54 12.78
C SER C 274 5.59 2.17 11.41
N LEU C 275 5.67 1.39 10.35
CA LEU C 275 5.36 1.95 9.04
C LEU C 275 3.90 2.40 8.99
N LEU C 276 2.97 1.56 9.45
CA LEU C 276 1.57 1.97 9.44
C LEU C 276 1.34 3.17 10.34
N ILE C 277 1.98 3.19 11.52
CA ILE C 277 1.91 4.37 12.36
C ILE C 277 2.42 5.58 11.60
N ASN C 278 3.58 5.44 10.93
CA ASN C 278 4.11 6.55 10.13
C ASN C 278 3.11 7.00 9.08
N ALA C 279 2.37 6.06 8.51
CA ALA C 279 1.44 6.38 7.44
C ALA C 279 0.33 7.29 7.95
N VAL C 280 -0.40 6.84 8.98
CA VAL C 280 -1.47 7.65 9.57
C VAL C 280 -0.93 9.02 9.96
N GLU C 281 0.27 9.05 10.55
CA GLU C 281 0.87 10.32 10.93
C GLU C 281 1.10 11.22 9.73
N ALA C 282 1.75 10.69 8.70
CA ALA C 282 2.08 11.52 7.56
C ALA C 282 0.81 12.05 6.90
N SER C 283 -0.22 11.22 6.83
CA SER C 283 -1.46 11.66 6.20
C SER C 283 -2.16 12.74 7.03
N CYS C 284 -2.28 12.52 8.33
CA CYS C 284 -2.88 13.51 9.21
C CYS C 284 -2.13 14.85 9.14
N ILE C 285 -0.80 14.79 9.19
CA ILE C 285 0.00 16.02 9.15
C ILE C 285 -0.19 16.74 7.83
N ARG C 286 -0.19 16.00 6.72
CA ARG C 286 -0.43 16.62 5.42
C ARG C 286 -1.82 17.25 5.36
N THR C 287 -2.82 16.56 5.94
CA THR C 287 -4.19 17.08 5.96
C THR C 287 -4.23 18.45 6.63
N ARG C 288 -3.56 18.59 7.77
CA ARG C 288 -3.50 19.88 8.46
C ARG C 288 -2.87 20.96 7.60
N GLU C 289 -1.81 20.60 6.85
CA GLU C 289 -1.16 21.57 5.98
C GLU C 289 -2.09 22.03 4.87
N LEU C 290 -2.93 21.14 4.35
CA LEU C 290 -3.87 21.53 3.29
C LEU C 290 -4.78 22.66 3.75
N GLN C 291 -5.23 22.63 5.01
CA GLN C 291 -6.02 23.73 5.53
C GLN C 291 -5.21 25.02 5.55
N SER C 292 -4.09 25.01 6.26
CA SER C 292 -3.15 26.14 6.28
C SER C 292 -2.56 26.39 4.89
N PHE D 20 -27.24 -34.85 2.28
CA PHE D 20 -26.31 -33.98 2.98
C PHE D 20 -26.94 -33.31 4.21
N GLN D 21 -28.26 -33.50 4.38
CA GLN D 21 -28.89 -33.11 5.63
C GLN D 21 -28.77 -34.19 6.69
N SER D 22 -28.50 -35.43 6.29
CA SER D 22 -28.22 -36.53 7.21
C SER D 22 -26.73 -36.70 7.47
N MET D 23 -25.93 -35.76 7.00
CA MET D 23 -24.49 -35.79 7.19
C MET D 23 -24.10 -35.52 8.64
N SER D 24 -23.15 -36.29 9.14
CA SER D 24 -22.60 -36.12 10.47
C SER D 24 -21.14 -35.72 10.33
N VAL D 25 -20.71 -34.74 11.12
CA VAL D 25 -19.35 -34.25 11.05
C VAL D 25 -18.63 -34.58 12.34
N GLY D 26 -17.36 -34.95 12.22
CA GLY D 26 -16.51 -35.17 13.37
C GLY D 26 -15.26 -34.32 13.32
N PHE D 27 -14.71 -34.09 14.51
CA PHE D 27 -13.47 -33.34 14.67
C PHE D 27 -12.52 -34.12 15.56
N ILE D 28 -11.32 -34.40 15.05
CA ILE D 28 -10.19 -34.81 15.88
C ILE D 28 -9.37 -33.55 16.12
N GLY D 29 -9.27 -33.15 17.39
CA GLY D 29 -8.71 -31.85 17.72
C GLY D 29 -9.83 -30.85 17.93
N ALA D 30 -10.10 -30.49 19.18
CA ALA D 30 -11.12 -29.52 19.53
C ALA D 30 -10.50 -28.16 19.86
N GLY D 31 -9.67 -27.66 18.95
CA GLY D 31 -8.96 -26.42 19.15
C GLY D 31 -9.64 -25.25 18.47
N GLN D 32 -8.83 -24.21 18.17
CA GLN D 32 -9.34 -22.98 17.60
C GLN D 32 -10.06 -23.22 16.27
N LEU D 33 -9.49 -24.11 15.44
CA LEU D 33 -10.08 -24.35 14.12
C LEU D 33 -11.41 -25.09 14.24
N ALA D 34 -11.47 -26.12 15.09
CA ALA D 34 -12.72 -26.86 15.25
C ALA D 34 -13.84 -25.96 15.74
N PHE D 35 -13.55 -25.09 16.71
CA PHE D 35 -14.59 -24.18 17.18
C PHE D 35 -15.03 -23.24 16.08
N ALA D 36 -14.06 -22.68 15.35
CA ALA D 36 -14.41 -21.72 14.32
C ALA D 36 -15.22 -22.36 13.21
N LEU D 37 -14.77 -23.53 12.73
CA LEU D 37 -15.58 -24.26 11.75
C LEU D 37 -16.94 -24.62 12.32
N ALA D 38 -17.01 -25.09 13.57
CA ALA D 38 -18.31 -25.49 14.13
C ALA D 38 -19.23 -24.29 14.29
N LYS D 39 -18.69 -23.15 14.74
CA LYS D 39 -19.52 -21.95 14.86
C LYS D 39 -20.02 -21.52 13.48
N GLY D 40 -19.13 -21.48 12.49
CA GLY D 40 -19.55 -21.15 11.13
C GLY D 40 -20.61 -22.10 10.60
N PHE D 41 -20.35 -23.42 10.67
CA PHE D 41 -21.28 -24.42 10.15
C PHE D 41 -22.67 -24.25 10.76
N THR D 42 -22.73 -24.07 12.08
CA THR D 42 -24.03 -23.91 12.70
C THR D 42 -24.63 -22.56 12.38
N ALA D 43 -23.81 -21.50 12.36
CA ALA D 43 -24.36 -20.20 12.02
C ALA D 43 -24.91 -20.19 10.61
N ALA D 44 -24.25 -20.91 9.69
CA ALA D 44 -24.75 -21.02 8.33
C ALA D 44 -26.01 -21.87 8.25
N GLY D 45 -26.33 -22.64 9.29
CA GLY D 45 -27.49 -23.50 9.23
C GLY D 45 -27.31 -24.74 8.39
N VAL D 46 -26.08 -25.04 7.95
CA VAL D 46 -25.84 -26.27 7.21
C VAL D 46 -25.92 -27.46 8.14
N LEU D 47 -25.65 -27.25 9.42
CA LEU D 47 -25.34 -28.32 10.34
C LEU D 47 -25.99 -28.01 11.69
N ALA D 48 -26.80 -28.93 12.18
CA ALA D 48 -27.17 -28.87 13.58
C ALA D 48 -25.93 -29.08 14.43
N ALA D 49 -25.85 -28.32 15.54
CA ALA D 49 -24.71 -28.47 16.44
C ALA D 49 -24.59 -29.91 16.94
N HIS D 50 -25.71 -30.53 17.28
CA HIS D 50 -25.67 -31.88 17.83
C HIS D 50 -25.29 -32.94 16.81
N LYS D 51 -25.19 -32.60 15.53
CA LYS D 51 -24.64 -33.55 14.56
C LYS D 51 -23.14 -33.40 14.38
N ILE D 52 -22.53 -32.50 15.13
CA ILE D 52 -21.07 -32.36 15.19
C ILE D 52 -20.59 -33.07 16.45
N MET D 53 -19.51 -33.82 16.34
CA MET D 53 -18.82 -34.43 17.48
C MET D 53 -17.35 -34.07 17.42
N ALA D 54 -16.77 -33.72 18.58
CA ALA D 54 -15.35 -33.38 18.66
C ALA D 54 -14.66 -34.17 19.77
N SER D 55 -13.36 -34.38 19.60
CA SER D 55 -12.53 -35.09 20.56
C SER D 55 -11.13 -34.47 20.62
N SER D 56 -10.53 -34.50 21.80
CA SER D 56 -9.15 -34.02 21.97
C SER D 56 -8.56 -34.69 23.21
N PRO D 57 -7.23 -34.67 23.38
CA PRO D 57 -6.64 -35.18 24.62
C PRO D 57 -6.71 -34.20 25.78
N ASP D 58 -6.95 -32.92 25.51
CA ASP D 58 -7.13 -31.89 26.53
C ASP D 58 -8.62 -31.50 26.51
N MET D 59 -9.40 -32.10 27.39
CA MET D 59 -10.83 -31.82 27.49
C MET D 59 -11.13 -30.71 28.48
N ASP D 60 -10.11 -29.94 28.89
CA ASP D 60 -10.26 -28.84 29.83
C ASP D 60 -10.11 -27.48 29.17
N LEU D 61 -9.82 -27.43 27.88
CA LEU D 61 -9.65 -26.17 27.18
C LEU D 61 -10.95 -25.40 27.11
N ALA D 62 -10.83 -24.07 26.96
CA ALA D 62 -12.01 -23.25 26.75
C ALA D 62 -12.69 -23.58 25.43
N THR D 63 -11.89 -23.82 24.38
CA THR D 63 -12.45 -24.25 23.10
C THR D 63 -13.37 -25.46 23.29
N VAL D 64 -12.96 -26.42 24.11
CA VAL D 64 -13.82 -27.56 24.37
C VAL D 64 -15.04 -27.14 25.19
N SER D 65 -14.85 -26.24 26.15
CA SER D 65 -15.99 -25.75 26.93
C SER D 65 -16.93 -24.94 26.05
N ALA D 66 -16.38 -24.14 25.13
CA ALA D 66 -17.21 -23.32 24.23
C ALA D 66 -18.01 -24.21 23.28
N LEU D 67 -17.34 -25.18 22.62
CA LEU D 67 -18.06 -26.16 21.83
C LEU D 67 -19.19 -26.81 22.61
N ARG D 68 -18.98 -27.00 23.91
CA ARG D 68 -20.02 -27.59 24.75
C ARG D 68 -21.26 -26.70 24.79
N LYS D 69 -21.06 -25.40 25.04
CA LYS D 69 -22.19 -24.47 25.06
C LYS D 69 -22.94 -24.48 23.73
N MET D 70 -22.21 -24.51 22.62
CA MET D 70 -22.83 -24.57 21.29
C MET D 70 -23.79 -25.74 21.15
N GLY D 71 -23.58 -26.80 21.92
CA GLY D 71 -24.34 -28.02 21.76
C GLY D 71 -23.66 -29.08 20.94
N VAL D 72 -22.37 -28.89 20.60
CA VAL D 72 -21.59 -29.93 19.96
C VAL D 72 -21.42 -31.10 20.93
N LYS D 73 -21.36 -32.31 20.41
CA LYS D 73 -21.11 -33.48 21.23
C LYS D 73 -19.59 -33.65 21.37
N LEU D 74 -19.14 -33.86 22.62
CA LEU D 74 -17.71 -33.97 22.93
C LEU D 74 -17.44 -35.36 23.49
N THR D 75 -16.20 -35.83 23.30
CA THR D 75 -15.78 -37.13 23.81
C THR D 75 -14.27 -37.17 23.87
N PRO D 76 -13.70 -37.94 24.81
CA PRO D 76 -12.24 -38.14 24.80
C PRO D 76 -11.78 -39.23 23.86
N HIS D 77 -12.68 -39.97 23.26
CA HIS D 77 -12.33 -41.11 22.43
C HIS D 77 -12.40 -40.73 20.96
N ASN D 78 -11.24 -40.65 20.32
CA ASN D 78 -11.21 -40.43 18.88
C ASN D 78 -12.01 -41.48 18.13
N LYS D 79 -12.12 -42.69 18.69
CA LYS D 79 -12.92 -43.74 18.07
C LYS D 79 -14.40 -43.37 18.02
N GLU D 80 -14.95 -42.83 19.11
CA GLU D 80 -16.32 -42.34 19.11
C GLU D 80 -16.53 -41.31 18.01
N THR D 81 -15.57 -40.39 17.84
CA THR D 81 -15.69 -39.37 16.82
C THR D 81 -15.72 -40.00 15.41
N VAL D 82 -14.80 -40.92 15.13
CA VAL D 82 -14.73 -41.56 13.81
C VAL D 82 -16.02 -42.32 13.51
N GLN D 83 -16.50 -43.13 14.46
CA GLN D 83 -17.71 -43.91 14.20
C GLN D 83 -18.95 -43.02 14.16
N HIS D 84 -18.91 -41.89 14.87
CA HIS D 84 -20.00 -40.91 14.75
C HIS D 84 -20.02 -40.28 13.36
N SER D 85 -18.84 -39.97 12.84
CA SER D 85 -18.76 -39.00 11.76
C SER D 85 -18.91 -39.64 10.40
N ASP D 86 -19.42 -38.84 9.46
CA ASP D 86 -19.32 -39.12 8.03
C ASP D 86 -18.14 -38.37 7.44
N VAL D 87 -18.18 -37.03 7.47
CA VAL D 87 -17.01 -36.20 7.17
C VAL D 87 -16.18 -36.04 8.44
N LEU D 88 -14.89 -36.35 8.36
CA LEU D 88 -14.01 -36.31 9.52
C LEU D 88 -12.91 -35.29 9.26
N PHE D 89 -12.91 -34.18 10.01
CA PHE D 89 -11.83 -33.20 9.95
C PHE D 89 -10.71 -33.58 10.92
N LEU D 90 -9.49 -33.65 10.39
CA LEU D 90 -8.29 -33.76 11.24
C LEU D 90 -7.81 -32.35 11.53
N ALA D 91 -8.25 -31.81 12.65
CA ALA D 91 -7.84 -30.47 13.07
C ALA D 91 -6.80 -30.57 14.18
N VAL D 92 -5.65 -31.17 13.88
CA VAL D 92 -4.58 -31.35 14.86
C VAL D 92 -3.30 -30.75 14.28
N LYS D 93 -2.28 -30.65 15.13
CA LYS D 93 -1.03 -30.08 14.68
C LYS D 93 -0.31 -31.07 13.78
N PRO D 94 0.45 -30.59 12.79
CA PRO D 94 1.03 -31.48 11.77
C PRO D 94 1.80 -32.66 12.35
N HIS D 95 2.45 -32.48 13.50
CA HIS D 95 3.31 -33.54 14.01
C HIS D 95 2.54 -34.63 14.74
N ILE D 96 1.25 -34.44 14.98
CA ILE D 96 0.45 -35.46 15.66
C ILE D 96 -0.48 -36.20 14.69
N ILE D 97 -0.60 -35.73 13.44
CA ILE D 97 -1.34 -36.48 12.42
C ILE D 97 -0.93 -37.96 12.35
N PRO D 98 0.36 -38.31 12.22
CA PRO D 98 0.67 -39.74 12.05
C PRO D 98 0.24 -40.60 13.22
N PHE D 99 0.25 -40.06 14.44
CA PHE D 99 -0.30 -40.80 15.58
C PHE D 99 -1.81 -40.97 15.44
N ILE D 100 -2.51 -39.89 15.12
CA ILE D 100 -3.96 -39.95 14.95
C ILE D 100 -4.32 -40.95 13.85
N LEU D 101 -3.65 -40.87 12.70
CA LEU D 101 -3.89 -41.84 11.62
C LEU D 101 -3.66 -43.26 12.11
N ASP D 102 -2.57 -43.48 12.86
CA ASP D 102 -2.30 -44.81 13.35
C ASP D 102 -3.35 -45.24 14.38
N GLU D 103 -3.92 -44.27 15.09
CA GLU D 103 -4.82 -44.59 16.19
C GLU D 103 -6.21 -45.00 15.72
N ILE D 104 -6.74 -44.32 14.71
CA ILE D 104 -8.08 -44.65 14.20
C ILE D 104 -8.03 -45.22 12.79
N GLY D 105 -6.85 -45.64 12.33
CA GLY D 105 -6.73 -46.18 10.99
C GLY D 105 -7.58 -47.42 10.77
N ALA D 106 -7.66 -48.29 11.77
CA ALA D 106 -8.51 -49.47 11.60
C ALA D 106 -9.99 -49.14 11.66
N ASP D 107 -10.36 -47.95 12.09
CA ASP D 107 -11.77 -47.61 12.28
C ASP D 107 -12.36 -46.82 11.12
N ILE D 108 -11.55 -46.44 10.12
CA ILE D 108 -12.12 -45.83 8.93
C ILE D 108 -13.00 -46.84 8.21
N GLU D 109 -14.15 -46.37 7.76
CA GLU D 109 -15.08 -47.13 6.95
C GLU D 109 -15.13 -46.57 5.53
N ASP D 110 -15.81 -47.31 4.66
CA ASP D 110 -15.97 -46.91 3.27
C ASP D 110 -16.59 -45.53 3.14
N ARG D 111 -17.55 -45.20 4.02
CA ARG D 111 -18.31 -43.95 3.90
C ARG D 111 -17.50 -42.70 4.25
N HIS D 112 -16.31 -42.84 4.84
CA HIS D 112 -15.63 -41.68 5.41
C HIS D 112 -14.96 -40.84 4.33
N ILE D 113 -15.14 -39.53 4.47
CA ILE D 113 -14.30 -38.54 3.82
C ILE D 113 -13.44 -37.93 4.91
N VAL D 114 -12.13 -38.10 4.78
CA VAL D 114 -11.17 -37.62 5.79
C VAL D 114 -10.55 -36.34 5.27
N VAL D 115 -10.82 -35.24 5.98
CA VAL D 115 -10.35 -33.90 5.61
C VAL D 115 -9.22 -33.53 6.55
N SER D 116 -7.98 -33.58 6.07
CA SER D 116 -6.87 -33.05 6.85
C SER D 116 -6.84 -31.54 6.79
N CYS D 117 -6.77 -30.88 7.95
CA CYS D 117 -6.59 -29.44 8.02
C CYS D 117 -5.17 -29.00 8.35
N ALA D 118 -4.30 -29.92 8.75
CA ALA D 118 -2.99 -29.54 9.25
C ALA D 118 -2.13 -28.88 8.16
N ALA D 119 -1.29 -27.95 8.57
CA ALA D 119 -0.38 -27.33 7.61
C ALA D 119 0.68 -28.32 7.17
N GLY D 120 0.98 -28.32 5.87
CA GLY D 120 2.14 -29.04 5.37
C GLY D 120 1.98 -30.53 5.09
N VAL D 121 1.13 -31.23 5.82
CA VAL D 121 1.00 -32.69 5.72
C VAL D 121 0.39 -33.07 4.37
N THR D 122 1.08 -33.94 3.63
CA THR D 122 0.64 -34.22 2.27
C THR D 122 -0.46 -35.27 2.24
N ILE D 123 -1.28 -35.19 1.18
CA ILE D 123 -2.27 -36.22 0.89
C ILE D 123 -1.60 -37.58 0.77
N SER D 124 -0.41 -37.62 0.16
CA SER D 124 0.27 -38.89 -0.04
C SER D 124 0.61 -39.55 1.28
N SER D 125 1.11 -38.78 2.26
CA SER D 125 1.47 -39.38 3.54
C SER D 125 0.23 -39.92 4.26
N ILE D 126 -0.92 -39.25 4.11
CA ILE D 126 -2.14 -39.68 4.78
C ILE D 126 -2.70 -40.93 4.11
N GLU D 127 -2.72 -40.94 2.78
CA GLU D 127 -3.22 -42.10 2.07
C GLU D 127 -2.35 -43.32 2.35
N LYS D 128 -1.05 -43.12 2.58
CA LYS D 128 -0.15 -44.23 2.85
C LYS D 128 -0.49 -44.89 4.19
N LYS D 129 -0.58 -44.11 5.27
CA LYS D 129 -0.90 -44.70 6.56
C LYS D 129 -2.29 -45.32 6.56
N LEU D 130 -3.28 -44.59 6.06
CA LEU D 130 -4.64 -45.13 6.04
C LEU D 130 -4.74 -46.37 5.16
N SER D 131 -3.93 -46.46 4.10
CA SER D 131 -4.00 -47.61 3.20
C SER D 131 -3.63 -48.91 3.89
N ALA D 132 -2.74 -48.84 4.89
CA ALA D 132 -2.34 -50.07 5.59
C ALA D 132 -3.52 -50.77 6.24
N PHE D 133 -4.60 -50.05 6.53
CA PHE D 133 -5.77 -50.66 7.16
C PHE D 133 -6.90 -50.99 6.20
N ARG D 134 -6.96 -50.32 5.06
CA ARG D 134 -8.18 -50.36 4.27
C ARG D 134 -7.90 -49.69 2.94
N PRO D 135 -8.22 -50.33 1.82
CA PRO D 135 -7.86 -49.77 0.51
C PRO D 135 -8.73 -48.56 0.17
N ALA D 136 -8.17 -47.67 -0.60
CA ALA D 136 -8.90 -46.55 -1.15
C ALA D 136 -9.47 -45.59 -0.09
N PRO D 137 -8.68 -45.16 0.91
CA PRO D 137 -9.17 -44.11 1.80
C PRO D 137 -9.46 -42.83 1.02
N ARG D 138 -10.61 -42.23 1.32
CA ARG D 138 -11.03 -40.99 0.68
C ARG D 138 -10.50 -39.82 1.50
N VAL D 139 -9.52 -39.10 0.96
CA VAL D 139 -8.79 -38.07 1.68
C VAL D 139 -8.91 -36.75 0.93
N ILE D 140 -9.13 -35.67 1.66
CA ILE D 140 -9.14 -34.31 1.14
C ILE D 140 -8.23 -33.46 2.02
N ARG D 141 -7.38 -32.65 1.41
CA ARG D 141 -6.52 -31.74 2.15
C ARG D 141 -7.04 -30.33 1.95
N CYS D 142 -7.12 -29.58 3.05
CA CYS D 142 -7.59 -28.20 2.97
C CYS D 142 -6.71 -27.31 3.84
N MET D 143 -6.68 -26.03 3.47
CA MET D 143 -6.14 -24.96 4.29
C MET D 143 -7.23 -23.92 4.45
N THR D 144 -7.65 -23.66 5.68
CA THR D 144 -8.69 -22.68 5.93
C THR D 144 -8.17 -21.66 6.94
N ASN D 145 -9.03 -20.83 7.51
CA ASN D 145 -8.57 -19.88 8.53
C ASN D 145 -9.73 -19.54 9.47
N THR D 146 -9.39 -18.91 10.59
CA THR D 146 -10.33 -18.68 11.67
C THR D 146 -11.51 -17.75 11.34
N PRO D 147 -11.41 -16.82 10.36
CA PRO D 147 -12.62 -16.03 10.01
C PRO D 147 -13.80 -16.84 9.47
N VAL D 148 -13.65 -18.16 9.32
CA VAL D 148 -14.81 -19.02 9.07
C VAL D 148 -15.80 -18.81 10.20
N VAL D 149 -15.32 -18.31 11.35
CA VAL D 149 -16.17 -18.16 12.50
C VAL D 149 -17.16 -17.02 12.33
N VAL D 150 -16.92 -16.08 11.42
CA VAL D 150 -17.94 -15.09 11.06
C VAL D 150 -18.31 -15.33 9.60
N ARG D 151 -18.19 -16.59 9.17
CA ARG D 151 -18.54 -17.00 7.81
C ARG D 151 -17.82 -16.16 6.76
N GLU D 152 -16.59 -15.77 7.03
CA GLU D 152 -15.81 -15.09 6.00
C GLU D 152 -14.41 -15.67 5.90
N GLY D 153 -14.33 -17.00 5.93
CA GLY D 153 -13.05 -17.67 5.76
C GLY D 153 -12.58 -17.70 4.32
N ALA D 154 -11.30 -18.06 4.17
CA ALA D 154 -10.68 -18.36 2.89
C ALA D 154 -10.21 -19.80 2.95
N THR D 155 -10.67 -20.62 2.00
CA THR D 155 -10.46 -22.06 2.05
C THR D 155 -10.07 -22.56 0.68
N VAL D 156 -9.02 -23.36 0.61
CA VAL D 156 -8.73 -24.12 -0.59
C VAL D 156 -8.66 -25.59 -0.22
N TYR D 157 -8.92 -26.45 -1.21
CA TYR D 157 -8.86 -27.87 -0.95
C TYR D 157 -8.36 -28.58 -2.21
N ALA D 158 -7.72 -29.72 -1.99
CA ALA D 158 -7.29 -30.61 -3.05
C ALA D 158 -7.87 -31.98 -2.76
N THR D 159 -8.24 -32.71 -3.81
CA THR D 159 -8.80 -34.06 -3.65
C THR D 159 -7.70 -35.10 -3.74
N GLY D 160 -7.81 -36.13 -2.91
CA GLY D 160 -6.90 -37.25 -2.96
C GLY D 160 -7.22 -38.19 -4.12
N THR D 161 -6.47 -39.31 -4.16
CA THR D 161 -6.58 -40.26 -5.25
C THR D 161 -7.97 -40.88 -5.34
N HIS D 162 -8.51 -41.29 -4.21
CA HIS D 162 -9.77 -42.01 -4.17
C HIS D 162 -10.95 -41.12 -3.83
N ALA D 163 -10.75 -39.81 -3.72
CA ALA D 163 -11.86 -38.89 -3.53
C ALA D 163 -12.68 -38.85 -4.82
N GLN D 164 -13.91 -39.36 -4.76
CA GLN D 164 -14.83 -39.27 -5.88
C GLN D 164 -15.22 -37.81 -6.12
N VAL D 165 -15.60 -37.52 -7.37
CA VAL D 165 -15.92 -36.13 -7.73
C VAL D 165 -17.00 -35.59 -6.80
N GLU D 166 -17.94 -36.45 -6.40
CA GLU D 166 -18.96 -36.07 -5.44
C GLU D 166 -18.37 -35.69 -4.08
N ASP D 167 -17.24 -36.27 -3.69
CA ASP D 167 -16.61 -35.84 -2.45
C ASP D 167 -16.11 -34.40 -2.54
N GLY D 168 -15.65 -33.98 -3.72
CA GLY D 168 -15.20 -32.61 -3.86
C GLY D 168 -16.35 -31.64 -3.84
N ARG D 169 -17.45 -31.98 -4.52
CA ARG D 169 -18.61 -31.10 -4.53
C ARG D 169 -19.15 -30.91 -3.12
N LEU D 170 -19.30 -32.01 -2.37
CA LEU D 170 -19.72 -31.92 -0.96
C LEU D 170 -18.80 -31.02 -0.16
N MET D 171 -17.49 -31.21 -0.32
CA MET D 171 -16.53 -30.42 0.46
C MET D 171 -16.65 -28.94 0.12
N GLU D 172 -16.67 -28.60 -1.18
CA GLU D 172 -16.85 -27.22 -1.60
C GLU D 172 -18.18 -26.65 -1.13
N GLN D 173 -19.23 -27.48 -1.10
CA GLN D 173 -20.53 -26.97 -0.67
C GLN D 173 -20.52 -26.67 0.82
N LEU D 174 -20.00 -27.60 1.63
CA LEU D 174 -19.82 -27.33 3.05
C LEU D 174 -18.99 -26.07 3.30
N LEU D 175 -17.80 -25.98 2.72
CA LEU D 175 -16.89 -24.91 3.11
C LEU D 175 -17.27 -23.54 2.54
N SER D 176 -18.00 -23.52 1.42
CA SER D 176 -18.50 -22.25 0.88
C SER D 176 -19.53 -21.58 1.79
N SER D 177 -20.21 -22.33 2.64
CA SER D 177 -21.18 -21.72 3.54
C SER D 177 -20.51 -20.86 4.60
N VAL D 178 -19.22 -21.03 4.83
CA VAL D 178 -18.49 -20.26 5.83
C VAL D 178 -17.42 -19.38 5.22
N GLY D 179 -17.51 -19.13 3.92
CA GLY D 179 -16.64 -18.16 3.28
C GLY D 179 -16.32 -18.56 1.85
N PHE D 180 -15.18 -18.07 1.36
CA PHE D 180 -14.71 -18.41 0.02
C PHE D 180 -14.09 -19.79 0.03
N CYS D 181 -14.35 -20.57 -1.01
CA CYS D 181 -13.84 -21.93 -1.13
C CYS D 181 -13.64 -22.28 -2.60
N THR D 182 -12.45 -22.76 -2.94
CA THR D 182 -12.17 -23.23 -4.29
C THR D 182 -11.23 -24.42 -4.22
N GLU D 183 -11.35 -25.31 -5.21
CA GLU D 183 -10.41 -26.40 -5.36
C GLU D 183 -9.11 -25.89 -5.99
N VAL D 184 -7.98 -26.36 -5.47
CA VAL D 184 -6.67 -26.07 -6.04
C VAL D 184 -5.89 -27.37 -6.16
N GLU D 185 -4.83 -27.34 -6.99
CA GLU D 185 -3.88 -28.44 -6.98
C GLU D 185 -3.17 -28.48 -5.63
N GLU D 186 -2.80 -29.70 -5.20
CA GLU D 186 -2.25 -29.81 -3.85
C GLU D 186 -0.96 -29.02 -3.71
N ASP D 187 -0.18 -28.90 -4.79
CA ASP D 187 1.14 -28.30 -4.59
C ASP D 187 1.10 -26.77 -4.40
N LEU D 188 -0.07 -26.13 -4.38
CA LEU D 188 -0.25 -24.72 -4.05
C LEU D 188 -0.61 -24.48 -2.59
N ILE D 189 -0.85 -25.53 -1.81
CA ILE D 189 -1.47 -25.34 -0.50
C ILE D 189 -0.46 -24.72 0.48
N ASP D 190 0.81 -25.14 0.43
CA ASP D 190 1.85 -24.51 1.23
C ASP D 190 1.89 -22.99 1.02
N ALA D 191 1.76 -22.55 -0.24
CA ALA D 191 1.78 -21.13 -0.54
C ALA D 191 0.50 -20.46 -0.03
N VAL D 192 -0.66 -21.09 -0.29
CA VAL D 192 -1.90 -20.57 0.27
C VAL D 192 -1.78 -20.42 1.78
N THR D 193 -1.16 -21.40 2.43
CA THR D 193 -0.96 -21.32 3.88
C THR D 193 -0.27 -20.02 4.24
N GLY D 194 0.83 -19.69 3.55
CA GLY D 194 1.55 -18.47 3.83
C GLY D 194 0.77 -17.20 3.55
N LEU D 195 -0.22 -17.28 2.64
CA LEU D 195 -1.02 -16.12 2.21
C LEU D 195 -2.28 -15.98 3.05
N SER D 196 -3.26 -16.87 2.86
CA SER D 196 -4.51 -16.74 3.60
C SER D 196 -4.57 -17.55 4.88
N GLY D 197 -3.75 -18.59 5.04
CA GLY D 197 -3.70 -19.28 6.33
C GLY D 197 -3.15 -18.39 7.45
N SER D 198 -1.96 -17.80 7.22
CA SER D 198 -1.32 -16.85 8.13
C SER D 198 -1.84 -15.41 7.98
N GLY D 199 -2.45 -15.09 6.84
CA GLY D 199 -2.98 -13.77 6.52
C GLY D 199 -3.70 -13.02 7.63
N PRO D 200 -4.72 -13.64 8.23
CA PRO D 200 -5.48 -12.89 9.25
C PRO D 200 -4.60 -12.35 10.37
N ALA D 201 -3.53 -13.07 10.71
CA ALA D 201 -2.62 -12.60 11.74
C ALA D 201 -1.83 -11.39 11.26
N TYR D 202 -1.46 -11.38 9.98
CA TYR D 202 -0.85 -10.17 9.43
C TYR D 202 -1.79 -8.99 9.61
N ALA D 203 -3.06 -9.19 9.24
CA ALA D 203 -4.06 -8.13 9.33
C ALA D 203 -4.32 -7.71 10.76
N PHE D 204 -4.34 -8.66 11.70
CA PHE D 204 -4.51 -8.27 13.10
C PHE D 204 -3.36 -7.37 13.56
N THR D 205 -2.14 -7.66 13.08
CA THR D 205 -1.01 -6.79 13.37
C THR D 205 -1.17 -5.42 12.73
N ALA D 206 -1.53 -5.39 11.44
CA ALA D 206 -1.86 -4.14 10.77
C ALA D 206 -2.87 -3.31 11.57
N LEU D 207 -3.99 -3.93 12.00
CA LEU D 207 -5.05 -3.17 12.65
C LEU D 207 -4.60 -2.63 14.00
N ASP D 208 -3.83 -3.43 14.74
CA ASP D 208 -3.34 -2.95 16.01
C ASP D 208 -2.42 -1.74 15.81
N ALA D 209 -1.53 -1.80 14.81
CA ALA D 209 -0.61 -0.69 14.58
C ALA D 209 -1.36 0.52 14.03
N LEU D 210 -2.29 0.30 13.09
CA LEU D 210 -3.08 1.40 12.55
C LEU D 210 -3.82 2.13 13.67
N ALA D 211 -4.36 1.36 14.62
CA ALA D 211 -5.00 1.97 15.78
C ALA D 211 -3.97 2.72 16.63
N ASP D 212 -2.74 2.19 16.75
CA ASP D 212 -1.71 2.96 17.44
C ASP D 212 -1.45 4.27 16.72
N GLY D 213 -1.58 4.26 15.39
CA GLY D 213 -1.39 5.49 14.64
C GLY D 213 -2.52 6.48 14.89
N GLY D 214 -3.76 5.99 14.90
CA GLY D 214 -4.85 6.87 15.22
C GLY D 214 -4.71 7.47 16.60
N VAL D 215 -4.32 6.64 17.58
CA VAL D 215 -4.15 7.12 18.95
C VAL D 215 -3.02 8.14 19.02
N LYS D 216 -1.89 7.89 18.35
CA LYS D 216 -0.80 8.87 18.38
C LYS D 216 -1.26 10.24 17.87
N MET D 217 -2.17 10.26 16.91
CA MET D 217 -2.66 11.50 16.34
C MET D 217 -3.87 12.06 17.08
N GLY D 218 -4.31 11.42 18.16
CA GLY D 218 -5.28 12.01 19.06
C GLY D 218 -6.62 11.32 19.15
N LEU D 219 -6.82 10.20 18.47
CA LEU D 219 -8.11 9.50 18.52
C LEU D 219 -8.21 8.64 19.77
N PRO D 220 -9.41 8.53 20.34
CA PRO D 220 -9.63 7.51 21.37
C PRO D 220 -9.39 6.12 20.79
N ARG D 221 -8.84 5.24 21.62
CA ARG D 221 -8.45 3.91 21.16
CA ARG D 221 -8.44 3.92 21.13
C ARG D 221 -9.62 3.17 20.53
N ARG D 222 -10.77 3.18 21.22
CA ARG D 222 -11.96 2.49 20.70
C ARG D 222 -12.30 2.97 19.29
N LEU D 223 -12.42 4.28 19.10
CA LEU D 223 -12.76 4.83 17.78
C LEU D 223 -11.69 4.47 16.76
N ALA D 224 -10.42 4.40 17.19
CA ALA D 224 -9.35 4.16 16.23
C ALA D 224 -9.37 2.71 15.77
N VAL D 225 -9.61 1.76 16.67
CA VAL D 225 -9.78 0.36 16.29
C VAL D 225 -10.95 0.20 15.33
N ARG D 226 -12.08 0.85 15.65
CA ARG D 226 -13.28 0.74 14.83
C ARG D 226 -13.04 1.22 13.41
N LEU D 227 -12.46 2.42 13.26
CA LEU D 227 -12.24 2.96 11.93
C LEU D 227 -11.19 2.17 11.16
N GLY D 228 -10.17 1.67 11.85
CA GLY D 228 -9.16 0.90 11.15
C GLY D 228 -9.75 -0.39 10.60
N ALA D 229 -10.51 -1.10 11.44
CA ALA D 229 -11.12 -2.35 11.01
C ALA D 229 -12.09 -2.11 9.86
N GLN D 230 -12.96 -1.09 10.00
CA GLN D 230 -13.91 -0.77 8.94
C GLN D 230 -13.20 -0.38 7.65
N ALA D 231 -12.04 0.28 7.76
CA ALA D 231 -11.33 0.71 6.55
C ALA D 231 -10.77 -0.49 5.82
N LEU D 232 -10.21 -1.45 6.55
CA LEU D 232 -9.66 -2.64 5.90
C LEU D 232 -10.78 -3.52 5.37
N LEU D 233 -11.89 -3.63 6.11
CA LEU D 233 -13.03 -4.40 5.63
C LEU D 233 -13.59 -3.82 4.33
N GLY D 234 -13.83 -2.51 4.32
CA GLY D 234 -14.37 -1.87 3.13
C GLY D 234 -13.43 -1.96 1.95
N ALA D 235 -12.12 -1.77 2.18
CA ALA D 235 -11.19 -1.84 1.06
C ALA D 235 -11.19 -3.23 0.44
N ALA D 236 -11.04 -4.26 1.29
CA ALA D 236 -11.04 -5.63 0.81
C ALA D 236 -12.31 -5.96 0.04
N LYS D 237 -13.48 -5.63 0.62
CA LYS D 237 -14.74 -5.90 -0.08
C LYS D 237 -14.83 -5.13 -1.38
N MET D 238 -14.34 -3.89 -1.39
CA MET D 238 -14.42 -3.09 -2.58
C MET D 238 -13.60 -3.72 -3.70
N LEU D 239 -12.38 -4.17 -3.39
CA LEU D 239 -11.56 -4.85 -4.38
C LEU D 239 -12.23 -6.13 -4.88
N LEU D 240 -12.85 -6.89 -4.00
CA LEU D 240 -13.49 -8.14 -4.46
C LEU D 240 -14.65 -7.86 -5.41
N HIS D 241 -15.36 -6.75 -5.25
CA HIS D 241 -16.47 -6.44 -6.16
C HIS D 241 -16.04 -5.60 -7.37
N SER D 242 -14.74 -5.39 -7.56
CA SER D 242 -14.23 -4.53 -8.61
C SER D 242 -13.56 -5.35 -9.71
N GLU D 243 -13.70 -4.87 -10.94
CA GLU D 243 -12.96 -5.37 -12.09
C GLU D 243 -11.62 -4.66 -12.25
N GLN D 244 -11.21 -3.86 -11.26
CA GLN D 244 -10.02 -3.04 -11.35
C GLN D 244 -8.88 -3.68 -10.58
N HIS D 245 -7.68 -3.51 -11.09
CA HIS D 245 -6.47 -3.91 -10.39
C HIS D 245 -6.33 -3.09 -9.10
N PRO D 246 -5.80 -3.66 -8.01
CA PRO D 246 -5.70 -2.88 -6.77
C PRO D 246 -4.86 -1.62 -6.90
N GLY D 247 -3.80 -1.63 -7.71
CA GLY D 247 -3.07 -0.40 -7.98
C GLY D 247 -3.94 0.68 -8.58
N GLN D 248 -4.96 0.29 -9.36
CA GLN D 248 -5.82 1.27 -9.99
C GLN D 248 -6.79 1.89 -8.98
N LEU D 249 -7.22 1.09 -8.00
CA LEU D 249 -8.05 1.67 -6.94
C LEU D 249 -7.22 2.64 -6.10
N LYS D 250 -6.00 2.22 -5.75
CA LYS D 250 -5.00 3.08 -5.15
C LYS D 250 -4.95 4.41 -5.91
N ASP D 251 -4.82 4.32 -7.24
CA ASP D 251 -4.73 5.52 -8.06
C ASP D 251 -6.01 6.34 -8.02
N ASN D 252 -7.17 5.67 -8.02
CA ASN D 252 -8.43 6.39 -8.02
C ASN D 252 -8.60 7.29 -6.79
N VAL D 253 -8.04 6.89 -5.65
CA VAL D 253 -8.35 7.52 -4.37
C VAL D 253 -7.20 8.38 -3.85
N SER D 254 -6.15 8.57 -4.64
CA SER D 254 -4.97 9.36 -4.26
C SER D 254 -5.00 10.69 -4.99
N SER D 255 -5.45 11.74 -4.30
CA SER D 255 -5.53 13.05 -4.93
C SER D 255 -4.14 13.65 -5.09
N PRO D 256 -3.86 14.30 -6.22
CA PRO D 256 -2.56 14.95 -6.41
C PRO D 256 -2.16 15.82 -5.23
N GLY D 257 -0.91 15.67 -4.78
CA GLY D 257 -0.38 16.35 -3.61
C GLY D 257 -1.08 16.13 -2.28
N GLY D 258 -2.07 15.24 -2.23
CA GLY D 258 -2.92 15.11 -1.08
C GLY D 258 -2.32 14.33 0.08
N ALA D 259 -3.17 14.08 1.07
CA ALA D 259 -2.76 13.36 2.27
C ALA D 259 -2.38 11.91 1.98
N THR D 260 -3.12 11.23 1.10
CA THR D 260 -2.91 9.79 0.91
C THR D 260 -1.59 9.49 0.20
N ILE D 261 -1.30 10.22 -0.87
CA ILE D 261 -0.06 9.97 -1.58
C ILE D 261 1.15 10.30 -0.70
N HIS D 262 1.00 11.24 0.23
CA HIS D 262 2.09 11.47 1.18
C HIS D 262 2.30 10.26 2.08
N ALA D 263 1.20 9.70 2.61
CA ALA D 263 1.33 8.51 3.45
C ALA D 263 1.85 7.32 2.64
N LEU D 264 1.42 7.19 1.38
CA LEU D 264 1.92 6.07 0.59
C LEU D 264 3.41 6.18 0.41
N HIS D 265 3.92 7.40 0.25
CA HIS D 265 5.35 7.57 0.10
C HIS D 265 6.09 7.06 1.32
N VAL D 266 5.61 7.38 2.53
CA VAL D 266 6.38 6.88 3.67
C VAL D 266 6.30 5.35 3.77
N LEU D 267 5.16 4.72 3.39
CA LEU D 267 5.11 3.25 3.31
C LEU D 267 6.13 2.71 2.32
N GLU D 268 6.19 3.29 1.13
CA GLU D 268 7.20 2.89 0.17
C GLU D 268 8.62 2.99 0.74
N SER D 269 8.90 4.05 1.51
CA SER D 269 10.28 4.30 1.94
C SER D 269 10.78 3.26 2.93
N GLY D 270 9.88 2.73 3.74
CA GLY D 270 10.21 1.63 4.61
C GLY D 270 10.08 0.25 3.98
N GLY D 271 9.88 0.17 2.66
CA GLY D 271 9.73 -1.11 2.00
C GLY D 271 8.51 -1.91 2.44
N PHE D 272 7.40 -1.22 2.73
CA PHE D 272 6.14 -1.86 3.13
C PHE D 272 5.79 -3.07 2.27
N ARG D 273 5.74 -2.88 0.95
CA ARG D 273 5.37 -3.99 0.08
C ARG D 273 6.26 -5.20 0.32
N SER D 274 7.57 -4.98 0.44
CA SER D 274 8.46 -6.14 0.52
C SER D 274 8.31 -6.87 1.85
N LEU D 275 7.90 -6.20 2.92
CA LEU D 275 7.70 -6.93 4.16
C LEU D 275 6.56 -7.94 4.02
N LEU D 276 5.49 -7.57 3.31
CA LEU D 276 4.38 -8.50 3.16
C LEU D 276 4.79 -9.67 2.28
N ILE D 277 5.60 -9.41 1.26
CA ILE D 277 6.18 -10.49 0.48
C ILE D 277 7.05 -11.35 1.37
N ASN D 278 7.85 -10.72 2.24
CA ASN D 278 8.70 -11.49 3.16
C ASN D 278 7.84 -12.37 4.04
N ALA D 279 6.73 -11.84 4.56
CA ALA D 279 5.87 -12.62 5.46
C ALA D 279 5.33 -13.88 4.76
N VAL D 280 4.64 -13.72 3.63
CA VAL D 280 4.09 -14.85 2.89
C VAL D 280 5.18 -15.90 2.62
N GLU D 281 6.33 -15.46 2.10
CA GLU D 281 7.43 -16.35 1.83
C GLU D 281 7.84 -17.13 3.07
N ALA D 282 7.95 -16.44 4.20
CA ALA D 282 8.47 -17.08 5.41
C ALA D 282 7.49 -18.08 5.96
N SER D 283 6.19 -17.77 5.91
CA SER D 283 5.17 -18.73 6.32
C SER D 283 5.15 -19.96 5.42
N CYS D 284 5.15 -19.76 4.10
CA CYS D 284 5.18 -20.90 3.19
C CYS D 284 6.42 -21.76 3.39
N ILE D 285 7.58 -21.13 3.55
CA ILE D 285 8.82 -21.88 3.75
C ILE D 285 8.78 -22.65 5.05
N ARG D 286 8.24 -22.03 6.09
CA ARG D 286 8.11 -22.74 7.36
C ARG D 286 7.15 -23.91 7.21
N THR D 287 6.05 -23.72 6.46
CA THR D 287 5.07 -24.78 6.24
C THR D 287 5.70 -26.00 5.57
N ARG D 288 6.70 -25.78 4.70
CA ARG D 288 7.38 -26.90 4.07
C ARG D 288 8.28 -27.62 5.06
N GLU D 289 8.91 -26.88 5.97
CA GLU D 289 9.76 -27.50 6.98
C GLU D 289 8.95 -28.30 7.98
N LEU D 290 7.68 -27.95 8.18
CA LEU D 290 6.85 -28.68 9.13
C LEU D 290 6.52 -30.08 8.61
N GLN D 291 6.40 -30.27 7.30
CA GLN D 291 6.21 -31.63 6.79
C GLN D 291 7.53 -32.36 6.58
N SER D 292 8.61 -31.65 6.25
CA SER D 292 9.92 -32.28 6.13
C SER D 292 10.58 -32.43 7.50
N MET E 23 -8.88 10.15 57.74
CA MET E 23 -9.13 11.20 56.75
C MET E 23 -10.10 10.75 55.67
N SER E 24 -10.37 11.63 54.71
CA SER E 24 -11.30 11.36 53.61
C SER E 24 -10.72 11.93 52.33
N VAL E 25 -10.55 11.09 51.31
CA VAL E 25 -9.95 11.50 50.05
C VAL E 25 -11.01 11.52 48.96
N GLY E 26 -10.72 12.26 47.90
CA GLY E 26 -11.64 12.37 46.78
C GLY E 26 -10.88 12.41 45.47
N PHE E 27 -11.56 11.98 44.41
CA PHE E 27 -11.00 11.91 43.07
C PHE E 27 -11.87 12.69 42.11
N ILE E 28 -11.24 13.54 41.30
CA ILE E 28 -11.90 14.16 40.15
C ILE E 28 -11.45 13.40 38.91
N GLY E 29 -12.40 12.95 38.11
CA GLY E 29 -12.10 12.00 37.06
C GLY E 29 -12.05 10.61 37.69
N ALA E 30 -12.86 9.68 37.18
CA ALA E 30 -12.91 8.32 37.71
C ALA E 30 -12.25 7.35 36.73
N GLY E 31 -11.16 7.81 36.10
CA GLY E 31 -10.56 7.08 35.00
C GLY E 31 -9.76 5.87 35.44
N GLN E 32 -8.81 5.48 34.58
CA GLN E 32 -7.91 4.38 34.88
C GLN E 32 -7.11 4.66 36.16
N LEU E 33 -6.73 5.92 36.39
CA LEU E 33 -5.86 6.23 37.51
C LEU E 33 -6.63 6.30 38.82
N ALA E 34 -7.77 7.00 38.83
CA ALA E 34 -8.59 7.06 40.05
C ALA E 34 -8.99 5.66 40.52
N PHE E 35 -9.32 4.77 39.59
CA PHE E 35 -9.62 3.41 39.99
C PHE E 35 -8.39 2.72 40.57
N ALA E 36 -7.23 2.93 39.94
CA ALA E 36 -6.02 2.24 40.37
C ALA E 36 -5.62 2.65 41.78
N LEU E 37 -5.65 3.95 42.07
CA LEU E 37 -5.31 4.42 43.40
C LEU E 37 -6.33 3.91 44.43
N ALA E 38 -7.62 4.00 44.10
CA ALA E 38 -8.64 3.56 45.03
C ALA E 38 -8.48 2.08 45.36
N LYS E 39 -8.18 1.27 44.35
CA LYS E 39 -7.85 -0.14 44.61
C LYS E 39 -6.64 -0.24 45.53
N GLY E 40 -5.57 0.48 45.21
CA GLY E 40 -4.35 0.40 46.00
C GLY E 40 -4.52 0.91 47.42
N PHE E 41 -5.02 2.14 47.58
CA PHE E 41 -5.16 2.72 48.92
C PHE E 41 -5.94 1.78 49.83
N THR E 42 -7.07 1.27 49.36
CA THR E 42 -7.90 0.39 50.19
C THR E 42 -7.21 -0.94 50.45
N ALA E 43 -6.63 -1.55 49.41
CA ALA E 43 -5.91 -2.80 49.60
C ALA E 43 -4.79 -2.67 50.63
N ALA E 44 -4.18 -1.48 50.71
CA ALA E 44 -3.10 -1.29 51.67
C ALA E 44 -3.57 -1.23 53.11
N GLY E 45 -4.88 -1.04 53.32
CA GLY E 45 -5.40 -0.68 54.62
C GLY E 45 -5.26 0.78 54.97
N VAL E 46 -4.77 1.61 54.04
CA VAL E 46 -4.63 3.03 54.29
C VAL E 46 -6.01 3.69 54.40
N LEU E 47 -6.95 3.26 53.56
CA LEU E 47 -8.27 3.86 53.49
C LEU E 47 -9.35 2.79 53.45
N ALA E 48 -10.58 3.23 53.73
CA ALA E 48 -11.79 2.46 53.50
C ALA E 48 -12.49 3.00 52.26
N ALA E 49 -13.08 2.10 51.47
CA ALA E 49 -13.61 2.48 50.18
C ALA E 49 -14.71 3.55 50.28
N HIS E 50 -15.46 3.56 51.38
CA HIS E 50 -16.55 4.53 51.51
C HIS E 50 -16.09 5.88 52.05
N LYS E 51 -14.85 5.99 52.53
CA LYS E 51 -14.24 7.29 52.79
C LYS E 51 -13.60 7.88 51.54
N ILE E 52 -13.92 7.35 50.37
CA ILE E 52 -13.41 7.82 49.09
C ILE E 52 -14.60 8.12 48.19
N MET E 53 -14.58 9.29 47.54
CA MET E 53 -15.58 9.66 46.54
C MET E 53 -14.88 10.01 45.24
N ALA E 54 -15.58 9.79 44.12
CA ALA E 54 -15.02 10.09 42.82
C ALA E 54 -16.13 10.58 41.89
N SER E 55 -15.74 11.31 40.84
CA SER E 55 -16.68 11.88 39.89
C SER E 55 -16.13 11.75 38.48
N SER E 56 -17.03 11.80 37.49
CA SER E 56 -16.64 11.64 36.09
C SER E 56 -17.56 12.49 35.22
N PRO E 57 -17.09 12.96 34.07
CA PRO E 57 -18.00 13.62 33.13
C PRO E 57 -19.07 12.68 32.59
N ASP E 58 -18.66 11.50 32.14
CA ASP E 58 -19.56 10.42 31.77
C ASP E 58 -19.44 9.34 32.83
N MET E 59 -20.56 8.99 33.46
CA MET E 59 -20.60 7.92 34.44
C MET E 59 -20.79 6.56 33.80
N ASP E 60 -20.72 6.47 32.47
CA ASP E 60 -20.91 5.22 31.75
C ASP E 60 -19.60 4.47 31.50
N LEU E 61 -18.47 5.00 31.96
CA LEU E 61 -17.19 4.32 31.78
C LEU E 61 -17.11 3.08 32.68
N ALA E 62 -16.38 2.07 32.19
CA ALA E 62 -16.31 0.80 32.92
C ALA E 62 -15.62 0.97 34.26
N THR E 63 -14.61 1.85 34.33
CA THR E 63 -13.96 2.14 35.60
C THR E 63 -14.94 2.78 36.59
N VAL E 64 -15.85 3.62 36.08
CA VAL E 64 -16.86 4.22 36.95
C VAL E 64 -17.75 3.15 37.55
N SER E 65 -18.17 2.17 36.74
CA SER E 65 -18.97 1.06 37.27
C SER E 65 -18.13 0.16 38.17
N ALA E 66 -16.85 -0.04 37.83
CA ALA E 66 -15.97 -0.86 38.64
C ALA E 66 -15.80 -0.29 40.04
N LEU E 67 -15.53 1.02 40.13
CA LEU E 67 -15.45 1.68 41.44
C LEU E 67 -16.71 1.49 42.25
N ARG E 68 -17.86 1.30 41.59
CA ARG E 68 -19.10 1.03 42.31
C ARG E 68 -19.08 -0.36 42.94
N LYS E 69 -18.44 -1.34 42.27
CA LYS E 69 -18.26 -2.66 42.88
C LYS E 69 -17.40 -2.55 44.14
N MET E 70 -16.31 -1.79 44.07
CA MET E 70 -15.45 -1.52 45.23
C MET E 70 -16.21 -0.89 46.38
N GLY E 71 -17.31 -0.21 46.11
CA GLY E 71 -18.03 0.51 47.13
C GLY E 71 -17.61 1.94 47.31
N VAL E 72 -16.81 2.49 46.39
CA VAL E 72 -16.43 3.90 46.43
C VAL E 72 -17.61 4.74 45.98
N LYS E 73 -17.88 5.81 46.71
CA LYS E 73 -18.95 6.72 46.33
C LYS E 73 -18.64 7.36 44.97
N LEU E 74 -19.68 7.48 44.15
CA LEU E 74 -19.58 8.07 42.82
C LEU E 74 -20.64 9.15 42.68
N THR E 75 -20.39 10.13 41.82
CA THR E 75 -21.28 11.28 41.65
C THR E 75 -20.93 11.97 40.34
N PRO E 76 -21.89 12.63 39.70
CA PRO E 76 -21.57 13.43 38.50
C PRO E 76 -21.24 14.88 38.77
N HIS E 77 -21.20 15.28 40.05
CA HIS E 77 -20.93 16.65 40.45
C HIS E 77 -19.62 16.68 41.22
N ASN E 78 -18.67 17.49 40.74
CA ASN E 78 -17.39 17.65 41.42
C ASN E 78 -17.56 18.33 42.78
N LYS E 79 -18.53 19.23 42.92
CA LYS E 79 -18.74 19.93 44.18
C LYS E 79 -18.94 18.96 45.33
N GLU E 80 -19.58 17.82 45.07
CA GLU E 80 -19.68 16.77 46.09
C GLU E 80 -18.30 16.23 46.45
N THR E 81 -17.52 15.85 45.44
CA THR E 81 -16.18 15.30 45.69
C THR E 81 -15.31 16.29 46.45
N VAL E 82 -15.45 17.58 46.15
CA VAL E 82 -14.73 18.61 46.90
C VAL E 82 -15.23 18.66 48.34
N GLN E 83 -16.54 18.90 48.51
CA GLN E 83 -17.11 19.04 49.85
C GLN E 83 -16.95 17.77 50.67
N HIS E 84 -16.81 16.61 50.01
CA HIS E 84 -16.58 15.37 50.72
C HIS E 84 -15.14 15.25 51.21
N SER E 85 -14.19 15.61 50.36
CA SER E 85 -12.81 15.19 50.55
C SER E 85 -11.98 16.23 51.30
N ASP E 86 -10.95 15.74 51.99
CA ASP E 86 -9.90 16.54 52.57
C ASP E 86 -8.72 16.64 51.62
N VAL E 87 -8.20 15.49 51.20
CA VAL E 87 -7.15 15.39 50.19
C VAL E 87 -7.82 15.06 48.87
N LEU E 88 -7.57 15.88 47.85
CA LEU E 88 -8.28 15.77 46.57
C LEU E 88 -7.27 15.53 45.45
N PHE E 89 -7.47 14.44 44.72
CA PHE E 89 -6.65 14.12 43.57
C PHE E 89 -7.30 14.66 42.30
N LEU E 90 -6.53 15.39 41.50
CA LEU E 90 -6.95 15.79 40.16
C LEU E 90 -6.46 14.72 39.19
N ALA E 91 -7.33 13.75 38.91
CA ALA E 91 -6.96 12.62 38.05
C ALA E 91 -7.67 12.68 36.70
N VAL E 92 -7.44 13.75 35.95
CA VAL E 92 -8.01 13.95 34.63
C VAL E 92 -6.86 14.26 33.67
N LYS E 93 -7.18 14.31 32.38
CA LYS E 93 -6.18 14.59 31.35
C LYS E 93 -5.59 15.99 31.57
N PRO E 94 -4.33 16.20 31.19
CA PRO E 94 -3.70 17.51 31.45
C PRO E 94 -4.44 18.71 30.86
N HIS E 95 -5.04 18.58 29.67
CA HIS E 95 -5.80 19.68 29.11
C HIS E 95 -7.13 19.91 29.84
N ILE E 96 -7.57 18.96 30.66
CA ILE E 96 -8.80 19.13 31.43
C ILE E 96 -8.57 20.01 32.65
N ILE E 97 -7.36 19.97 33.23
CA ILE E 97 -7.13 20.59 34.54
C ILE E 97 -7.60 22.04 34.61
N PRO E 98 -7.29 22.92 33.65
CA PRO E 98 -7.73 24.32 33.80
C PRO E 98 -9.24 24.48 33.86
N PHE E 99 -9.99 23.69 33.07
CA PHE E 99 -11.45 23.76 33.17
C PHE E 99 -11.94 23.35 34.55
N ILE E 100 -11.21 22.45 35.21
CA ILE E 100 -11.62 21.97 36.52
C ILE E 100 -11.30 23.01 37.59
N LEU E 101 -10.14 23.65 37.48
CA LEU E 101 -9.73 24.66 38.48
C LEU E 101 -10.68 25.85 38.49
N ASP E 102 -11.17 26.29 37.32
CA ASP E 102 -12.20 27.31 37.27
C ASP E 102 -13.50 26.83 37.89
N GLU E 103 -13.72 25.51 37.95
CA GLU E 103 -14.97 24.94 38.44
C GLU E 103 -14.97 24.72 39.94
N ILE E 104 -13.85 24.28 40.52
CA ILE E 104 -13.79 23.97 41.94
C ILE E 104 -13.20 25.10 42.77
N GLY E 105 -12.66 26.15 42.13
CA GLY E 105 -11.79 27.08 42.83
C GLY E 105 -12.43 27.72 44.04
N ALA E 106 -13.62 28.33 43.85
CA ALA E 106 -14.31 28.97 44.97
C ALA E 106 -14.70 27.98 46.06
N ASP E 107 -14.68 26.68 45.74
CA ASP E 107 -15.08 25.62 46.66
C ASP E 107 -13.90 25.00 47.39
N ILE E 108 -12.78 25.70 47.50
CA ILE E 108 -11.60 25.19 48.18
C ILE E 108 -11.53 25.78 49.57
N GLU E 109 -11.45 24.91 50.58
CA GLU E 109 -11.37 25.29 51.98
C GLU E 109 -9.91 25.40 52.42
N ASP E 110 -9.72 26.04 53.58
CA ASP E 110 -8.39 26.08 54.20
C ASP E 110 -7.82 24.68 54.44
N ARG E 111 -8.67 23.64 54.41
CA ARG E 111 -8.26 22.28 54.74
C ARG E 111 -7.87 21.47 53.52
N HIS E 112 -8.21 21.92 52.31
CA HIS E 112 -8.04 21.09 51.13
C HIS E 112 -6.57 20.98 50.73
N ILE E 113 -6.14 19.75 50.46
CA ILE E 113 -4.85 19.49 49.82
C ILE E 113 -5.15 19.05 48.40
N VAL E 114 -4.78 19.87 47.44
CA VAL E 114 -5.04 19.61 46.03
C VAL E 114 -3.83 18.91 45.43
N VAL E 115 -4.05 17.73 44.86
CA VAL E 115 -2.99 16.89 44.32
C VAL E 115 -3.27 16.65 42.84
N SER E 116 -2.47 17.27 41.98
CA SER E 116 -2.61 17.10 40.54
C SER E 116 -1.76 15.94 40.07
N CYS E 117 -2.37 15.05 39.29
CA CYS E 117 -1.69 13.89 38.70
C CYS E 117 -1.47 14.05 37.21
N ALA E 118 -1.88 15.18 36.62
CA ALA E 118 -1.77 15.36 35.18
C ALA E 118 -0.31 15.50 34.76
N ALA E 119 0.03 14.84 33.64
CA ALA E 119 1.39 14.97 33.13
C ALA E 119 1.66 16.40 32.71
N GLY E 120 2.86 16.88 33.05
CA GLY E 120 3.37 18.16 32.56
C GLY E 120 2.72 19.42 33.11
N VAL E 121 1.64 19.32 33.88
CA VAL E 121 0.93 20.51 34.35
C VAL E 121 1.64 21.06 35.59
N THR E 122 2.10 22.30 35.51
CA THR E 122 3.02 22.86 36.50
C THR E 122 2.30 23.36 37.75
N ILE E 123 3.00 23.26 38.88
CA ILE E 123 2.47 23.79 40.13
C ILE E 123 2.13 25.27 39.98
N SER E 124 2.88 25.98 39.15
CA SER E 124 2.68 27.42 39.00
C SER E 124 1.31 27.73 38.40
N SER E 125 0.96 27.06 37.30
CA SER E 125 -0.32 27.33 36.65
C SER E 125 -1.48 26.97 37.54
N ILE E 126 -1.31 25.97 38.41
CA ILE E 126 -2.39 25.53 39.28
C ILE E 126 -2.56 26.49 40.45
N GLU E 127 -1.46 26.95 41.02
CA GLU E 127 -1.52 27.98 42.05
C GLU E 127 -1.98 29.32 41.49
N LYS E 128 -1.78 29.55 40.19
CA LYS E 128 -2.27 30.78 39.58
C LYS E 128 -3.78 30.75 39.43
N LYS E 129 -4.32 29.64 38.90
CA LYS E 129 -5.77 29.55 38.71
C LYS E 129 -6.50 29.55 40.04
N LEU E 130 -5.96 28.86 41.04
CA LEU E 130 -6.60 28.71 42.33
C LEU E 130 -6.35 29.87 43.29
N SER E 131 -5.39 30.75 43.00
CA SER E 131 -5.21 31.93 43.84
C SER E 131 -6.33 32.94 43.65
N ALA E 132 -7.04 32.88 42.52
CA ALA E 132 -8.13 33.78 42.18
C ALA E 132 -9.41 33.55 42.99
N PHE E 133 -9.39 32.63 43.97
CA PHE E 133 -10.58 32.34 44.77
C PHE E 133 -10.27 32.50 46.25
N ARG E 134 -9.39 31.64 46.76
CA ARG E 134 -8.84 31.77 48.10
C ARG E 134 -7.33 31.89 48.00
N PRO E 135 -6.71 32.76 48.80
CA PRO E 135 -5.25 32.88 48.74
C PRO E 135 -4.58 31.67 49.37
N ALA E 136 -3.36 31.40 48.93
CA ALA E 136 -2.52 30.33 49.46
C ALA E 136 -3.15 28.94 49.35
N PRO E 137 -3.47 28.46 48.14
CA PRO E 137 -3.94 27.08 48.01
C PRO E 137 -2.80 26.11 48.25
N ARG E 138 -3.15 24.94 48.79
CA ARG E 138 -2.17 23.93 49.18
C ARG E 138 -2.11 22.86 48.08
N VAL E 139 -1.16 23.02 47.18
CA VAL E 139 -1.06 22.23 45.96
C VAL E 139 0.15 21.31 46.05
N ILE E 140 -0.04 20.05 45.65
CA ILE E 140 1.03 19.08 45.49
C ILE E 140 0.89 18.48 44.09
N ARG E 141 2.01 18.41 43.37
CA ARG E 141 2.04 17.77 42.07
C ARG E 141 2.72 16.41 42.17
N CYS E 142 2.20 15.43 41.43
CA CYS E 142 2.84 14.13 41.40
C CYS E 142 2.77 13.55 39.99
N MET E 143 3.66 12.60 39.76
CA MET E 143 3.57 11.69 38.62
C MET E 143 3.66 10.28 39.19
N THR E 144 2.64 9.48 38.91
CA THR E 144 2.58 8.09 39.34
C THR E 144 2.20 7.26 38.12
N ASN E 145 2.10 5.94 38.30
CA ASN E 145 1.70 5.04 37.22
C ASN E 145 0.67 4.05 37.75
N THR E 146 0.18 3.18 36.87
CA THR E 146 -0.97 2.34 37.22
C THR E 146 -0.65 1.14 38.12
N PRO E 147 0.63 0.61 38.18
CA PRO E 147 0.91 -0.50 39.12
C PRO E 147 0.57 -0.26 40.59
N VAL E 148 0.05 0.93 40.93
CA VAL E 148 -0.55 1.10 42.24
C VAL E 148 -1.72 0.16 42.46
N VAL E 149 -2.27 -0.43 41.38
CA VAL E 149 -3.32 -1.46 41.54
C VAL E 149 -2.76 -2.66 42.28
N VAL E 150 -1.54 -3.06 41.94
CA VAL E 150 -0.88 -4.16 42.62
C VAL E 150 0.10 -3.64 43.68
N ARG E 151 -0.08 -2.39 44.12
CA ARG E 151 0.68 -1.79 45.22
C ARG E 151 2.20 -1.83 44.95
N GLU E 152 2.56 -1.57 43.70
CA GLU E 152 3.96 -1.59 43.26
C GLU E 152 4.18 -0.49 42.23
N GLY E 153 3.50 0.63 42.40
CA GLY E 153 3.68 1.76 41.53
C GLY E 153 4.88 2.59 41.90
N ALA E 154 5.21 3.52 41.00
CA ALA E 154 6.31 4.45 41.20
C ALA E 154 5.73 5.87 41.22
N THR E 155 5.91 6.57 42.32
CA THR E 155 5.39 7.93 42.50
C THR E 155 6.53 8.86 42.88
N VAL E 156 6.62 10.01 42.22
CA VAL E 156 7.34 11.16 42.74
C VAL E 156 6.35 12.28 42.93
N TYR E 157 6.72 13.25 43.79
CA TYR E 157 5.85 14.39 44.04
C TYR E 157 6.70 15.58 44.43
N ALA E 158 6.17 16.78 44.14
CA ALA E 158 6.78 18.05 44.52
C ALA E 158 5.76 18.88 45.30
N THR E 159 6.21 19.51 46.37
CA THR E 159 5.34 20.35 47.19
C THR E 159 5.23 21.75 46.59
N GLY E 160 4.05 22.32 46.71
CA GLY E 160 3.78 23.63 46.17
C GLY E 160 4.27 24.74 47.09
N THR E 161 3.83 25.96 46.76
CA THR E 161 4.25 27.15 47.50
C THR E 161 3.75 27.09 48.94
N HIS E 162 2.45 26.86 49.14
CA HIS E 162 1.84 26.87 50.46
C HIS E 162 1.60 25.47 50.98
N ALA E 163 2.45 24.51 50.62
CA ALA E 163 2.32 23.12 51.08
C ALA E 163 3.16 22.94 52.34
N GLN E 164 2.49 22.88 53.50
CA GLN E 164 3.19 22.77 54.77
C GLN E 164 4.04 21.50 54.82
N VAL E 165 5.03 21.52 55.73
CA VAL E 165 5.96 20.39 55.84
C VAL E 165 5.21 19.11 56.18
N GLU E 166 4.11 19.24 56.94
CA GLU E 166 3.28 18.08 57.23
C GLU E 166 2.54 17.59 55.99
N ASP E 167 2.26 18.49 55.04
CA ASP E 167 1.58 18.08 53.81
C ASP E 167 2.44 17.11 53.01
N GLY E 168 3.70 17.48 52.77
CA GLY E 168 4.60 16.58 52.06
C GLY E 168 4.80 15.26 52.76
N ARG E 169 4.76 15.27 54.10
CA ARG E 169 4.87 14.02 54.86
C ARG E 169 3.62 13.17 54.66
N LEU E 170 2.44 13.76 54.86
CA LEU E 170 1.17 13.05 54.64
C LEU E 170 1.13 12.44 53.25
N MET E 171 1.60 13.20 52.26
CA MET E 171 1.58 12.72 50.88
C MET E 171 2.48 11.50 50.72
N GLU E 172 3.71 11.58 51.23
CA GLU E 172 4.65 10.46 51.07
C GLU E 172 4.15 9.23 51.81
N GLN E 173 3.63 9.40 53.03
CA GLN E 173 3.13 8.25 53.78
C GLN E 173 1.98 7.57 53.05
N LEU E 174 1.07 8.34 52.47
CA LEU E 174 -0.11 7.78 51.83
C LEU E 174 0.26 7.07 50.53
N LEU E 175 1.16 7.65 49.75
CA LEU E 175 1.48 7.11 48.45
C LEU E 175 2.56 6.04 48.49
N SER E 176 3.43 6.05 49.51
CA SER E 176 4.36 4.93 49.62
C SER E 176 3.68 3.64 50.08
N SER E 177 2.39 3.68 50.41
CA SER E 177 1.64 2.48 50.72
C SER E 177 1.25 1.70 49.48
N VAL E 178 1.31 2.32 48.31
CA VAL E 178 0.94 1.68 47.06
C VAL E 178 2.15 1.52 46.13
N GLY E 179 3.35 1.59 46.67
CA GLY E 179 4.58 1.37 45.93
C GLY E 179 5.66 2.31 46.40
N PHE E 180 6.68 2.47 45.55
CA PHE E 180 7.76 3.39 45.87
C PHE E 180 7.30 4.84 45.74
N CYS E 181 7.69 5.68 46.69
CA CYS E 181 7.38 7.10 46.65
C CYS E 181 8.53 7.88 47.24
N THR E 182 8.82 9.05 46.66
CA THR E 182 9.85 9.97 47.14
C THR E 182 9.53 11.36 46.62
N GLU E 183 10.12 12.36 47.27
CA GLU E 183 10.02 13.74 46.82
C GLU E 183 11.16 14.08 45.87
N VAL E 184 10.86 14.94 44.89
CA VAL E 184 11.83 15.40 43.91
C VAL E 184 11.53 16.87 43.65
N GLU E 185 12.55 17.59 43.16
CA GLU E 185 12.31 18.94 42.66
C GLU E 185 11.36 18.88 41.47
N GLU E 186 10.49 19.88 41.34
CA GLU E 186 9.46 19.83 40.32
C GLU E 186 10.06 19.76 38.91
N ASP E 187 11.23 20.35 38.70
CA ASP E 187 11.78 20.37 37.35
C ASP E 187 12.29 19.00 36.89
N LEU E 188 12.12 17.95 37.69
CA LEU E 188 12.45 16.59 37.28
C LEU E 188 11.24 15.80 36.81
N ILE E 189 10.02 16.29 37.06
CA ILE E 189 8.85 15.44 36.93
C ILE E 189 8.58 15.10 35.47
N ASP E 190 8.91 16.00 34.54
CA ASP E 190 8.75 15.66 33.13
C ASP E 190 9.63 14.48 32.73
N ALA E 191 10.88 14.46 33.23
CA ALA E 191 11.78 13.36 32.94
C ALA E 191 11.31 12.08 33.62
N VAL E 192 10.81 12.19 34.85
CA VAL E 192 10.25 11.03 35.53
C VAL E 192 9.08 10.46 34.73
N THR E 193 8.28 11.33 34.12
CA THR E 193 7.19 10.88 33.29
C THR E 193 7.70 9.97 32.16
N GLY E 194 8.78 10.38 31.50
CA GLY E 194 9.34 9.58 30.43
C GLY E 194 9.92 8.26 30.89
N LEU E 195 10.30 8.16 32.17
CA LEU E 195 10.93 6.94 32.65
C LEU E 195 9.89 6.04 33.34
N SER E 196 9.45 6.41 34.53
CA SER E 196 8.51 5.56 35.24
C SER E 196 7.05 5.86 34.91
N GLY E 197 6.76 6.99 34.27
CA GLY E 197 5.38 7.31 33.94
C GLY E 197 4.87 6.49 32.77
N SER E 198 5.65 6.44 31.68
CA SER E 198 5.40 5.62 30.50
C SER E 198 6.04 4.23 30.58
N GLY E 199 6.84 3.96 31.63
CA GLY E 199 7.60 2.74 31.74
C GLY E 199 6.81 1.45 31.64
N PRO E 200 5.71 1.32 32.40
CA PRO E 200 4.89 0.10 32.27
C PRO E 200 4.48 -0.19 30.84
N ALA E 201 4.15 0.84 30.05
CA ALA E 201 3.82 0.61 28.65
C ALA E 201 5.00 0.04 27.89
N TYR E 202 6.21 0.54 28.16
CA TYR E 202 7.41 -0.07 27.57
C TYR E 202 7.53 -1.52 27.98
N ALA E 203 7.33 -1.79 29.27
CA ALA E 203 7.41 -3.17 29.77
C ALA E 203 6.34 -4.06 29.16
N PHE E 204 5.11 -3.54 29.01
CA PHE E 204 4.05 -4.33 28.38
C PHE E 204 4.46 -4.78 26.98
N THR E 205 5.03 -3.85 26.20
CA THR E 205 5.53 -4.19 24.87
C THR E 205 6.66 -5.21 24.95
N ALA E 206 7.61 -5.00 25.87
CA ALA E 206 8.68 -5.96 26.05
C ALA E 206 8.13 -7.35 26.35
N LEU E 207 7.13 -7.44 27.23
CA LEU E 207 6.58 -8.73 27.63
C LEU E 207 5.83 -9.39 26.49
N ASP E 208 5.05 -8.62 25.73
CA ASP E 208 4.36 -9.15 24.56
C ASP E 208 5.35 -9.77 23.59
N ALA E 209 6.42 -9.03 23.26
CA ALA E 209 7.42 -9.52 22.31
C ALA E 209 8.18 -10.74 22.85
N LEU E 210 8.56 -10.70 24.13
CA LEU E 210 9.26 -11.85 24.71
C LEU E 210 8.42 -13.11 24.61
N ALA E 211 7.11 -12.99 24.86
CA ALA E 211 6.25 -14.16 24.72
C ALA E 211 6.17 -14.61 23.27
N ASP E 212 6.05 -13.65 22.34
CA ASP E 212 6.17 -14.00 20.91
C ASP E 212 7.45 -14.79 20.65
N GLY E 213 8.56 -14.40 21.27
CA GLY E 213 9.80 -15.14 21.09
C GLY E 213 9.71 -16.57 21.63
N GLY E 214 9.17 -16.71 22.84
CA GLY E 214 8.95 -18.03 23.39
C GLY E 214 8.03 -18.88 22.51
N VAL E 215 6.97 -18.25 21.97
CA VAL E 215 6.07 -19.00 21.11
C VAL E 215 6.78 -19.41 19.83
N LYS E 216 7.64 -18.54 19.29
CA LYS E 216 8.35 -18.90 18.06
C LYS E 216 9.21 -20.13 18.27
N MET E 217 9.84 -20.25 19.44
CA MET E 217 10.68 -21.39 19.76
C MET E 217 9.88 -22.58 20.33
N GLY E 218 8.54 -22.60 20.20
CA GLY E 218 7.74 -23.75 20.56
C GLY E 218 7.03 -23.71 21.90
N LEU E 219 6.98 -22.54 22.58
CA LEU E 219 6.27 -22.60 23.86
C LEU E 219 4.81 -22.17 23.69
N PRO E 220 3.90 -22.69 24.51
CA PRO E 220 2.52 -22.17 24.50
C PRO E 220 2.48 -20.73 24.96
N ARG E 221 1.57 -19.96 24.34
CA ARG E 221 1.47 -18.55 24.65
CA ARG E 221 1.43 -18.55 24.66
C ARG E 221 1.28 -18.31 26.16
N ARG E 222 0.39 -19.06 26.81
CA ARG E 222 0.14 -18.86 28.23
C ARG E 222 1.43 -19.02 29.03
N LEU E 223 2.17 -20.11 28.80
CA LEU E 223 3.45 -20.31 29.51
C LEU E 223 4.45 -19.20 29.18
N ALA E 224 4.49 -18.77 27.93
CA ALA E 224 5.50 -17.78 27.53
C ALA E 224 5.24 -16.43 28.17
N VAL E 225 3.97 -16.00 28.21
CA VAL E 225 3.61 -14.80 28.95
C VAL E 225 3.97 -14.94 30.43
N ARG E 226 3.65 -16.10 31.02
CA ARG E 226 3.88 -16.28 32.45
C ARG E 226 5.37 -16.22 32.78
N LEU E 227 6.20 -16.91 32.01
CA LEU E 227 7.64 -16.92 32.27
C LEU E 227 8.25 -15.56 31.98
N GLY E 228 7.83 -14.90 30.91
CA GLY E 228 8.33 -13.59 30.58
C GLY E 228 8.15 -12.62 31.73
N ALA E 229 6.91 -12.42 32.15
CA ALA E 229 6.62 -11.48 33.23
C ALA E 229 7.36 -11.87 34.50
N GLN E 230 7.42 -13.17 34.81
CA GLN E 230 8.11 -13.60 36.02
C GLN E 230 9.60 -13.27 35.95
N ALA E 231 10.21 -13.43 34.78
CA ALA E 231 11.63 -13.11 34.67
C ALA E 231 11.89 -11.62 34.83
N LEU E 232 11.01 -10.78 34.28
CA LEU E 232 11.17 -9.34 34.42
C LEU E 232 10.93 -8.90 35.87
N LEU E 233 9.86 -9.40 36.49
CA LEU E 233 9.56 -9.07 37.88
C LEU E 233 10.69 -9.51 38.80
N GLY E 234 11.23 -10.71 38.57
CA GLY E 234 12.30 -11.18 39.42
C GLY E 234 13.58 -10.40 39.22
N ALA E 235 13.85 -9.97 37.98
CA ALA E 235 15.06 -9.20 37.74
C ALA E 235 14.95 -7.81 38.37
N ALA E 236 13.81 -7.15 38.22
CA ALA E 236 13.62 -5.83 38.80
C ALA E 236 13.71 -5.89 40.32
N LYS E 237 13.10 -6.91 40.92
CA LYS E 237 13.21 -7.10 42.37
C LYS E 237 14.66 -7.36 42.78
N MET E 238 15.33 -8.27 42.07
CA MET E 238 16.71 -8.59 42.39
C MET E 238 17.57 -7.34 42.40
N LEU E 239 17.50 -6.54 41.34
CA LEU E 239 18.29 -5.32 41.26
C LEU E 239 18.00 -4.40 42.44
N LEU E 240 16.72 -4.19 42.76
CA LEU E 240 16.37 -3.28 43.84
C LEU E 240 16.94 -3.74 45.17
N HIS E 241 17.03 -5.04 45.40
CA HIS E 241 17.59 -5.57 46.64
C HIS E 241 19.10 -5.82 46.55
N SER E 242 19.72 -5.51 45.43
CA SER E 242 21.15 -5.68 45.23
C SER E 242 21.87 -4.34 45.39
N GLU E 243 23.15 -4.41 45.77
CA GLU E 243 23.98 -3.22 45.81
C GLU E 243 24.91 -3.12 44.61
N GLN E 244 24.89 -4.11 43.71
CA GLN E 244 25.77 -4.13 42.56
C GLN E 244 25.13 -3.44 41.36
N HIS E 245 25.97 -3.05 40.42
CA HIS E 245 25.50 -2.34 39.23
C HIS E 245 24.81 -3.32 38.29
N PRO E 246 23.72 -2.90 37.61
CA PRO E 246 23.03 -3.83 36.68
C PRO E 246 23.97 -4.53 35.70
N GLY E 247 25.00 -3.82 35.22
CA GLY E 247 25.99 -4.47 34.37
C GLY E 247 26.65 -5.63 35.08
N GLN E 248 26.97 -5.45 36.37
CA GLN E 248 27.57 -6.51 37.15
C GLN E 248 26.62 -7.68 37.32
N LEU E 249 25.34 -7.40 37.57
CA LEU E 249 24.37 -8.49 37.64
C LEU E 249 24.28 -9.22 36.31
N LYS E 250 24.25 -8.47 35.20
CA LYS E 250 24.29 -9.10 33.88
C LYS E 250 25.53 -9.98 33.74
N ASP E 251 26.71 -9.44 34.05
CA ASP E 251 27.95 -10.22 33.94
C ASP E 251 27.91 -11.47 34.83
N ASN E 252 27.24 -11.40 35.98
CA ASN E 252 27.18 -12.56 36.87
C ASN E 252 26.46 -13.75 36.24
N VAL E 253 25.45 -13.51 35.40
CA VAL E 253 24.59 -14.58 34.89
C VAL E 253 24.91 -14.96 33.45
N SER E 254 25.97 -14.42 32.87
CA SER E 254 26.39 -14.74 31.50
C SER E 254 27.56 -15.72 31.55
N SER E 255 27.27 -17.00 31.33
CA SER E 255 28.33 -18.00 31.24
C SER E 255 29.19 -17.77 30.00
N PRO E 256 30.51 -17.92 30.11
CA PRO E 256 31.37 -17.76 28.95
C PRO E 256 30.93 -18.65 27.79
N GLY E 257 30.84 -18.06 26.60
CA GLY E 257 30.41 -18.78 25.43
C GLY E 257 28.97 -19.26 25.45
N GLY E 258 28.18 -18.84 26.44
CA GLY E 258 26.90 -19.46 26.70
C GLY E 258 25.73 -18.86 25.92
N ALA E 259 24.53 -19.28 26.34
CA ALA E 259 23.31 -18.92 25.62
C ALA E 259 22.96 -17.46 25.84
N THR E 260 23.09 -17.00 27.09
CA THR E 260 22.75 -15.63 27.43
C THR E 260 23.61 -14.62 26.68
N ILE E 261 24.95 -14.82 26.70
CA ILE E 261 25.83 -13.86 26.06
C ILE E 261 25.59 -13.82 24.55
N HIS E 262 25.24 -14.97 23.94
CA HIS E 262 24.85 -14.95 22.54
C HIS E 262 23.61 -14.10 22.30
N ALA E 263 22.62 -14.21 23.19
CA ALA E 263 21.42 -13.41 23.00
C ALA E 263 21.67 -11.93 23.29
N LEU E 264 22.52 -11.63 24.28
CA LEU E 264 22.89 -10.23 24.54
C LEU E 264 23.51 -9.59 23.30
N HIS E 265 24.36 -10.32 22.59
CA HIS E 265 24.95 -9.77 21.38
C HIS E 265 23.88 -9.33 20.38
N VAL E 266 22.85 -10.16 20.16
CA VAL E 266 21.90 -9.77 19.13
C VAL E 266 21.05 -8.59 19.59
N LEU E 267 20.80 -8.45 20.89
CA LEU E 267 20.21 -7.21 21.40
C LEU E 267 21.14 -6.01 21.14
N GLU E 268 22.44 -6.15 21.42
CA GLU E 268 23.39 -5.09 21.12
C GLU E 268 23.40 -4.73 19.63
N SER E 269 23.33 -5.74 18.75
CA SER E 269 23.47 -5.49 17.31
C SER E 269 22.34 -4.64 16.77
N GLY E 270 21.14 -4.74 17.34
CA GLY E 270 20.02 -3.92 16.99
C GLY E 270 19.90 -2.62 17.78
N GLY E 271 20.91 -2.25 18.57
CA GLY E 271 20.88 -1.00 19.32
C GLY E 271 19.80 -0.94 20.37
N PHE E 272 19.48 -2.09 20.96
CA PHE E 272 18.45 -2.22 21.99
C PHE E 272 18.54 -1.16 23.06
N ARG E 273 19.75 -0.92 23.58
CA ARG E 273 19.93 0.10 24.61
C ARG E 273 19.47 1.46 24.14
N SER E 274 19.80 1.84 22.90
CA SER E 274 19.44 3.19 22.45
C SER E 274 17.96 3.31 22.15
N LEU E 275 17.26 2.19 21.93
CA LEU E 275 15.82 2.31 21.74
C LEU E 275 15.16 2.80 23.03
N LEU E 276 15.56 2.22 24.17
CA LEU E 276 14.97 2.63 25.44
C LEU E 276 15.38 4.05 25.80
N ILE E 277 16.61 4.44 25.47
CA ILE E 277 17.01 5.83 25.66
C ILE E 277 16.12 6.74 24.82
N ASN E 278 15.93 6.38 23.53
CA ASN E 278 15.01 7.11 22.65
C ASN E 278 13.63 7.26 23.30
N ALA E 279 13.10 6.15 23.83
CA ALA E 279 11.74 6.18 24.38
C ALA E 279 11.62 7.13 25.56
N VAL E 280 12.56 7.04 26.53
CA VAL E 280 12.55 7.97 27.67
C VAL E 280 12.63 9.40 27.16
N GLU E 281 13.58 9.66 26.25
CA GLU E 281 13.74 10.98 25.68
C GLU E 281 12.43 11.45 25.03
N ALA E 282 11.91 10.67 24.08
CA ALA E 282 10.72 11.04 23.32
C ALA E 282 9.54 11.36 24.23
N SER E 283 9.32 10.54 25.27
CA SER E 283 8.20 10.79 26.16
C SER E 283 8.41 12.07 26.98
N CYS E 284 9.61 12.28 27.51
CA CYS E 284 9.89 13.50 28.26
C CYS E 284 9.66 14.73 27.40
N ILE E 285 10.19 14.71 26.18
CA ILE E 285 10.05 15.85 25.27
C ILE E 285 8.60 16.09 24.88
N ARG E 286 7.84 15.02 24.66
CA ARG E 286 6.42 15.19 24.38
C ARG E 286 5.70 15.81 25.59
N THR E 287 6.03 15.34 26.80
CA THR E 287 5.43 15.90 27.99
C THR E 287 5.69 17.39 28.10
N ARG E 288 6.92 17.83 27.78
CA ARG E 288 7.22 19.26 27.82
C ARG E 288 6.45 20.02 26.75
N GLU E 289 6.29 19.42 25.57
CA GLU E 289 5.56 20.06 24.48
C GLU E 289 4.11 20.28 24.84
N LEU E 290 3.51 19.33 25.55
CA LEU E 290 2.09 19.45 25.90
C LEU E 290 1.89 20.56 26.92
N GLN E 291 2.76 20.60 27.94
CA GLN E 291 2.71 21.70 28.91
C GLN E 291 2.78 23.04 28.21
N SER E 292 3.59 23.15 27.17
CA SER E 292 3.72 24.40 26.42
C SER E 292 2.54 24.61 25.49
N MET E 293 1.33 24.42 26.00
CA MET E 293 0.10 24.64 25.25
C MET E 293 -0.98 25.16 26.19
#